data_8G8K
# 
_entry.id   8G8K 
# 
_audit_conform.dict_name       mmcif_pdbx.dic 
_audit_conform.dict_version    5.392 
_audit_conform.dict_location   http://mmcif.pdb.org/dictionaries/ascii/mmcif_pdbx.dic 
# 
loop_
_database_2.database_id 
_database_2.database_code 
_database_2.pdbx_database_accession 
_database_2.pdbx_DOI 
PDB   8G8K         pdb_00008g8k 10.2210/pdb8g8k/pdb 
WWPDB D_1000271546 ?            ?                   
# 
loop_
_pdbx_audit_revision_history.ordinal 
_pdbx_audit_revision_history.data_content_type 
_pdbx_audit_revision_history.major_revision 
_pdbx_audit_revision_history.minor_revision 
_pdbx_audit_revision_history.revision_date 
1 'Structure model' 1 0 2023-06-07 
2 'Structure model' 1 1 2023-07-26 
3 'Structure model' 1 2 2024-05-22 
# 
_pdbx_audit_revision_details.ordinal             1 
_pdbx_audit_revision_details.revision_ordinal    1 
_pdbx_audit_revision_details.data_content_type   'Structure model' 
_pdbx_audit_revision_details.provider            repository 
_pdbx_audit_revision_details.type                'Initial release' 
_pdbx_audit_revision_details.description         ? 
_pdbx_audit_revision_details.details             ? 
# 
loop_
_pdbx_audit_revision_group.ordinal 
_pdbx_audit_revision_group.revision_ordinal 
_pdbx_audit_revision_group.data_content_type 
_pdbx_audit_revision_group.group 
1 2 'Structure model' 'Database references' 
2 3 'Structure model' 'Data collection'     
# 
loop_
_pdbx_audit_revision_category.ordinal 
_pdbx_audit_revision_category.revision_ordinal 
_pdbx_audit_revision_category.data_content_type 
_pdbx_audit_revision_category.category 
1 2 'Structure model' citation        
2 2 'Structure model' citation_author 
3 3 'Structure model' chem_comp_atom  
4 3 'Structure model' chem_comp_bond  
# 
loop_
_pdbx_audit_revision_item.ordinal 
_pdbx_audit_revision_item.revision_ordinal 
_pdbx_audit_revision_item.data_content_type 
_pdbx_audit_revision_item.item 
1 2 'Structure model' '_citation.journal_volume'          
2 2 'Structure model' '_citation_author.identifier_ORCID' 
# 
_pdbx_database_status.status_code                     REL 
_pdbx_database_status.status_code_sf                  REL 
_pdbx_database_status.status_code_mr                  ? 
_pdbx_database_status.entry_id                        8G8K 
_pdbx_database_status.recvd_initial_deposition_date   2023-02-18 
_pdbx_database_status.SG_entry                        N 
_pdbx_database_status.deposit_site                    RCSB 
_pdbx_database_status.process_site                    RCSB 
_pdbx_database_status.status_code_cs                  ? 
_pdbx_database_status.status_code_nmr_data            ? 
_pdbx_database_status.methods_development_category    ? 
_pdbx_database_status.pdb_format_compatible           Y 
# 
_pdbx_contact_author.id                 2 
_pdbx_contact_author.email              g.bashiri@auckland.ac.nz 
_pdbx_contact_author.name_first         Ghader 
_pdbx_contact_author.name_last          Bashiri 
_pdbx_contact_author.name_mi            ? 
_pdbx_contact_author.role               'principal investigator/group leader' 
_pdbx_contact_author.identifier_ORCID   0000-0002-5092-3749 
# 
loop_
_audit_author.name 
_audit_author.pdbx_ordinal 
_audit_author.identifier_ORCID 
'Kwai, B.X.C.'  1 ?                   
'Bashiri, G.'   2 0000-0002-5092-3749 
'Leung, I.K.H.' 3 0000-0003-0633-6771 
# 
_citation.abstract                  ? 
_citation.abstract_id_CAS           ? 
_citation.book_id_ISBN              ? 
_citation.book_publisher            ? 
_citation.book_publisher_city       ? 
_citation.book_title                ? 
_citation.coordinate_linkage        ? 
_citation.country                   GE 
_citation.database_id_Medline       ? 
_citation.details                   ? 
_citation.id                        primary 
_citation.journal_abbrev            Chembiochem 
_citation.journal_id_ASTM           ? 
_citation.journal_id_CSD            ? 
_citation.journal_id_ISSN           1439-7633 
_citation.journal_full              ? 
_citation.journal_issue             ? 
_citation.journal_volume            24 
_citation.language                  ? 
_citation.page_first                e202300162 
_citation.page_last                 e202300162 
_citation.title                     'Mycobacterium tuberculosis Rv1916 is an Acetyl-CoA-Binding Protein.' 
_citation.year                      2023 
_citation.database_id_CSD           ? 
_citation.pdbx_database_id_DOI      10.1002/cbic.202300162 
_citation.pdbx_database_id_PubMed   37211532 
_citation.pdbx_database_id_patent   ? 
_citation.unpublished_flag          ? 
# 
loop_
_citation_author.citation_id 
_citation_author.name 
_citation_author.ordinal 
_citation_author.identifier_ORCID 
primary 'Huang, E.Y.'   1 0000-0002-3071-9759 
primary 'Kwai, B.X.C.'  2 0000-0001-6378-9633 
primary 'Bhusal, R.P.'  3 0000-0002-2997-3995 
primary 'Bashiri, G.'   4 0000-0002-5092-3749 
primary 'Leung, I.K.H.' 5 0000-0003-0633-6771 
# 
loop_
_entity.id 
_entity.type 
_entity.src_method 
_entity.pdbx_description 
_entity.formula_weight 
_entity.pdbx_number_of_molecules 
_entity.pdbx_ec 
_entity.pdbx_mutation 
_entity.pdbx_fragment 
_entity.details 
1 polymer     man 'Putative isocitrate lyase subunit B' 18850.781 1  4.1.3.1 ? ? ? 
2 non-polymer syn 1,2-ETHANEDIOL                        62.068    5  ?       ? ? ? 
3 non-polymer syn 'DI(HYDROXYETHYL)ETHER'               106.120   1  ?       ? ? ? 
4 water       nat water                                 18.015    89 ?       ? ? ? 
# 
_entity_name_com.entity_id   1 
_entity_name_com.name        ICL,Isocitrase,Isocitratase 
# 
_entity_poly.entity_id                      1 
_entity_poly.type                           'polypeptide(L)' 
_entity_poly.nstd_linkage                   no 
_entity_poly.nstd_monomer                   no 
_entity_poly.pdbx_seq_one_letter_code       
;EVPRKLLEEWLAMWSGHYQLKDKLRVQLRPQRAGSEVLELGIHGESDDKLANVIFQPIQDRRGRTILLVRDQNTFGAELR
QKRLMTLIHLWLVHRFKAQAVHYVTPTDDNLYQTSKMKSHGIFTEVNQEVGEIIVAEVNHPRIAELLTPDRVALRKLITK
EA
;
_entity_poly.pdbx_seq_one_letter_code_can   
;EVPRKLLEEWLAMWSGHYQLKDKLRVQLRPQRAGSEVLELGIHGESDDKLANVIFQPIQDRRGRTILLVRDQNTFGAELR
QKRLMTLIHLWLVHRFKAQAVHYVTPTDDNLYQTSKMKSHGIFTEVNQEVGEIIVAEVNHPRIAELLTPDRVALRKLITK
EA
;
_entity_poly.pdbx_strand_id                 A 
_entity_poly.pdbx_target_identifier         ? 
# 
loop_
_pdbx_entity_nonpoly.entity_id 
_pdbx_entity_nonpoly.name 
_pdbx_entity_nonpoly.comp_id 
2 1,2-ETHANEDIOL          EDO 
3 'DI(HYDROXYETHYL)ETHER' PEG 
4 water                   HOH 
# 
loop_
_entity_poly_seq.entity_id 
_entity_poly_seq.num 
_entity_poly_seq.mon_id 
_entity_poly_seq.hetero 
1 1   GLU n 
1 2   VAL n 
1 3   PRO n 
1 4   ARG n 
1 5   LYS n 
1 6   LEU n 
1 7   LEU n 
1 8   GLU n 
1 9   GLU n 
1 10  TRP n 
1 11  LEU n 
1 12  ALA n 
1 13  MET n 
1 14  TRP n 
1 15  SER n 
1 16  GLY n 
1 17  HIS n 
1 18  TYR n 
1 19  GLN n 
1 20  LEU n 
1 21  LYS n 
1 22  ASP n 
1 23  LYS n 
1 24  LEU n 
1 25  ARG n 
1 26  VAL n 
1 27  GLN n 
1 28  LEU n 
1 29  ARG n 
1 30  PRO n 
1 31  GLN n 
1 32  ARG n 
1 33  ALA n 
1 34  GLY n 
1 35  SER n 
1 36  GLU n 
1 37  VAL n 
1 38  LEU n 
1 39  GLU n 
1 40  LEU n 
1 41  GLY n 
1 42  ILE n 
1 43  HIS n 
1 44  GLY n 
1 45  GLU n 
1 46  SER n 
1 47  ASP n 
1 48  ASP n 
1 49  LYS n 
1 50  LEU n 
1 51  ALA n 
1 52  ASN n 
1 53  VAL n 
1 54  ILE n 
1 55  PHE n 
1 56  GLN n 
1 57  PRO n 
1 58  ILE n 
1 59  GLN n 
1 60  ASP n 
1 61  ARG n 
1 62  ARG n 
1 63  GLY n 
1 64  ARG n 
1 65  THR n 
1 66  ILE n 
1 67  LEU n 
1 68  LEU n 
1 69  VAL n 
1 70  ARG n 
1 71  ASP n 
1 72  GLN n 
1 73  ASN n 
1 74  THR n 
1 75  PHE n 
1 76  GLY n 
1 77  ALA n 
1 78  GLU n 
1 79  LEU n 
1 80  ARG n 
1 81  GLN n 
1 82  LYS n 
1 83  ARG n 
1 84  LEU n 
1 85  MET n 
1 86  THR n 
1 87  LEU n 
1 88  ILE n 
1 89  HIS n 
1 90  LEU n 
1 91  TRP n 
1 92  LEU n 
1 93  VAL n 
1 94  HIS n 
1 95  ARG n 
1 96  PHE n 
1 97  LYS n 
1 98  ALA n 
1 99  GLN n 
1 100 ALA n 
1 101 VAL n 
1 102 HIS n 
1 103 TYR n 
1 104 VAL n 
1 105 THR n 
1 106 PRO n 
1 107 THR n 
1 108 ASP n 
1 109 ASP n 
1 110 ASN n 
1 111 LEU n 
1 112 TYR n 
1 113 GLN n 
1 114 THR n 
1 115 SER n 
1 116 LYS n 
1 117 MET n 
1 118 LYS n 
1 119 SER n 
1 120 HIS n 
1 121 GLY n 
1 122 ILE n 
1 123 PHE n 
1 124 THR n 
1 125 GLU n 
1 126 VAL n 
1 127 ASN n 
1 128 GLN n 
1 129 GLU n 
1 130 VAL n 
1 131 GLY n 
1 132 GLU n 
1 133 ILE n 
1 134 ILE n 
1 135 VAL n 
1 136 ALA n 
1 137 GLU n 
1 138 VAL n 
1 139 ASN n 
1 140 HIS n 
1 141 PRO n 
1 142 ARG n 
1 143 ILE n 
1 144 ALA n 
1 145 GLU n 
1 146 LEU n 
1 147 LEU n 
1 148 THR n 
1 149 PRO n 
1 150 ASP n 
1 151 ARG n 
1 152 VAL n 
1 153 ALA n 
1 154 LEU n 
1 155 ARG n 
1 156 LYS n 
1 157 LEU n 
1 158 ILE n 
1 159 THR n 
1 160 LYS n 
1 161 GLU n 
1 162 ALA n 
# 
_entity_src_gen.entity_id                          1 
_entity_src_gen.pdbx_src_id                        1 
_entity_src_gen.pdbx_alt_source_flag               sample 
_entity_src_gen.pdbx_seq_type                      'Biological sequence' 
_entity_src_gen.pdbx_beg_seq_num                   1 
_entity_src_gen.pdbx_end_seq_num                   162 
_entity_src_gen.gene_src_common_name               ? 
_entity_src_gen.gene_src_genus                     ? 
_entity_src_gen.pdbx_gene_src_gene                 'aceAb, Rv1916, RVBD_1916, LH57_10435, P425_01981' 
_entity_src_gen.gene_src_species                   ? 
_entity_src_gen.gene_src_strain                    ? 
_entity_src_gen.gene_src_tissue                    ? 
_entity_src_gen.gene_src_tissue_fraction           ? 
_entity_src_gen.gene_src_details                   ? 
_entity_src_gen.pdbx_gene_src_fragment             ? 
_entity_src_gen.pdbx_gene_src_scientific_name      'Mycobacterium tuberculosis H37Rv' 
_entity_src_gen.pdbx_gene_src_ncbi_taxonomy_id     83332 
_entity_src_gen.pdbx_gene_src_variant              ? 
_entity_src_gen.pdbx_gene_src_cell_line            ? 
_entity_src_gen.pdbx_gene_src_atcc                 ? 
_entity_src_gen.pdbx_gene_src_organ                ? 
_entity_src_gen.pdbx_gene_src_organelle            ? 
_entity_src_gen.pdbx_gene_src_cell                 ? 
_entity_src_gen.pdbx_gene_src_cellular_location    ? 
_entity_src_gen.host_org_common_name               ? 
_entity_src_gen.pdbx_host_org_scientific_name      'Escherichia coli' 
_entity_src_gen.pdbx_host_org_ncbi_taxonomy_id     562 
_entity_src_gen.host_org_genus                     ? 
_entity_src_gen.pdbx_host_org_gene                 ? 
_entity_src_gen.pdbx_host_org_organ                ? 
_entity_src_gen.host_org_species                   ? 
_entity_src_gen.pdbx_host_org_tissue               ? 
_entity_src_gen.pdbx_host_org_tissue_fraction      ? 
_entity_src_gen.pdbx_host_org_strain               ? 
_entity_src_gen.pdbx_host_org_variant              ? 
_entity_src_gen.pdbx_host_org_cell_line            ? 
_entity_src_gen.pdbx_host_org_atcc                 ? 
_entity_src_gen.pdbx_host_org_culture_collection   ? 
_entity_src_gen.pdbx_host_org_cell                 ? 
_entity_src_gen.pdbx_host_org_organelle            ? 
_entity_src_gen.pdbx_host_org_cellular_location    ? 
_entity_src_gen.pdbx_host_org_vector_type          ? 
_entity_src_gen.pdbx_host_org_vector               ? 
_entity_src_gen.host_org_details                   ? 
_entity_src_gen.expression_system_id               ? 
_entity_src_gen.plasmid_name                       ? 
_entity_src_gen.plasmid_details                    ? 
_entity_src_gen.pdbx_description                   ? 
# 
loop_
_chem_comp.id 
_chem_comp.type 
_chem_comp.mon_nstd_flag 
_chem_comp.name 
_chem_comp.pdbx_synonyms 
_chem_comp.formula 
_chem_comp.formula_weight 
ALA 'L-peptide linking' y ALANINE                 ?                 'C3 H7 N O2'     89.093  
ARG 'L-peptide linking' y ARGININE                ?                 'C6 H15 N4 O2 1' 175.209 
ASN 'L-peptide linking' y ASPARAGINE              ?                 'C4 H8 N2 O3'    132.118 
ASP 'L-peptide linking' y 'ASPARTIC ACID'         ?                 'C4 H7 N O4'     133.103 
EDO non-polymer         . 1,2-ETHANEDIOL          'ETHYLENE GLYCOL' 'C2 H6 O2'       62.068  
GLN 'L-peptide linking' y GLUTAMINE               ?                 'C5 H10 N2 O3'   146.144 
GLU 'L-peptide linking' y 'GLUTAMIC ACID'         ?                 'C5 H9 N O4'     147.129 
GLY 'peptide linking'   y GLYCINE                 ?                 'C2 H5 N O2'     75.067  
HIS 'L-peptide linking' y HISTIDINE               ?                 'C6 H10 N3 O2 1' 156.162 
HOH non-polymer         . WATER                   ?                 'H2 O'           18.015  
ILE 'L-peptide linking' y ISOLEUCINE              ?                 'C6 H13 N O2'    131.173 
LEU 'L-peptide linking' y LEUCINE                 ?                 'C6 H13 N O2'    131.173 
LYS 'L-peptide linking' y LYSINE                  ?                 'C6 H15 N2 O2 1' 147.195 
MET 'L-peptide linking' y METHIONINE              ?                 'C5 H11 N O2 S'  149.211 
PEG non-polymer         . 'DI(HYDROXYETHYL)ETHER' ?                 'C4 H10 O3'      106.120 
PHE 'L-peptide linking' y PHENYLALANINE           ?                 'C9 H11 N O2'    165.189 
PRO 'L-peptide linking' y PROLINE                 ?                 'C5 H9 N O2'     115.130 
SER 'L-peptide linking' y SERINE                  ?                 'C3 H7 N O3'     105.093 
THR 'L-peptide linking' y THREONINE               ?                 'C4 H9 N O3'     119.119 
TRP 'L-peptide linking' y TRYPTOPHAN              ?                 'C11 H12 N2 O2'  204.225 
TYR 'L-peptide linking' y TYROSINE                ?                 'C9 H11 N O3'    181.189 
VAL 'L-peptide linking' y VALINE                  ?                 'C5 H11 N O2'    117.146 
# 
loop_
_pdbx_poly_seq_scheme.asym_id 
_pdbx_poly_seq_scheme.entity_id 
_pdbx_poly_seq_scheme.seq_id 
_pdbx_poly_seq_scheme.mon_id 
_pdbx_poly_seq_scheme.ndb_seq_num 
_pdbx_poly_seq_scheme.pdb_seq_num 
_pdbx_poly_seq_scheme.auth_seq_num 
_pdbx_poly_seq_scheme.pdb_mon_id 
_pdbx_poly_seq_scheme.auth_mon_id 
_pdbx_poly_seq_scheme.pdb_strand_id 
_pdbx_poly_seq_scheme.pdb_ins_code 
_pdbx_poly_seq_scheme.hetero 
A 1 1   GLU 1   5   5   GLU GLU A . n 
A 1 2   VAL 2   6   6   VAL VAL A . n 
A 1 3   PRO 3   7   7   PRO PRO A . n 
A 1 4   ARG 4   8   8   ARG ARG A . n 
A 1 5   LYS 5   9   9   LYS LYS A . n 
A 1 6   LEU 6   10  10  LEU LEU A . n 
A 1 7   LEU 7   11  11  LEU LEU A . n 
A 1 8   GLU 8   12  12  GLU GLU A . n 
A 1 9   GLU 9   13  13  GLU GLU A . n 
A 1 10  TRP 10  14  14  TRP TRP A . n 
A 1 11  LEU 11  15  15  LEU LEU A . n 
A 1 12  ALA 12  16  16  ALA ALA A . n 
A 1 13  MET 13  17  17  MET MET A . n 
A 1 14  TRP 14  18  18  TRP TRP A . n 
A 1 15  SER 15  19  19  SER SER A . n 
A 1 16  GLY 16  20  20  GLY GLY A . n 
A 1 17  HIS 17  21  21  HIS HIS A . n 
A 1 18  TYR 18  22  22  TYR TYR A . n 
A 1 19  GLN 19  23  23  GLN GLN A . n 
A 1 20  LEU 20  24  24  LEU LEU A . n 
A 1 21  LYS 21  25  25  LYS LYS A . n 
A 1 22  ASP 22  26  26  ASP ASP A . n 
A 1 23  LYS 23  27  27  LYS LYS A . n 
A 1 24  LEU 24  28  28  LEU LEU A . n 
A 1 25  ARG 25  29  29  ARG ARG A . n 
A 1 26  VAL 26  30  30  VAL VAL A . n 
A 1 27  GLN 27  31  31  GLN GLN A . n 
A 1 28  LEU 28  32  32  LEU LEU A . n 
A 1 29  ARG 29  33  33  ARG ARG A . n 
A 1 30  PRO 30  34  34  PRO PRO A . n 
A 1 31  GLN 31  35  35  GLN GLN A . n 
A 1 32  ARG 32  36  36  ARG ARG A . n 
A 1 33  ALA 33  37  37  ALA ALA A . n 
A 1 34  GLY 34  38  38  GLY GLY A . n 
A 1 35  SER 35  39  39  SER SER A . n 
A 1 36  GLU 36  40  40  GLU GLU A . n 
A 1 37  VAL 37  41  41  VAL VAL A . n 
A 1 38  LEU 38  42  42  LEU LEU A . n 
A 1 39  GLU 39  43  43  GLU GLU A . n 
A 1 40  LEU 40  44  44  LEU LEU A . n 
A 1 41  GLY 41  45  45  GLY GLY A . n 
A 1 42  ILE 42  46  46  ILE ILE A . n 
A 1 43  HIS 43  47  47  HIS HIS A . n 
A 1 44  GLY 44  48  48  GLY GLY A . n 
A 1 45  GLU 45  49  49  GLU GLU A . n 
A 1 46  SER 46  50  50  SER SER A . n 
A 1 47  ASP 47  51  51  ASP ASP A . n 
A 1 48  ASP 48  52  52  ASP ASP A . n 
A 1 49  LYS 49  53  53  LYS LYS A . n 
A 1 50  LEU 50  54  54  LEU LEU A . n 
A 1 51  ALA 51  55  55  ALA ALA A . n 
A 1 52  ASN 52  56  56  ASN ASN A . n 
A 1 53  VAL 53  57  57  VAL VAL A . n 
A 1 54  ILE 54  58  58  ILE ILE A . n 
A 1 55  PHE 55  59  59  PHE PHE A . n 
A 1 56  GLN 56  60  60  GLN GLN A . n 
A 1 57  PRO 57  61  61  PRO PRO A . n 
A 1 58  ILE 58  62  62  ILE ILE A . n 
A 1 59  GLN 59  63  63  GLN GLN A . n 
A 1 60  ASP 60  64  64  ASP ASP A . n 
A 1 61  ARG 61  65  65  ARG ARG A . n 
A 1 62  ARG 62  66  66  ARG ARG A . n 
A 1 63  GLY 63  67  67  GLY GLY A . n 
A 1 64  ARG 64  68  68  ARG ARG A . n 
A 1 65  THR 65  69  69  THR THR A . n 
A 1 66  ILE 66  70  70  ILE ILE A . n 
A 1 67  LEU 67  71  71  LEU LEU A . n 
A 1 68  LEU 68  72  72  LEU LEU A . n 
A 1 69  VAL 69  73  73  VAL VAL A . n 
A 1 70  ARG 70  74  74  ARG ARG A . n 
A 1 71  ASP 71  75  75  ASP ASP A . n 
A 1 72  GLN 72  76  76  GLN GLN A . n 
A 1 73  ASN 73  77  77  ASN ASN A . n 
A 1 74  THR 74  78  78  THR THR A . n 
A 1 75  PHE 75  79  79  PHE PHE A . n 
A 1 76  GLY 76  80  80  GLY GLY A . n 
A 1 77  ALA 77  81  81  ALA ALA A . n 
A 1 78  GLU 78  82  82  GLU GLU A . n 
A 1 79  LEU 79  83  83  LEU LEU A . n 
A 1 80  ARG 80  84  84  ARG ARG A . n 
A 1 81  GLN 81  85  85  GLN GLN A . n 
A 1 82  LYS 82  86  86  LYS LYS A . n 
A 1 83  ARG 83  87  87  ARG ARG A . n 
A 1 84  LEU 84  88  88  LEU LEU A . n 
A 1 85  MET 85  89  89  MET MET A . n 
A 1 86  THR 86  90  90  THR THR A . n 
A 1 87  LEU 87  91  91  LEU LEU A . n 
A 1 88  ILE 88  92  92  ILE ILE A . n 
A 1 89  HIS 89  93  93  HIS HIS A . n 
A 1 90  LEU 90  94  94  LEU LEU A . n 
A 1 91  TRP 91  95  95  TRP TRP A . n 
A 1 92  LEU 92  96  96  LEU LEU A . n 
A 1 93  VAL 93  97  97  VAL VAL A . n 
A 1 94  HIS 94  98  98  HIS HIS A . n 
A 1 95  ARG 95  99  99  ARG ARG A . n 
A 1 96  PHE 96  100 100 PHE PHE A . n 
A 1 97  LYS 97  101 101 LYS LYS A . n 
A 1 98  ALA 98  102 102 ALA ALA A . n 
A 1 99  GLN 99  103 103 GLN GLN A . n 
A 1 100 ALA 100 104 104 ALA ALA A . n 
A 1 101 VAL 101 105 105 VAL VAL A . n 
A 1 102 HIS 102 106 106 HIS HIS A . n 
A 1 103 TYR 103 107 107 TYR TYR A . n 
A 1 104 VAL 104 108 108 VAL VAL A . n 
A 1 105 THR 105 109 109 THR THR A . n 
A 1 106 PRO 106 110 110 PRO PRO A . n 
A 1 107 THR 107 111 111 THR THR A . n 
A 1 108 ASP 108 112 112 ASP ASP A . n 
A 1 109 ASP 109 113 113 ASP ASP A . n 
A 1 110 ASN 110 114 114 ASN ASN A . n 
A 1 111 LEU 111 115 115 LEU LEU A . n 
A 1 112 TYR 112 116 116 TYR TYR A . n 
A 1 113 GLN 113 117 117 GLN GLN A . n 
A 1 114 THR 114 118 118 THR THR A . n 
A 1 115 SER 115 119 119 SER SER A . n 
A 1 116 LYS 116 120 120 LYS LYS A . n 
A 1 117 MET 117 121 121 MET MET A . n 
A 1 118 LYS 118 122 122 LYS LYS A . n 
A 1 119 SER 119 123 123 SER SER A . n 
A 1 120 HIS 120 124 124 HIS HIS A . n 
A 1 121 GLY 121 125 125 GLY GLY A . n 
A 1 122 ILE 122 126 126 ILE ILE A . n 
A 1 123 PHE 123 127 127 PHE PHE A . n 
A 1 124 THR 124 128 128 THR THR A . n 
A 1 125 GLU 125 129 129 GLU GLU A . n 
A 1 126 VAL 126 130 130 VAL VAL A . n 
A 1 127 ASN 127 131 131 ASN ASN A . n 
A 1 128 GLN 128 132 132 GLN GLN A . n 
A 1 129 GLU 129 133 133 GLU GLU A . n 
A 1 130 VAL 130 134 134 VAL VAL A . n 
A 1 131 GLY 131 135 135 GLY GLY A . n 
A 1 132 GLU 132 136 136 GLU GLU A . n 
A 1 133 ILE 133 137 137 ILE ILE A . n 
A 1 134 ILE 134 138 138 ILE ILE A . n 
A 1 135 VAL 135 139 139 VAL VAL A . n 
A 1 136 ALA 136 140 140 ALA ALA A . n 
A 1 137 GLU 137 141 141 GLU GLU A . n 
A 1 138 VAL 138 142 142 VAL VAL A . n 
A 1 139 ASN 139 143 143 ASN ASN A . n 
A 1 140 HIS 140 144 144 HIS HIS A . n 
A 1 141 PRO 141 145 145 PRO PRO A . n 
A 1 142 ARG 142 146 146 ARG ARG A . n 
A 1 143 ILE 143 147 147 ILE ILE A . n 
A 1 144 ALA 144 148 148 ALA ALA A . n 
A 1 145 GLU 145 149 149 GLU GLU A . n 
A 1 146 LEU 146 150 150 LEU LEU A . n 
A 1 147 LEU 147 151 151 LEU LEU A . n 
A 1 148 THR 148 152 152 THR THR A . n 
A 1 149 PRO 149 153 153 PRO PRO A . n 
A 1 150 ASP 150 154 154 ASP ASP A . n 
A 1 151 ARG 151 155 155 ARG ARG A . n 
A 1 152 VAL 152 156 156 VAL VAL A . n 
A 1 153 ALA 153 157 157 ALA ALA A . n 
A 1 154 LEU 154 158 158 LEU LEU A . n 
A 1 155 ARG 155 159 159 ARG ARG A . n 
A 1 156 LYS 156 160 160 LYS LYS A . n 
A 1 157 LEU 157 161 161 LEU LEU A . n 
A 1 158 ILE 158 162 162 ILE ILE A . n 
A 1 159 THR 159 163 163 THR THR A . n 
A 1 160 LYS 160 164 164 LYS LYS A . n 
A 1 161 GLU 161 165 165 GLU GLU A . n 
A 1 162 ALA 162 166 166 ALA ALA A . n 
# 
loop_
_pdbx_nonpoly_scheme.asym_id 
_pdbx_nonpoly_scheme.entity_id 
_pdbx_nonpoly_scheme.mon_id 
_pdbx_nonpoly_scheme.ndb_seq_num 
_pdbx_nonpoly_scheme.pdb_seq_num 
_pdbx_nonpoly_scheme.auth_seq_num 
_pdbx_nonpoly_scheme.pdb_mon_id 
_pdbx_nonpoly_scheme.auth_mon_id 
_pdbx_nonpoly_scheme.pdb_strand_id 
_pdbx_nonpoly_scheme.pdb_ins_code 
B 2 EDO 1  301 301  EDO EDO A . 
C 2 EDO 1  302 401  EDO EDO A . 
D 2 EDO 1  303 501  EDO EDO A . 
E 2 EDO 1  304 701  EDO EDO A . 
F 2 EDO 1  305 901  EDO EDO A . 
G 3 PEG 1  306 1001 PEG PEG A . 
H 4 HOH 1  401 76   HOH HOH A . 
H 4 HOH 2  402 91   HOH HOH A . 
H 4 HOH 3  403 49   HOH HOH A . 
H 4 HOH 4  404 35   HOH HOH A . 
H 4 HOH 5  405 88   HOH HOH A . 
H 4 HOH 6  406 81   HOH HOH A . 
H 4 HOH 7  407 83   HOH HOH A . 
H 4 HOH 8  408 45   HOH HOH A . 
H 4 HOH 9  409 40   HOH HOH A . 
H 4 HOH 10 410 23   HOH HOH A . 
H 4 HOH 11 411 77   HOH HOH A . 
H 4 HOH 12 412 67   HOH HOH A . 
H 4 HOH 13 413 58   HOH HOH A . 
H 4 HOH 14 414 46   HOH HOH A . 
H 4 HOH 15 415 20   HOH HOH A . 
H 4 HOH 16 416 7    HOH HOH A . 
H 4 HOH 17 417 38   HOH HOH A . 
H 4 HOH 18 418 15   HOH HOH A . 
H 4 HOH 19 419 3    HOH HOH A . 
H 4 HOH 20 420 66   HOH HOH A . 
H 4 HOH 21 421 2    HOH HOH A . 
H 4 HOH 22 422 4    HOH HOH A . 
H 4 HOH 23 423 53   HOH HOH A . 
H 4 HOH 24 424 63   HOH HOH A . 
H 4 HOH 25 425 33   HOH HOH A . 
H 4 HOH 26 426 37   HOH HOH A . 
H 4 HOH 27 427 71   HOH HOH A . 
H 4 HOH 28 428 16   HOH HOH A . 
H 4 HOH 29 429 17   HOH HOH A . 
H 4 HOH 30 430 64   HOH HOH A . 
H 4 HOH 31 431 6    HOH HOH A . 
H 4 HOH 32 432 18   HOH HOH A . 
H 4 HOH 33 433 60   HOH HOH A . 
H 4 HOH 34 434 13   HOH HOH A . 
H 4 HOH 35 435 32   HOH HOH A . 
H 4 HOH 36 436 30   HOH HOH A . 
H 4 HOH 37 437 43   HOH HOH A . 
H 4 HOH 38 438 34   HOH HOH A . 
H 4 HOH 39 439 59   HOH HOH A . 
H 4 HOH 40 440 52   HOH HOH A . 
H 4 HOH 41 441 1    HOH HOH A . 
H 4 HOH 42 442 51   HOH HOH A . 
H 4 HOH 43 443 8    HOH HOH A . 
H 4 HOH 44 444 61   HOH HOH A . 
H 4 HOH 45 445 5    HOH HOH A . 
H 4 HOH 46 446 87   HOH HOH A . 
H 4 HOH 47 447 19   HOH HOH A . 
H 4 HOH 48 448 39   HOH HOH A . 
H 4 HOH 49 449 57   HOH HOH A . 
H 4 HOH 50 450 80   HOH HOH A . 
H 4 HOH 51 451 21   HOH HOH A . 
H 4 HOH 52 452 25   HOH HOH A . 
H 4 HOH 53 453 27   HOH HOH A . 
H 4 HOH 54 454 72   HOH HOH A . 
H 4 HOH 55 455 24   HOH HOH A . 
H 4 HOH 56 456 28   HOH HOH A . 
H 4 HOH 57 457 29   HOH HOH A . 
H 4 HOH 58 458 56   HOH HOH A . 
H 4 HOH 59 459 9    HOH HOH A . 
H 4 HOH 60 460 26   HOH HOH A . 
H 4 HOH 61 461 10   HOH HOH A . 
H 4 HOH 62 462 12   HOH HOH A . 
H 4 HOH 63 463 50   HOH HOH A . 
H 4 HOH 64 464 31   HOH HOH A . 
H 4 HOH 65 465 47   HOH HOH A . 
H 4 HOH 66 466 14   HOH HOH A . 
H 4 HOH 67 467 42   HOH HOH A . 
H 4 HOH 68 468 36   HOH HOH A . 
H 4 HOH 69 469 48   HOH HOH A . 
H 4 HOH 70 470 22   HOH HOH A . 
H 4 HOH 71 471 11   HOH HOH A . 
H 4 HOH 72 472 85   HOH HOH A . 
H 4 HOH 73 473 62   HOH HOH A . 
H 4 HOH 74 474 65   HOH HOH A . 
H 4 HOH 75 475 44   HOH HOH A . 
H 4 HOH 76 476 86   HOH HOH A . 
H 4 HOH 77 477 68   HOH HOH A . 
H 4 HOH 78 478 90   HOH HOH A . 
H 4 HOH 79 479 89   HOH HOH A . 
H 4 HOH 80 480 75   HOH HOH A . 
H 4 HOH 81 481 82   HOH HOH A . 
H 4 HOH 82 482 55   HOH HOH A . 
H 4 HOH 83 483 69   HOH HOH A . 
H 4 HOH 84 484 78   HOH HOH A . 
H 4 HOH 85 485 70   HOH HOH A . 
H 4 HOH 86 486 79   HOH HOH A . 
H 4 HOH 87 487 41   HOH HOH A . 
H 4 HOH 88 488 54   HOH HOH A . 
H 4 HOH 89 489 73   HOH HOH A . 
# 
loop_
_software.citation_id 
_software.classification 
_software.compiler_name 
_software.compiler_version 
_software.contact_author 
_software.contact_author_email 
_software.date 
_software.description 
_software.dependencies 
_software.hardware 
_software.language 
_software.location 
_software.mods 
_software.name 
_software.os 
_software.os_version 
_software.type 
_software.version 
_software.pdbx_ordinal 
? refinement       ? ? ? ? ? ? ? ? ? ? ? REFMAC  ? ? ? 5.8.0403 1 
? 'data reduction' ? ? ? ? ? ? ? ? ? ? ? XDS     ? ? ? .        2 
? 'data scaling'   ? ? ? ? ? ? ? ? ? ? ? Aimless ? ? ? .        3 
? phasing          ? ? ? ? ? ? ? ? ? ? ? PHASER  ? ? ? .        4 
# 
_cell.angle_alpha                  90.000 
_cell.angle_alpha_esd              ? 
_cell.angle_beta                   90.000 
_cell.angle_beta_esd               ? 
_cell.angle_gamma                  90.000 
_cell.angle_gamma_esd              ? 
_cell.entry_id                     8G8K 
_cell.details                      ? 
_cell.formula_units_Z              ? 
_cell.length_a                     86.046 
_cell.length_a_esd                 ? 
_cell.length_b                     86.046 
_cell.length_b_esd                 ? 
_cell.length_c                     73.586 
_cell.length_c_esd                 ? 
_cell.volume                       ? 
_cell.volume_esd                   ? 
_cell.Z_PDB                        8 
_cell.reciprocal_angle_alpha       ? 
_cell.reciprocal_angle_beta        ? 
_cell.reciprocal_angle_gamma       ? 
_cell.reciprocal_angle_alpha_esd   ? 
_cell.reciprocal_angle_beta_esd    ? 
_cell.reciprocal_angle_gamma_esd   ? 
_cell.reciprocal_length_a          ? 
_cell.reciprocal_length_b          ? 
_cell.reciprocal_length_c          ? 
_cell.reciprocal_length_a_esd      ? 
_cell.reciprocal_length_b_esd      ? 
_cell.reciprocal_length_c_esd      ? 
_cell.pdbx_unique_axis             ? 
_cell.pdbx_esd_method              ? 
# 
_symmetry.entry_id                         8G8K 
_symmetry.cell_setting                     ? 
_symmetry.Int_Tables_number                92 
_symmetry.space_group_name_Hall            ? 
_symmetry.space_group_name_H-M             'P 41 21 2' 
_symmetry.pdbx_full_space_group_name_H-M   ? 
# 
_exptl.absorpt_coefficient_mu     ? 
_exptl.absorpt_correction_T_max   ? 
_exptl.absorpt_correction_T_min   ? 
_exptl.absorpt_correction_type    ? 
_exptl.absorpt_process_details    ? 
_exptl.entry_id                   8G8K 
_exptl.crystals_number            1 
_exptl.details                    ? 
_exptl.method                     'X-RAY DIFFRACTION' 
_exptl.method_details             ? 
# 
_exptl_crystal.colour                       ? 
_exptl_crystal.density_diffrn               ? 
_exptl_crystal.density_Matthews             3.61 
_exptl_crystal.density_method               ? 
_exptl_crystal.density_percent_sol          65.95 
_exptl_crystal.description                  ? 
_exptl_crystal.F_000                        ? 
_exptl_crystal.id                           1 
_exptl_crystal.preparation                  ? 
_exptl_crystal.size_max                     ? 
_exptl_crystal.size_mid                     ? 
_exptl_crystal.size_min                     ? 
_exptl_crystal.size_rad                     ? 
_exptl_crystal.colour_lustre                ? 
_exptl_crystal.colour_modifier              ? 
_exptl_crystal.colour_primary               ? 
_exptl_crystal.density_meas                 ? 
_exptl_crystal.density_meas_esd             ? 
_exptl_crystal.density_meas_gt              ? 
_exptl_crystal.density_meas_lt              ? 
_exptl_crystal.density_meas_temp            ? 
_exptl_crystal.density_meas_temp_esd        ? 
_exptl_crystal.density_meas_temp_gt         ? 
_exptl_crystal.density_meas_temp_lt         ? 
_exptl_crystal.pdbx_crystal_image_url       ? 
_exptl_crystal.pdbx_crystal_image_format    ? 
_exptl_crystal.pdbx_mosaicity               ? 
_exptl_crystal.pdbx_mosaicity_esd           ? 
_exptl_crystal.pdbx_mosaic_method           ? 
_exptl_crystal.pdbx_mosaic_block_size       ? 
_exptl_crystal.pdbx_mosaic_block_size_esd   ? 
# 
_exptl_crystal_grow.apparatus       ? 
_exptl_crystal_grow.atmosphere      ? 
_exptl_crystal_grow.crystal_id      1 
_exptl_crystal_grow.details         ? 
_exptl_crystal_grow.method          'VAPOR DIFFUSION, SITTING DROP' 
_exptl_crystal_grow.method_ref      ? 
_exptl_crystal_grow.pH              ? 
_exptl_crystal_grow.pressure        ? 
_exptl_crystal_grow.pressure_esd    ? 
_exptl_crystal_grow.seeding         ? 
_exptl_crystal_grow.seeding_ref     ? 
_exptl_crystal_grow.temp_details    ? 
_exptl_crystal_grow.temp_esd        ? 
_exptl_crystal_grow.time            ? 
_exptl_crystal_grow.pdbx_details    '20% (w/v) PEG3350, 0.2 M potassium thiocyanate, 0.1 M Bis-Tris propane pH 7.5' 
_exptl_crystal_grow.pdbx_pH_range   ? 
_exptl_crystal_grow.temp            291 
# 
_diffrn.ambient_environment              ? 
_diffrn.ambient_temp                     85 
_diffrn.ambient_temp_details             ? 
_diffrn.ambient_temp_esd                 ? 
_diffrn.crystal_id                       1 
_diffrn.crystal_support                  ? 
_diffrn.crystal_treatment                ? 
_diffrn.details                          ? 
_diffrn.id                               1 
_diffrn.ambient_pressure                 ? 
_diffrn.ambient_pressure_esd             ? 
_diffrn.ambient_pressure_gt              ? 
_diffrn.ambient_pressure_lt              ? 
_diffrn.ambient_temp_gt                  ? 
_diffrn.ambient_temp_lt                  ? 
_diffrn.pdbx_serial_crystal_experiment   N 
# 
_diffrn_detector.details                      ? 
_diffrn_detector.detector                     PIXEL 
_diffrn_detector.diffrn_id                    1 
_diffrn_detector.type                         'DECTRIS EIGER X 16M' 
_diffrn_detector.area_resol_mean              ? 
_diffrn_detector.dtime                        ? 
_diffrn_detector.pdbx_frames_total            ? 
_diffrn_detector.pdbx_collection_time_total   ? 
_diffrn_detector.pdbx_collection_date         2018-08-01 
_diffrn_detector.pdbx_frequency               ? 
_diffrn_detector.id                           ? 
_diffrn_detector.number_of_axes               ? 
# 
_diffrn_radiation.collimation                      ? 
_diffrn_radiation.diffrn_id                        1 
_diffrn_radiation.filter_edge                      ? 
_diffrn_radiation.inhomogeneity                    ? 
_diffrn_radiation.monochromator                    ? 
_diffrn_radiation.polarisn_norm                    ? 
_diffrn_radiation.polarisn_ratio                   ? 
_diffrn_radiation.probe                            ? 
_diffrn_radiation.type                             ? 
_diffrn_radiation.xray_symbol                      ? 
_diffrn_radiation.wavelength_id                    1 
_diffrn_radiation.pdbx_monochromatic_or_laue_m_l   M 
_diffrn_radiation.pdbx_wavelength_list             ? 
_diffrn_radiation.pdbx_wavelength                  ? 
_diffrn_radiation.pdbx_diffrn_protocol             'SINGLE WAVELENGTH' 
_diffrn_radiation.pdbx_analyzer                    ? 
_diffrn_radiation.pdbx_scattering_type             x-ray 
# 
_diffrn_radiation_wavelength.id           1 
_diffrn_radiation_wavelength.wavelength   0.953724 
_diffrn_radiation_wavelength.wt           1.0 
# 
_diffrn_source.current                     ? 
_diffrn_source.details                     ? 
_diffrn_source.diffrn_id                   1 
_diffrn_source.power                       ? 
_diffrn_source.size                        ? 
_diffrn_source.source                      SYNCHROTRON 
_diffrn_source.target                      ? 
_diffrn_source.type                        'AUSTRALIAN SYNCHROTRON BEAMLINE MX2' 
_diffrn_source.voltage                     ? 
_diffrn_source.take-off_angle              ? 
_diffrn_source.pdbx_wavelength_list        0.953724 
_diffrn_source.pdbx_wavelength             ? 
_diffrn_source.pdbx_synchrotron_beamline   MX2 
_diffrn_source.pdbx_synchrotron_site       'Australian Synchrotron' 
# 
_reflns.B_iso_Wilson_estimate                          ? 
_reflns.entry_id                                       8G8K 
_reflns.data_reduction_details                         ? 
_reflns.data_reduction_method                          ? 
_reflns.d_resolution_high                              1.54 
_reflns.d_resolution_low                               46.89 
_reflns.details                                        ? 
_reflns.limit_h_max                                    ? 
_reflns.limit_h_min                                    ? 
_reflns.limit_k_max                                    ? 
_reflns.limit_k_min                                    ? 
_reflns.limit_l_max                                    ? 
_reflns.limit_l_min                                    ? 
_reflns.number_all                                     ? 
_reflns.number_obs                                     41501 
_reflns.observed_criterion                             ? 
_reflns.observed_criterion_F_max                       ? 
_reflns.observed_criterion_F_min                       ? 
_reflns.observed_criterion_I_max                       ? 
_reflns.observed_criterion_I_min                       ? 
_reflns.observed_criterion_sigma_F                     ? 
_reflns.observed_criterion_sigma_I                     ? 
_reflns.percent_possible_obs                           100 
_reflns.R_free_details                                 ? 
_reflns.Rmerge_F_all                                   ? 
_reflns.Rmerge_F_obs                                   ? 
_reflns.Friedel_coverage                               ? 
_reflns.number_gt                                      ? 
_reflns.threshold_expression                           ? 
_reflns.pdbx_redundancy                                26.6 
_reflns.pdbx_netI_over_av_sigmaI                       ? 
_reflns.pdbx_netI_over_sigmaI                          12.0 
_reflns.pdbx_res_netI_over_av_sigmaI_2                 ? 
_reflns.pdbx_res_netI_over_sigmaI_2                    ? 
_reflns.pdbx_chi_squared                               ? 
_reflns.pdbx_scaling_rejects                           ? 
_reflns.pdbx_d_res_high_opt                            ? 
_reflns.pdbx_d_res_low_opt                             ? 
_reflns.pdbx_d_res_opt_method                          ? 
_reflns.phase_calculation_details                      ? 
_reflns.pdbx_Rrim_I_all                                ? 
_reflns.pdbx_Rpim_I_all                                ? 
_reflns.pdbx_d_opt                                     ? 
_reflns.pdbx_number_measured_all                       ? 
_reflns.pdbx_diffrn_id                                 1 
_reflns.pdbx_ordinal                                   1 
_reflns.pdbx_CC_half                                   0.999 
_reflns.pdbx_CC_star                                   ? 
_reflns.pdbx_R_split                                   ? 
_reflns.pdbx_Rmerge_I_obs                              ? 
_reflns.pdbx_Rmerge_I_all                              ? 
_reflns.pdbx_Rsym_value                                ? 
_reflns.pdbx_CC_split_method                           ? 
_reflns.pdbx_aniso_diffraction_limit_axis_1_ortho[1]   ? 
_reflns.pdbx_aniso_diffraction_limit_axis_1_ortho[2]   ? 
_reflns.pdbx_aniso_diffraction_limit_axis_1_ortho[3]   ? 
_reflns.pdbx_aniso_diffraction_limit_axis_2_ortho[1]   ? 
_reflns.pdbx_aniso_diffraction_limit_axis_2_ortho[2]   ? 
_reflns.pdbx_aniso_diffraction_limit_axis_2_ortho[3]   ? 
_reflns.pdbx_aniso_diffraction_limit_axis_3_ortho[1]   ? 
_reflns.pdbx_aniso_diffraction_limit_axis_3_ortho[2]   ? 
_reflns.pdbx_aniso_diffraction_limit_axis_3_ortho[3]   ? 
_reflns.pdbx_aniso_diffraction_limit_1                 ? 
_reflns.pdbx_aniso_diffraction_limit_2                 ? 
_reflns.pdbx_aniso_diffraction_limit_3                 ? 
_reflns.pdbx_aniso_B_tensor_eigenvector_1_ortho[1]     ? 
_reflns.pdbx_aniso_B_tensor_eigenvector_1_ortho[2]     ? 
_reflns.pdbx_aniso_B_tensor_eigenvector_1_ortho[3]     ? 
_reflns.pdbx_aniso_B_tensor_eigenvector_2_ortho[1]     ? 
_reflns.pdbx_aniso_B_tensor_eigenvector_2_ortho[2]     ? 
_reflns.pdbx_aniso_B_tensor_eigenvector_2_ortho[3]     ? 
_reflns.pdbx_aniso_B_tensor_eigenvector_3_ortho[1]     ? 
_reflns.pdbx_aniso_B_tensor_eigenvector_3_ortho[2]     ? 
_reflns.pdbx_aniso_B_tensor_eigenvector_3_ortho[3]     ? 
_reflns.pdbx_aniso_B_tensor_eigenvalue_1               ? 
_reflns.pdbx_aniso_B_tensor_eigenvalue_2               ? 
_reflns.pdbx_aniso_B_tensor_eigenvalue_3               ? 
_reflns.pdbx_orthogonalization_convention              ? 
_reflns.pdbx_percent_possible_ellipsoidal              ? 
_reflns.pdbx_percent_possible_spherical                ? 
_reflns.pdbx_percent_possible_ellipsoidal_anomalous    ? 
_reflns.pdbx_percent_possible_spherical_anomalous      ? 
_reflns.pdbx_redundancy_anomalous                      ? 
_reflns.pdbx_CC_half_anomalous                         ? 
_reflns.pdbx_absDiff_over_sigma_anomalous              ? 
_reflns.pdbx_percent_possible_anomalous                ? 
_reflns.pdbx_observed_signal_threshold                 ? 
_reflns.pdbx_signal_type                               ? 
_reflns.pdbx_signal_details                            ? 
_reflns.pdbx_signal_software_id                        ? 
# 
_reflns_shell.d_res_high                                    1.54 
_reflns_shell.d_res_low                                     1.57 
_reflns_shell.meanI_over_sigI_all                           ? 
_reflns_shell.meanI_over_sigI_obs                           ? 
_reflns_shell.number_measured_all                           ? 
_reflns_shell.number_measured_obs                           ? 
_reflns_shell.number_possible                               ? 
_reflns_shell.number_unique_all                             ? 
_reflns_shell.number_unique_obs                             2033 
_reflns_shell.percent_possible_obs                          ? 
_reflns_shell.Rmerge_F_all                                  ? 
_reflns_shell.Rmerge_F_obs                                  ? 
_reflns_shell.meanI_over_sigI_gt                            ? 
_reflns_shell.meanI_over_uI_all                             ? 
_reflns_shell.meanI_over_uI_gt                              ? 
_reflns_shell.number_measured_gt                            ? 
_reflns_shell.number_unique_gt                              ? 
_reflns_shell.percent_possible_gt                           ? 
_reflns_shell.Rmerge_F_gt                                   ? 
_reflns_shell.Rmerge_I_gt                                   ? 
_reflns_shell.pdbx_redundancy                               ? 
_reflns_shell.pdbx_chi_squared                              ? 
_reflns_shell.pdbx_netI_over_sigmaI_all                     ? 
_reflns_shell.pdbx_netI_over_sigmaI_obs                     ? 
_reflns_shell.pdbx_Rrim_I_all                               ? 
_reflns_shell.pdbx_Rpim_I_all                               ? 
_reflns_shell.pdbx_rejects                                  ? 
_reflns_shell.pdbx_ordinal                                  1 
_reflns_shell.pdbx_diffrn_id                                1 
_reflns_shell.pdbx_CC_half                                  0.50 
_reflns_shell.pdbx_CC_star                                  ? 
_reflns_shell.pdbx_R_split                                  ? 
_reflns_shell.percent_possible_all                          99.9 
_reflns_shell.Rmerge_I_all                                  ? 
_reflns_shell.Rmerge_I_obs                                  ? 
_reflns_shell.pdbx_Rsym_value                               ? 
_reflns_shell.pdbx_percent_possible_ellipsoidal             ? 
_reflns_shell.pdbx_percent_possible_spherical               ? 
_reflns_shell.pdbx_percent_possible_ellipsoidal_anomalous   ? 
_reflns_shell.pdbx_percent_possible_spherical_anomalous     ? 
_reflns_shell.pdbx_redundancy_anomalous                     ? 
_reflns_shell.pdbx_CC_half_anomalous                        ? 
_reflns_shell.pdbx_absDiff_over_sigma_anomalous             ? 
_reflns_shell.pdbx_percent_possible_anomalous               ? 
# 
_refine.aniso_B[1][1]                            -0.534 
_refine.aniso_B[1][2]                            0.000 
_refine.aniso_B[1][3]                            0.000 
_refine.aniso_B[2][2]                            -0.534 
_refine.aniso_B[2][3]                            0.000 
_refine.aniso_B[3][3]                            1.068 
_refine.B_iso_max                                ? 
_refine.B_iso_mean                               27.503 
_refine.B_iso_min                                ? 
_refine.correlation_coeff_Fo_to_Fc               0.972 
_refine.correlation_coeff_Fo_to_Fc_free          0.969 
_refine.details                                  'Hydrogens have been added in their riding positions' 
_refine.diff_density_max                         ? 
_refine.diff_density_max_esd                     ? 
_refine.diff_density_min                         ? 
_refine.diff_density_min_esd                     ? 
_refine.diff_density_rms                         ? 
_refine.diff_density_rms_esd                     ? 
_refine.entry_id                                 8G8K 
_refine.pdbx_refine_id                           'X-RAY DIFFRACTION' 
_refine.ls_abs_structure_details                 ? 
_refine.ls_abs_structure_Flack                   ? 
_refine.ls_abs_structure_Flack_esd               ? 
_refine.ls_abs_structure_Rogers                  ? 
_refine.ls_abs_structure_Rogers_esd              ? 
_refine.ls_d_res_high                            1.540 
_refine.ls_d_res_low                             46.89 
_refine.ls_extinction_coef                       ? 
_refine.ls_extinction_coef_esd                   ? 
_refine.ls_extinction_expression                 ? 
_refine.ls_extinction_method                     ? 
_refine.ls_goodness_of_fit_all                   ? 
_refine.ls_goodness_of_fit_all_esd               ? 
_refine.ls_goodness_of_fit_obs                   ? 
_refine.ls_goodness_of_fit_obs_esd               ? 
_refine.ls_hydrogen_treatment                    ? 
_refine.ls_matrix_type                           ? 
_refine.ls_number_constraints                    ? 
_refine.ls_number_parameters                     ? 
_refine.ls_number_reflns_all                     ? 
_refine.ls_number_reflns_obs                     41435 
_refine.ls_number_reflns_R_free                  2110 
_refine.ls_number_reflns_R_work                  39325 
_refine.ls_number_restraints                     ? 
_refine.ls_percent_reflns_obs                    99.993 
_refine.ls_percent_reflns_R_free                 5.092 
_refine.ls_R_factor_all                          0.171 
_refine.ls_R_factor_obs                          ? 
_refine.ls_R_factor_R_free                       0.1900 
_refine.ls_R_factor_R_free_error                 ? 
_refine.ls_R_factor_R_free_error_details         ? 
_refine.ls_R_factor_R_work                       0.1702 
_refine.ls_R_Fsqd_factor_obs                     ? 
_refine.ls_R_I_factor_obs                        ? 
_refine.ls_redundancy_reflns_all                 ? 
_refine.ls_redundancy_reflns_obs                 ? 
_refine.ls_restrained_S_all                      ? 
_refine.ls_restrained_S_obs                      ? 
_refine.ls_shift_over_esd_max                    ? 
_refine.ls_shift_over_esd_mean                   ? 
_refine.ls_structure_factor_coef                 ? 
_refine.ls_weighting_details                     ? 
_refine.ls_weighting_scheme                      ? 
_refine.ls_wR_factor_all                         ? 
_refine.ls_wR_factor_obs                         ? 
_refine.ls_wR_factor_R_free                      ? 
_refine.ls_wR_factor_R_work                      ? 
_refine.occupancy_max                            ? 
_refine.occupancy_min                            ? 
_refine.solvent_model_details                    'MASK BULK SOLVENT' 
_refine.solvent_model_param_bsol                 ? 
_refine.solvent_model_param_ksol                 ? 
_refine.pdbx_R_complete                          ? 
_refine.ls_R_factor_gt                           ? 
_refine.ls_goodness_of_fit_gt                    ? 
_refine.ls_goodness_of_fit_ref                   ? 
_refine.ls_shift_over_su_max                     ? 
_refine.ls_shift_over_su_max_lt                  ? 
_refine.ls_shift_over_su_mean                    ? 
_refine.ls_shift_over_su_mean_lt                 ? 
_refine.pdbx_ls_sigma_I                          ? 
_refine.pdbx_ls_sigma_F                          ? 
_refine.pdbx_ls_sigma_Fsqd                       ? 
_refine.pdbx_data_cutoff_high_absF               ? 
_refine.pdbx_data_cutoff_high_rms_absF           ? 
_refine.pdbx_data_cutoff_low_absF                ? 
_refine.pdbx_isotropic_thermal_model             ? 
_refine.pdbx_ls_cross_valid_method               THROUGHOUT 
_refine.pdbx_method_to_determine_struct          'MOLECULAR REPLACEMENT' 
_refine.pdbx_starting_model                      ? 
_refine.pdbx_stereochemistry_target_values       ? 
_refine.pdbx_R_Free_selection_details            RANDOM 
_refine.pdbx_stereochem_target_val_spec_case     ? 
_refine.pdbx_overall_ESU_R                       0.056 
_refine.pdbx_overall_ESU_R_Free                  0.057 
_refine.pdbx_solvent_vdw_probe_radii             1.200 
_refine.pdbx_solvent_ion_probe_radii             0.800 
_refine.pdbx_solvent_shrinkage_radii             0.800 
_refine.pdbx_real_space_R                        ? 
_refine.pdbx_density_correlation                 ? 
_refine.pdbx_pd_number_of_powder_patterns        ? 
_refine.pdbx_pd_number_of_points                 ? 
_refine.pdbx_pd_meas_number_of_points            ? 
_refine.pdbx_pd_proc_ls_prof_R_factor            ? 
_refine.pdbx_pd_proc_ls_prof_wR_factor           ? 
_refine.pdbx_pd_Marquardt_correlation_coeff      ? 
_refine.pdbx_pd_Fsqrd_R_factor                   ? 
_refine.pdbx_pd_ls_matrix_band_width             ? 
_refine.pdbx_overall_phase_error                 ? 
_refine.pdbx_overall_SU_R_free_Cruickshank_DPI   ? 
_refine.pdbx_overall_SU_R_free_Blow_DPI          ? 
_refine.pdbx_overall_SU_R_Blow_DPI               ? 
_refine.pdbx_TLS_residual_ADP_flag               ? 
_refine.pdbx_diffrn_id                           1 
_refine.overall_SU_B                             1.193 
_refine.overall_SU_ML                            0.041 
_refine.overall_SU_R_Cruickshank_DPI             ? 
_refine.overall_SU_R_free                        ? 
_refine.overall_FOM_free_R_set                   ? 
_refine.overall_FOM_work_R_set                   ? 
_refine.pdbx_average_fsc_overall                 ? 
_refine.pdbx_average_fsc_work                    ? 
_refine.pdbx_average_fsc_free                    ? 
# 
_refine_hist.pdbx_refine_id                   'X-RAY DIFFRACTION' 
_refine_hist.cycle_id                         LAST 
_refine_hist.details                          ? 
_refine_hist.d_res_high                       1.540 
_refine_hist.d_res_low                        46.89 
_refine_hist.number_atoms_solvent             89 
_refine_hist.number_atoms_total               1444 
_refine_hist.number_reflns_all                ? 
_refine_hist.number_reflns_obs                ? 
_refine_hist.number_reflns_R_free             ? 
_refine_hist.number_reflns_R_work             ? 
_refine_hist.R_factor_all                     ? 
_refine_hist.R_factor_obs                     ? 
_refine_hist.R_factor_R_free                  ? 
_refine_hist.R_factor_R_work                  ? 
_refine_hist.pdbx_number_residues_total       ? 
_refine_hist.pdbx_B_iso_mean_ligand           ? 
_refine_hist.pdbx_B_iso_mean_solvent          ? 
_refine_hist.pdbx_number_atoms_protein        1328 
_refine_hist.pdbx_number_atoms_nucleic_acid   0 
_refine_hist.pdbx_number_atoms_ligand         27 
_refine_hist.pdbx_number_atoms_lipid          ? 
_refine_hist.pdbx_number_atoms_carb           ? 
_refine_hist.pdbx_pseudo_atom_details         ? 
# 
loop_
_refine_ls_restr.pdbx_refine_id 
_refine_ls_restr.criterion 
_refine_ls_restr.dev_ideal 
_refine_ls_restr.dev_ideal_target 
_refine_ls_restr.number 
_refine_ls_restr.rejects 
_refine_ls_restr.type 
_refine_ls_restr.weight 
_refine_ls_restr.pdbx_restraint_function 
'X-RAY DIFFRACTION' ? 0.012  0.012  1395 ? r_bond_refined_d               ? ? 
'X-RAY DIFFRACTION' ? 0.001  0.016  1395 ? r_bond_other_d                 ? ? 
'X-RAY DIFFRACTION' ? 1.776  1.662  1878 ? r_angle_refined_deg            ? ? 
'X-RAY DIFFRACTION' ? 0.603  1.577  3198 ? r_angle_other_deg              ? ? 
'X-RAY DIFFRACTION' ? 5.946  5.000  167  ? r_dihedral_angle_1_deg         ? ? 
'X-RAY DIFFRACTION' ? 6.090  5.000  14   ? r_dihedral_angle_2_deg         ? ? 
'X-RAY DIFFRACTION' ? 12.632 10.000 260  ? r_dihedral_angle_3_deg         ? ? 
'X-RAY DIFFRACTION' ? 16.440 10.000 68   ? r_dihedral_angle_6_deg         ? ? 
'X-RAY DIFFRACTION' ? 0.096  0.200  211  ? r_chiral_restr                 ? ? 
'X-RAY DIFFRACTION' ? 0.009  0.020  1618 ? r_gen_planes_refined           ? ? 
'X-RAY DIFFRACTION' ? 0.001  0.020  326  ? r_gen_planes_other             ? ? 
'X-RAY DIFFRACTION' ? 0.210  0.200  267  ? r_nbd_refined                  ? ? 
'X-RAY DIFFRACTION' ? 0.185  0.200  1230 ? r_symmetry_nbd_other           ? ? 
'X-RAY DIFFRACTION' ? 0.172  0.200  676  ? r_nbtor_refined                ? ? 
'X-RAY DIFFRACTION' ? 0.080  0.200  806  ? r_symmetry_nbtor_other         ? ? 
'X-RAY DIFFRACTION' ? 0.153  0.200  54   ? r_xyhbond_nbd_refined          ? ? 
'X-RAY DIFFRACTION' ? 0.109  0.200  9    ? r_symmetry_nbd_refined         ? ? 
'X-RAY DIFFRACTION' ? 0.143  0.200  47   ? r_nbd_other                    ? ? 
'X-RAY DIFFRACTION' ? 0.195  0.200  12   ? r_symmetry_xyhbond_nbd_refined ? ? 
'X-RAY DIFFRACTION' ? 2.270  2.536  653  ? r_mcbond_it                    ? ? 
'X-RAY DIFFRACTION' ? 2.270  2.535  653  ? r_mcbond_other                 ? ? 
'X-RAY DIFFRACTION' ? 3.299  4.540  816  ? r_mcangle_it                   ? ? 
'X-RAY DIFFRACTION' ? 3.301  4.540  817  ? r_mcangle_other                ? ? 
'X-RAY DIFFRACTION' ? 4.531  3.081  742  ? r_scbond_it                    ? ? 
'X-RAY DIFFRACTION' ? 4.528  3.087  743  ? r_scbond_other                 ? ? 
'X-RAY DIFFRACTION' ? 6.718  5.362  1059 ? r_scangle_it                   ? ? 
'X-RAY DIFFRACTION' ? 6.715  5.367  1060 ? r_scangle_other                ? ? 
'X-RAY DIFFRACTION' ? 7.637  25.600 1543 ? r_lrange_it                    ? ? 
'X-RAY DIFFRACTION' ? 7.625  25.444 1538 ? r_lrange_other                 ? ? 
# 
loop_
_refine_ls_shell.pdbx_refine_id 
_refine_ls_shell.d_res_high 
_refine_ls_shell.d_res_low 
_refine_ls_shell.number_reflns_all 
_refine_ls_shell.number_reflns_obs 
_refine_ls_shell.number_reflns_R_free 
_refine_ls_shell.number_reflns_R_work 
_refine_ls_shell.percent_reflns_obs 
_refine_ls_shell.percent_reflns_R_free 
_refine_ls_shell.R_factor_all 
_refine_ls_shell.R_factor_obs 
_refine_ls_shell.R_factor_R_free_error 
_refine_ls_shell.R_factor_R_work 
_refine_ls_shell.redundancy_reflns_all 
_refine_ls_shell.redundancy_reflns_obs 
_refine_ls_shell.wR_factor_all 
_refine_ls_shell.wR_factor_obs 
_refine_ls_shell.wR_factor_R_free 
_refine_ls_shell.wR_factor_R_work 
_refine_ls_shell.pdbx_R_complete 
_refine_ls_shell.pdbx_total_number_of_bins_used 
_refine_ls_shell.pdbx_phase_error 
_refine_ls_shell.pdbx_fsc_work 
_refine_ls_shell.pdbx_fsc_free 
_refine_ls_shell.R_factor_R_free 
'X-RAY DIFFRACTION' 1.540 1.580 . . 140 2870 100.0000 . . . . 0.278 . . . . . . . . . . . 0.281 
'X-RAY DIFFRACTION' 1.580 1.623 . . 134 2797 99.9659  . . . . 0.265 . . . . . . . . . . . 0.244 
'X-RAY DIFFRACTION' 1.623 1.670 . . 156 2716 100.0000 . . . . 0.235 . . . . . . . . . . . 0.252 
'X-RAY DIFFRACTION' 1.670 1.722 . . 152 2618 100.0000 . . . . 0.216 . . . . . . . . . . . 0.238 
'X-RAY DIFFRACTION' 1.722 1.778 . . 144 2542 100.0000 . . . . 0.190 . . . . . . . . . . . 0.217 
'X-RAY DIFFRACTION' 1.778 1.840 . . 128 2491 100.0000 . . . . 0.170 . . . . . . . . . . . 0.192 
'X-RAY DIFFRACTION' 1.840 1.910 . . 114 2419 100.0000 . . . . 0.160 . . . . . . . . . . . 0.190 
'X-RAY DIFFRACTION' 1.910 1.987 . . 122 2311 100.0000 . . . . 0.154 . . . . . . . . . . . 0.174 
'X-RAY DIFFRACTION' 1.987 2.076 . . 124 2197 100.0000 . . . . 0.151 . . . . . . . . . . . 0.165 
'X-RAY DIFFRACTION' 2.076 2.177 . . 120 2129 100.0000 . . . . 0.145 . . . . . . . . . . . 0.194 
'X-RAY DIFFRACTION' 2.177 2.294 . . 110 2027 100.0000 . . . . 0.139 . . . . . . . . . . . 0.188 
'X-RAY DIFFRACTION' 2.294 2.433 . . 94  1931 100.0000 . . . . 0.150 . . . . . . . . . . . 0.186 
'X-RAY DIFFRACTION' 2.433 2.600 . . 100 1812 100.0000 . . . . 0.152 . . . . . . . . . . . 0.175 
'X-RAY DIFFRACTION' 2.600 2.808 . . 97  1683 100.0000 . . . . 0.161 . . . . . . . . . . . 0.206 
'X-RAY DIFFRACTION' 2.808 3.075 . . 88  1584 100.0000 . . . . 0.169 . . . . . . . . . . . 0.194 
'X-RAY DIFFRACTION' 3.075 3.436 . . 85  1420 100.0000 . . . . 0.183 . . . . . . . . . . . 0.198 
'X-RAY DIFFRACTION' 3.436 3.964 . . 72  1266 100.0000 . . . . 0.186 . . . . . . . . . . . 0.209 
'X-RAY DIFFRACTION' 3.964 4.846 . . 55  1100 100.0000 . . . . 0.140 . . . . . . . . . . . 0.135 
'X-RAY DIFFRACTION' 4.846 6.818 . . 43  879  100.0000 . . . . 0.201 . . . . . . . . . . . 0.182 
'X-RAY DIFFRACTION' 6.818 46.89 . . 32  533  100.0000 . . . . 0.182 . . . . . . . . . . . 0.199 
# 
_struct.entry_id                     8G8K 
_struct.title                        'Crystal structure of Rv1916 (residues 233-398)' 
_struct.pdbx_model_details           ? 
_struct.pdbx_formula_weight          ? 
_struct.pdbx_formula_weight_method   ? 
_struct.pdbx_model_type_details      ? 
_struct.pdbx_CASP_flag               N 
# 
_struct_keywords.entry_id        8G8K 
_struct_keywords.text            'Isocitrate lyase, tuberculosis, BIOSYNTHETIC PROTEIN' 
_struct_keywords.pdbx_keywords   'BIOSYNTHETIC PROTEIN' 
# 
loop_
_struct_asym.id 
_struct_asym.pdbx_blank_PDB_chainid_flag 
_struct_asym.pdbx_modified 
_struct_asym.entity_id 
_struct_asym.details 
A N N 1 ? 
B N N 2 ? 
C N N 2 ? 
D N N 2 ? 
E N N 2 ? 
F N N 2 ? 
G N N 3 ? 
H N N 4 ? 
# 
_struct_ref.id                         1 
_struct_ref.db_name                    UNP 
_struct_ref.db_code                    ACEAB_MYCTU 
_struct_ref.pdbx_db_accession          O07717 
_struct_ref.pdbx_db_isoform            ? 
_struct_ref.entity_id                  1 
_struct_ref.pdbx_seq_one_letter_code   
;EVPRKLLEEWLAMWSGHYQLKDKLRVQLRPQRAGSEVLELGIHGESDDKLANVIFQPIQDRRGRTILLVRDQNTFGAELR
QKRLMTLIHLWLVHRFKAQAVHYVTPTDDNLYQTSKMKSHGIFTEVNQEVGEIIVAEVNHPRIAELLTPDRVALRKLITK
EA
;
_struct_ref.pdbx_align_begin           237 
# 
_struct_ref_seq.align_id                      1 
_struct_ref_seq.ref_id                        1 
_struct_ref_seq.pdbx_PDB_id_code              8G8K 
_struct_ref_seq.pdbx_strand_id                A 
_struct_ref_seq.seq_align_beg                 1 
_struct_ref_seq.pdbx_seq_align_beg_ins_code   ? 
_struct_ref_seq.seq_align_end                 162 
_struct_ref_seq.pdbx_seq_align_end_ins_code   ? 
_struct_ref_seq.pdbx_db_accession             O07717 
_struct_ref_seq.db_align_beg                  237 
_struct_ref_seq.pdbx_db_align_beg_ins_code    ? 
_struct_ref_seq.db_align_end                  398 
_struct_ref_seq.pdbx_db_align_end_ins_code    ? 
_struct_ref_seq.pdbx_auth_seq_align_beg       5 
_struct_ref_seq.pdbx_auth_seq_align_end       166 
# 
_pdbx_struct_assembly.id                   1 
_pdbx_struct_assembly.details              author_defined_assembly 
_pdbx_struct_assembly.method_details       ? 
_pdbx_struct_assembly.oligomeric_details   monomeric 
_pdbx_struct_assembly.oligomeric_count     1 
# 
_pdbx_struct_assembly_gen.assembly_id       1 
_pdbx_struct_assembly_gen.oper_expression   1 
_pdbx_struct_assembly_gen.asym_id_list      A,B,C,D,E,F,G,H 
# 
_pdbx_struct_assembly_auth_evidence.id                     1 
_pdbx_struct_assembly_auth_evidence.assembly_id            1 
_pdbx_struct_assembly_auth_evidence.experimental_support   none 
_pdbx_struct_assembly_auth_evidence.details                ? 
# 
_pdbx_struct_oper_list.id                   1 
_pdbx_struct_oper_list.type                 'identity operation' 
_pdbx_struct_oper_list.name                 1_555 
_pdbx_struct_oper_list.symmetry_operation   x,y,z 
_pdbx_struct_oper_list.matrix[1][1]         1.0000000000 
_pdbx_struct_oper_list.matrix[1][2]         0.0000000000 
_pdbx_struct_oper_list.matrix[1][3]         0.0000000000 
_pdbx_struct_oper_list.vector[1]            0.0000000000 
_pdbx_struct_oper_list.matrix[2][1]         0.0000000000 
_pdbx_struct_oper_list.matrix[2][2]         1.0000000000 
_pdbx_struct_oper_list.matrix[2][3]         0.0000000000 
_pdbx_struct_oper_list.vector[2]            0.0000000000 
_pdbx_struct_oper_list.matrix[3][1]         0.0000000000 
_pdbx_struct_oper_list.matrix[3][2]         0.0000000000 
_pdbx_struct_oper_list.matrix[3][3]         1.0000000000 
_pdbx_struct_oper_list.vector[3]            0.0000000000 
# 
loop_
_struct_conf.conf_type_id 
_struct_conf.id 
_struct_conf.pdbx_PDB_helix_id 
_struct_conf.beg_label_comp_id 
_struct_conf.beg_label_asym_id 
_struct_conf.beg_label_seq_id 
_struct_conf.pdbx_beg_PDB_ins_code 
_struct_conf.end_label_comp_id 
_struct_conf.end_label_asym_id 
_struct_conf.end_label_seq_id 
_struct_conf.pdbx_end_PDB_ins_code 
_struct_conf.beg_auth_comp_id 
_struct_conf.beg_auth_asym_id 
_struct_conf.beg_auth_seq_id 
_struct_conf.end_auth_comp_id 
_struct_conf.end_auth_asym_id 
_struct_conf.end_auth_seq_id 
_struct_conf.pdbx_PDB_helix_class 
_struct_conf.details 
_struct_conf.pdbx_PDB_helix_length 
HELX_P HELX_P1 AA1 PRO A 3   ? TYR A 18  ? PRO A 7   TYR A 22  1 ? 16 
HELX_P HELX_P2 AA2 GLY A 76  ? ARG A 80  ? GLY A 80  ARG A 84  5 ? 5  
HELX_P HELX_P3 AA3 ARG A 83  ? LYS A 97  ? ARG A 87  LYS A 101 1 ? 15 
HELX_P HELX_P4 AA4 THR A 107 ? HIS A 120 ? THR A 111 HIS A 124 1 ? 14 
HELX_P HELX_P5 AA5 ASN A 139 ? LEU A 147 ? ASN A 143 LEU A 151 1 ? 9  
HELX_P HELX_P6 AA6 ARG A 151 ? THR A 159 ? ARG A 155 THR A 163 1 ? 9  
# 
_struct_conf_type.id          HELX_P 
_struct_conf_type.criteria    ? 
_struct_conf_type.reference   ? 
# 
_struct_sheet.id               AA1 
_struct_sheet.type             ? 
_struct_sheet.number_strands   7 
_struct_sheet.details          ? 
# 
loop_
_struct_sheet_order.sheet_id 
_struct_sheet_order.range_id_1 
_struct_sheet_order.range_id_2 
_struct_sheet_order.offset 
_struct_sheet_order.sense 
AA1 1 2 ? anti-parallel 
AA1 2 3 ? anti-parallel 
AA1 3 4 ? anti-parallel 
AA1 4 5 ? parallel      
AA1 5 6 ? anti-parallel 
AA1 6 7 ? anti-parallel 
# 
loop_
_struct_sheet_range.sheet_id 
_struct_sheet_range.id 
_struct_sheet_range.beg_label_comp_id 
_struct_sheet_range.beg_label_asym_id 
_struct_sheet_range.beg_label_seq_id 
_struct_sheet_range.pdbx_beg_PDB_ins_code 
_struct_sheet_range.end_label_comp_id 
_struct_sheet_range.end_label_asym_id 
_struct_sheet_range.end_label_seq_id 
_struct_sheet_range.pdbx_end_PDB_ins_code 
_struct_sheet_range.beg_auth_comp_id 
_struct_sheet_range.beg_auth_asym_id 
_struct_sheet_range.beg_auth_seq_id 
_struct_sheet_range.end_auth_comp_id 
_struct_sheet_range.end_auth_asym_id 
_struct_sheet_range.end_auth_seq_id 
AA1 1 ARG A 25  ? PRO A 30  ? ARG A 29  PRO A 34  
AA1 2 LEU A 38  ? HIS A 43  ? LEU A 42  HIS A 47  
AA1 3 LYS A 49  ? GLN A 59  ? LYS A 53  GLN A 63  
AA1 4 THR A 65  ? THR A 74  ? THR A 69  THR A 78  
AA1 5 ALA A 98  ? TYR A 103 ? ALA A 102 TYR A 107 
AA1 6 ILE A 134 ? VAL A 138 ? ILE A 138 VAL A 142 
AA1 7 PHE A 123 ? GLN A 128 ? PHE A 127 GLN A 132 
# 
loop_
_pdbx_struct_sheet_hbond.sheet_id 
_pdbx_struct_sheet_hbond.range_id_1 
_pdbx_struct_sheet_hbond.range_id_2 
_pdbx_struct_sheet_hbond.range_1_label_atom_id 
_pdbx_struct_sheet_hbond.range_1_label_comp_id 
_pdbx_struct_sheet_hbond.range_1_label_asym_id 
_pdbx_struct_sheet_hbond.range_1_label_seq_id 
_pdbx_struct_sheet_hbond.range_1_PDB_ins_code 
_pdbx_struct_sheet_hbond.range_1_auth_atom_id 
_pdbx_struct_sheet_hbond.range_1_auth_comp_id 
_pdbx_struct_sheet_hbond.range_1_auth_asym_id 
_pdbx_struct_sheet_hbond.range_1_auth_seq_id 
_pdbx_struct_sheet_hbond.range_2_label_atom_id 
_pdbx_struct_sheet_hbond.range_2_label_comp_id 
_pdbx_struct_sheet_hbond.range_2_label_asym_id 
_pdbx_struct_sheet_hbond.range_2_label_seq_id 
_pdbx_struct_sheet_hbond.range_2_PDB_ins_code 
_pdbx_struct_sheet_hbond.range_2_auth_atom_id 
_pdbx_struct_sheet_hbond.range_2_auth_comp_id 
_pdbx_struct_sheet_hbond.range_2_auth_asym_id 
_pdbx_struct_sheet_hbond.range_2_auth_seq_id 
AA1 1 2 N ARG A 29  ? N ARG A 33  O GLU A 39  ? O GLU A 43  
AA1 2 3 N LEU A 38  ? N LEU A 42  O PHE A 55  ? O PHE A 59  
AA1 3 4 N ILE A 54  ? N ILE A 58  O ASP A 71  ? O ASP A 75  
AA1 4 5 N THR A 65  ? N THR A 69  O GLN A 99  ? O GLN A 103 
AA1 5 6 N TYR A 103 ? N TYR A 107 O ILE A 134 ? O ILE A 138 
AA1 6 7 O VAL A 135 ? O VAL A 139 N ASN A 127 ? N ASN A 131 
# 
loop_
_pdbx_validate_rmsd_angle.id 
_pdbx_validate_rmsd_angle.PDB_model_num 
_pdbx_validate_rmsd_angle.auth_atom_id_1 
_pdbx_validate_rmsd_angle.auth_asym_id_1 
_pdbx_validate_rmsd_angle.auth_comp_id_1 
_pdbx_validate_rmsd_angle.auth_seq_id_1 
_pdbx_validate_rmsd_angle.PDB_ins_code_1 
_pdbx_validate_rmsd_angle.label_alt_id_1 
_pdbx_validate_rmsd_angle.auth_atom_id_2 
_pdbx_validate_rmsd_angle.auth_asym_id_2 
_pdbx_validate_rmsd_angle.auth_comp_id_2 
_pdbx_validate_rmsd_angle.auth_seq_id_2 
_pdbx_validate_rmsd_angle.PDB_ins_code_2 
_pdbx_validate_rmsd_angle.label_alt_id_2 
_pdbx_validate_rmsd_angle.auth_atom_id_3 
_pdbx_validate_rmsd_angle.auth_asym_id_3 
_pdbx_validate_rmsd_angle.auth_comp_id_3 
_pdbx_validate_rmsd_angle.auth_seq_id_3 
_pdbx_validate_rmsd_angle.PDB_ins_code_3 
_pdbx_validate_rmsd_angle.label_alt_id_3 
_pdbx_validate_rmsd_angle.angle_value 
_pdbx_validate_rmsd_angle.angle_target_value 
_pdbx_validate_rmsd_angle.angle_deviation 
_pdbx_validate_rmsd_angle.angle_standard_deviation 
_pdbx_validate_rmsd_angle.linker_flag 
1 1 NE A ARG 74 ? ? CZ A ARG 74 ? ? NH1 A ARG 74 ? ? 123.38 120.30 3.08 0.50 N 
2 1 NE A ARG 99 ? ? CZ A ARG 99 ? ? NH1 A ARG 99 ? ? 123.48 120.30 3.18 0.50 N 
# 
_pdbx_validate_torsion.id              1 
_pdbx_validate_torsion.PDB_model_num   1 
_pdbx_validate_torsion.auth_comp_id    ASP 
_pdbx_validate_torsion.auth_asym_id    A 
_pdbx_validate_torsion.auth_seq_id     51 
_pdbx_validate_torsion.PDB_ins_code    ? 
_pdbx_validate_torsion.label_alt_id    ? 
_pdbx_validate_torsion.phi             82.28 
_pdbx_validate_torsion.psi             6.05 
# 
_pdbx_entry_details.entry_id                 8G8K 
_pdbx_entry_details.has_ligand_of_interest   Y 
_pdbx_entry_details.compound_details         ? 
_pdbx_entry_details.source_details           ? 
_pdbx_entry_details.nonpolymer_details       ? 
_pdbx_entry_details.sequence_details         ? 
# 
loop_
_chem_comp_atom.comp_id 
_chem_comp_atom.atom_id 
_chem_comp_atom.type_symbol 
_chem_comp_atom.pdbx_aromatic_flag 
_chem_comp_atom.pdbx_stereo_config 
_chem_comp_atom.pdbx_ordinal 
ALA N    N N N 1   
ALA CA   C N S 2   
ALA C    C N N 3   
ALA O    O N N 4   
ALA CB   C N N 5   
ALA OXT  O N N 6   
ALA H    H N N 7   
ALA H2   H N N 8   
ALA HA   H N N 9   
ALA HB1  H N N 10  
ALA HB2  H N N 11  
ALA HB3  H N N 12  
ALA HXT  H N N 13  
ARG N    N N N 14  
ARG CA   C N S 15  
ARG C    C N N 16  
ARG O    O N N 17  
ARG CB   C N N 18  
ARG CG   C N N 19  
ARG CD   C N N 20  
ARG NE   N N N 21  
ARG CZ   C N N 22  
ARG NH1  N N N 23  
ARG NH2  N N N 24  
ARG OXT  O N N 25  
ARG H    H N N 26  
ARG H2   H N N 27  
ARG HA   H N N 28  
ARG HB2  H N N 29  
ARG HB3  H N N 30  
ARG HG2  H N N 31  
ARG HG3  H N N 32  
ARG HD2  H N N 33  
ARG HD3  H N N 34  
ARG HE   H N N 35  
ARG HH11 H N N 36  
ARG HH12 H N N 37  
ARG HH21 H N N 38  
ARG HH22 H N N 39  
ARG HXT  H N N 40  
ASN N    N N N 41  
ASN CA   C N S 42  
ASN C    C N N 43  
ASN O    O N N 44  
ASN CB   C N N 45  
ASN CG   C N N 46  
ASN OD1  O N N 47  
ASN ND2  N N N 48  
ASN OXT  O N N 49  
ASN H    H N N 50  
ASN H2   H N N 51  
ASN HA   H N N 52  
ASN HB2  H N N 53  
ASN HB3  H N N 54  
ASN HD21 H N N 55  
ASN HD22 H N N 56  
ASN HXT  H N N 57  
ASP N    N N N 58  
ASP CA   C N S 59  
ASP C    C N N 60  
ASP O    O N N 61  
ASP CB   C N N 62  
ASP CG   C N N 63  
ASP OD1  O N N 64  
ASP OD2  O N N 65  
ASP OXT  O N N 66  
ASP H    H N N 67  
ASP H2   H N N 68  
ASP HA   H N N 69  
ASP HB2  H N N 70  
ASP HB3  H N N 71  
ASP HD2  H N N 72  
ASP HXT  H N N 73  
EDO C1   C N N 74  
EDO O1   O N N 75  
EDO C2   C N N 76  
EDO O2   O N N 77  
EDO H11  H N N 78  
EDO H12  H N N 79  
EDO HO1  H N N 80  
EDO H21  H N N 81  
EDO H22  H N N 82  
EDO HO2  H N N 83  
GLN N    N N N 84  
GLN CA   C N S 85  
GLN C    C N N 86  
GLN O    O N N 87  
GLN CB   C N N 88  
GLN CG   C N N 89  
GLN CD   C N N 90  
GLN OE1  O N N 91  
GLN NE2  N N N 92  
GLN OXT  O N N 93  
GLN H    H N N 94  
GLN H2   H N N 95  
GLN HA   H N N 96  
GLN HB2  H N N 97  
GLN HB3  H N N 98  
GLN HG2  H N N 99  
GLN HG3  H N N 100 
GLN HE21 H N N 101 
GLN HE22 H N N 102 
GLN HXT  H N N 103 
GLU N    N N N 104 
GLU CA   C N S 105 
GLU C    C N N 106 
GLU O    O N N 107 
GLU CB   C N N 108 
GLU CG   C N N 109 
GLU CD   C N N 110 
GLU OE1  O N N 111 
GLU OE2  O N N 112 
GLU OXT  O N N 113 
GLU H    H N N 114 
GLU H2   H N N 115 
GLU HA   H N N 116 
GLU HB2  H N N 117 
GLU HB3  H N N 118 
GLU HG2  H N N 119 
GLU HG3  H N N 120 
GLU HE2  H N N 121 
GLU HXT  H N N 122 
GLY N    N N N 123 
GLY CA   C N N 124 
GLY C    C N N 125 
GLY O    O N N 126 
GLY OXT  O N N 127 
GLY H    H N N 128 
GLY H2   H N N 129 
GLY HA2  H N N 130 
GLY HA3  H N N 131 
GLY HXT  H N N 132 
HIS N    N N N 133 
HIS CA   C N S 134 
HIS C    C N N 135 
HIS O    O N N 136 
HIS CB   C N N 137 
HIS CG   C Y N 138 
HIS ND1  N Y N 139 
HIS CD2  C Y N 140 
HIS CE1  C Y N 141 
HIS NE2  N Y N 142 
HIS OXT  O N N 143 
HIS H    H N N 144 
HIS H2   H N N 145 
HIS HA   H N N 146 
HIS HB2  H N N 147 
HIS HB3  H N N 148 
HIS HD1  H N N 149 
HIS HD2  H N N 150 
HIS HE1  H N N 151 
HIS HE2  H N N 152 
HIS HXT  H N N 153 
HOH O    O N N 154 
HOH H1   H N N 155 
HOH H2   H N N 156 
ILE N    N N N 157 
ILE CA   C N S 158 
ILE C    C N N 159 
ILE O    O N N 160 
ILE CB   C N S 161 
ILE CG1  C N N 162 
ILE CG2  C N N 163 
ILE CD1  C N N 164 
ILE OXT  O N N 165 
ILE H    H N N 166 
ILE H2   H N N 167 
ILE HA   H N N 168 
ILE HB   H N N 169 
ILE HG12 H N N 170 
ILE HG13 H N N 171 
ILE HG21 H N N 172 
ILE HG22 H N N 173 
ILE HG23 H N N 174 
ILE HD11 H N N 175 
ILE HD12 H N N 176 
ILE HD13 H N N 177 
ILE HXT  H N N 178 
LEU N    N N N 179 
LEU CA   C N S 180 
LEU C    C N N 181 
LEU O    O N N 182 
LEU CB   C N N 183 
LEU CG   C N N 184 
LEU CD1  C N N 185 
LEU CD2  C N N 186 
LEU OXT  O N N 187 
LEU H    H N N 188 
LEU H2   H N N 189 
LEU HA   H N N 190 
LEU HB2  H N N 191 
LEU HB3  H N N 192 
LEU HG   H N N 193 
LEU HD11 H N N 194 
LEU HD12 H N N 195 
LEU HD13 H N N 196 
LEU HD21 H N N 197 
LEU HD22 H N N 198 
LEU HD23 H N N 199 
LEU HXT  H N N 200 
LYS N    N N N 201 
LYS CA   C N S 202 
LYS C    C N N 203 
LYS O    O N N 204 
LYS CB   C N N 205 
LYS CG   C N N 206 
LYS CD   C N N 207 
LYS CE   C N N 208 
LYS NZ   N N N 209 
LYS OXT  O N N 210 
LYS H    H N N 211 
LYS H2   H N N 212 
LYS HA   H N N 213 
LYS HB2  H N N 214 
LYS HB3  H N N 215 
LYS HG2  H N N 216 
LYS HG3  H N N 217 
LYS HD2  H N N 218 
LYS HD3  H N N 219 
LYS HE2  H N N 220 
LYS HE3  H N N 221 
LYS HZ1  H N N 222 
LYS HZ2  H N N 223 
LYS HZ3  H N N 224 
LYS HXT  H N N 225 
MET N    N N N 226 
MET CA   C N S 227 
MET C    C N N 228 
MET O    O N N 229 
MET CB   C N N 230 
MET CG   C N N 231 
MET SD   S N N 232 
MET CE   C N N 233 
MET OXT  O N N 234 
MET H    H N N 235 
MET H2   H N N 236 
MET HA   H N N 237 
MET HB2  H N N 238 
MET HB3  H N N 239 
MET HG2  H N N 240 
MET HG3  H N N 241 
MET HE1  H N N 242 
MET HE2  H N N 243 
MET HE3  H N N 244 
MET HXT  H N N 245 
PEG C1   C N N 246 
PEG O1   O N N 247 
PEG C2   C N N 248 
PEG O2   O N N 249 
PEG C3   C N N 250 
PEG C4   C N N 251 
PEG O4   O N N 252 
PEG H11  H N N 253 
PEG H12  H N N 254 
PEG HO1  H N N 255 
PEG H21  H N N 256 
PEG H22  H N N 257 
PEG H31  H N N 258 
PEG H32  H N N 259 
PEG H41  H N N 260 
PEG H42  H N N 261 
PEG HO4  H N N 262 
PHE N    N N N 263 
PHE CA   C N S 264 
PHE C    C N N 265 
PHE O    O N N 266 
PHE CB   C N N 267 
PHE CG   C Y N 268 
PHE CD1  C Y N 269 
PHE CD2  C Y N 270 
PHE CE1  C Y N 271 
PHE CE2  C Y N 272 
PHE CZ   C Y N 273 
PHE OXT  O N N 274 
PHE H    H N N 275 
PHE H2   H N N 276 
PHE HA   H N N 277 
PHE HB2  H N N 278 
PHE HB3  H N N 279 
PHE HD1  H N N 280 
PHE HD2  H N N 281 
PHE HE1  H N N 282 
PHE HE2  H N N 283 
PHE HZ   H N N 284 
PHE HXT  H N N 285 
PRO N    N N N 286 
PRO CA   C N S 287 
PRO C    C N N 288 
PRO O    O N N 289 
PRO CB   C N N 290 
PRO CG   C N N 291 
PRO CD   C N N 292 
PRO OXT  O N N 293 
PRO H    H N N 294 
PRO HA   H N N 295 
PRO HB2  H N N 296 
PRO HB3  H N N 297 
PRO HG2  H N N 298 
PRO HG3  H N N 299 
PRO HD2  H N N 300 
PRO HD3  H N N 301 
PRO HXT  H N N 302 
SER N    N N N 303 
SER CA   C N S 304 
SER C    C N N 305 
SER O    O N N 306 
SER CB   C N N 307 
SER OG   O N N 308 
SER OXT  O N N 309 
SER H    H N N 310 
SER H2   H N N 311 
SER HA   H N N 312 
SER HB2  H N N 313 
SER HB3  H N N 314 
SER HG   H N N 315 
SER HXT  H N N 316 
THR N    N N N 317 
THR CA   C N S 318 
THR C    C N N 319 
THR O    O N N 320 
THR CB   C N R 321 
THR OG1  O N N 322 
THR CG2  C N N 323 
THR OXT  O N N 324 
THR H    H N N 325 
THR H2   H N N 326 
THR HA   H N N 327 
THR HB   H N N 328 
THR HG1  H N N 329 
THR HG21 H N N 330 
THR HG22 H N N 331 
THR HG23 H N N 332 
THR HXT  H N N 333 
TRP N    N N N 334 
TRP CA   C N S 335 
TRP C    C N N 336 
TRP O    O N N 337 
TRP CB   C N N 338 
TRP CG   C Y N 339 
TRP CD1  C Y N 340 
TRP CD2  C Y N 341 
TRP NE1  N Y N 342 
TRP CE2  C Y N 343 
TRP CE3  C Y N 344 
TRP CZ2  C Y N 345 
TRP CZ3  C Y N 346 
TRP CH2  C Y N 347 
TRP OXT  O N N 348 
TRP H    H N N 349 
TRP H2   H N N 350 
TRP HA   H N N 351 
TRP HB2  H N N 352 
TRP HB3  H N N 353 
TRP HD1  H N N 354 
TRP HE1  H N N 355 
TRP HE3  H N N 356 
TRP HZ2  H N N 357 
TRP HZ3  H N N 358 
TRP HH2  H N N 359 
TRP HXT  H N N 360 
TYR N    N N N 361 
TYR CA   C N S 362 
TYR C    C N N 363 
TYR O    O N N 364 
TYR CB   C N N 365 
TYR CG   C Y N 366 
TYR CD1  C Y N 367 
TYR CD2  C Y N 368 
TYR CE1  C Y N 369 
TYR CE2  C Y N 370 
TYR CZ   C Y N 371 
TYR OH   O N N 372 
TYR OXT  O N N 373 
TYR H    H N N 374 
TYR H2   H N N 375 
TYR HA   H N N 376 
TYR HB2  H N N 377 
TYR HB3  H N N 378 
TYR HD1  H N N 379 
TYR HD2  H N N 380 
TYR HE1  H N N 381 
TYR HE2  H N N 382 
TYR HH   H N N 383 
TYR HXT  H N N 384 
VAL N    N N N 385 
VAL CA   C N S 386 
VAL C    C N N 387 
VAL O    O N N 388 
VAL CB   C N N 389 
VAL CG1  C N N 390 
VAL CG2  C N N 391 
VAL OXT  O N N 392 
VAL H    H N N 393 
VAL H2   H N N 394 
VAL HA   H N N 395 
VAL HB   H N N 396 
VAL HG11 H N N 397 
VAL HG12 H N N 398 
VAL HG13 H N N 399 
VAL HG21 H N N 400 
VAL HG22 H N N 401 
VAL HG23 H N N 402 
VAL HXT  H N N 403 
# 
loop_
_chem_comp_bond.comp_id 
_chem_comp_bond.atom_id_1 
_chem_comp_bond.atom_id_2 
_chem_comp_bond.value_order 
_chem_comp_bond.pdbx_aromatic_flag 
_chem_comp_bond.pdbx_stereo_config 
_chem_comp_bond.pdbx_ordinal 
ALA N   CA   sing N N 1   
ALA N   H    sing N N 2   
ALA N   H2   sing N N 3   
ALA CA  C    sing N N 4   
ALA CA  CB   sing N N 5   
ALA CA  HA   sing N N 6   
ALA C   O    doub N N 7   
ALA C   OXT  sing N N 8   
ALA CB  HB1  sing N N 9   
ALA CB  HB2  sing N N 10  
ALA CB  HB3  sing N N 11  
ALA OXT HXT  sing N N 12  
ARG N   CA   sing N N 13  
ARG N   H    sing N N 14  
ARG N   H2   sing N N 15  
ARG CA  C    sing N N 16  
ARG CA  CB   sing N N 17  
ARG CA  HA   sing N N 18  
ARG C   O    doub N N 19  
ARG C   OXT  sing N N 20  
ARG CB  CG   sing N N 21  
ARG CB  HB2  sing N N 22  
ARG CB  HB3  sing N N 23  
ARG CG  CD   sing N N 24  
ARG CG  HG2  sing N N 25  
ARG CG  HG3  sing N N 26  
ARG CD  NE   sing N N 27  
ARG CD  HD2  sing N N 28  
ARG CD  HD3  sing N N 29  
ARG NE  CZ   sing N N 30  
ARG NE  HE   sing N N 31  
ARG CZ  NH1  sing N N 32  
ARG CZ  NH2  doub N N 33  
ARG NH1 HH11 sing N N 34  
ARG NH1 HH12 sing N N 35  
ARG NH2 HH21 sing N N 36  
ARG NH2 HH22 sing N N 37  
ARG OXT HXT  sing N N 38  
ASN N   CA   sing N N 39  
ASN N   H    sing N N 40  
ASN N   H2   sing N N 41  
ASN CA  C    sing N N 42  
ASN CA  CB   sing N N 43  
ASN CA  HA   sing N N 44  
ASN C   O    doub N N 45  
ASN C   OXT  sing N N 46  
ASN CB  CG   sing N N 47  
ASN CB  HB2  sing N N 48  
ASN CB  HB3  sing N N 49  
ASN CG  OD1  doub N N 50  
ASN CG  ND2  sing N N 51  
ASN ND2 HD21 sing N N 52  
ASN ND2 HD22 sing N N 53  
ASN OXT HXT  sing N N 54  
ASP N   CA   sing N N 55  
ASP N   H    sing N N 56  
ASP N   H2   sing N N 57  
ASP CA  C    sing N N 58  
ASP CA  CB   sing N N 59  
ASP CA  HA   sing N N 60  
ASP C   O    doub N N 61  
ASP C   OXT  sing N N 62  
ASP CB  CG   sing N N 63  
ASP CB  HB2  sing N N 64  
ASP CB  HB3  sing N N 65  
ASP CG  OD1  doub N N 66  
ASP CG  OD2  sing N N 67  
ASP OD2 HD2  sing N N 68  
ASP OXT HXT  sing N N 69  
EDO C1  O1   sing N N 70  
EDO C1  C2   sing N N 71  
EDO C1  H11  sing N N 72  
EDO C1  H12  sing N N 73  
EDO O1  HO1  sing N N 74  
EDO C2  O2   sing N N 75  
EDO C2  H21  sing N N 76  
EDO C2  H22  sing N N 77  
EDO O2  HO2  sing N N 78  
GLN N   CA   sing N N 79  
GLN N   H    sing N N 80  
GLN N   H2   sing N N 81  
GLN CA  C    sing N N 82  
GLN CA  CB   sing N N 83  
GLN CA  HA   sing N N 84  
GLN C   O    doub N N 85  
GLN C   OXT  sing N N 86  
GLN CB  CG   sing N N 87  
GLN CB  HB2  sing N N 88  
GLN CB  HB3  sing N N 89  
GLN CG  CD   sing N N 90  
GLN CG  HG2  sing N N 91  
GLN CG  HG3  sing N N 92  
GLN CD  OE1  doub N N 93  
GLN CD  NE2  sing N N 94  
GLN NE2 HE21 sing N N 95  
GLN NE2 HE22 sing N N 96  
GLN OXT HXT  sing N N 97  
GLU N   CA   sing N N 98  
GLU N   H    sing N N 99  
GLU N   H2   sing N N 100 
GLU CA  C    sing N N 101 
GLU CA  CB   sing N N 102 
GLU CA  HA   sing N N 103 
GLU C   O    doub N N 104 
GLU C   OXT  sing N N 105 
GLU CB  CG   sing N N 106 
GLU CB  HB2  sing N N 107 
GLU CB  HB3  sing N N 108 
GLU CG  CD   sing N N 109 
GLU CG  HG2  sing N N 110 
GLU CG  HG3  sing N N 111 
GLU CD  OE1  doub N N 112 
GLU CD  OE2  sing N N 113 
GLU OE2 HE2  sing N N 114 
GLU OXT HXT  sing N N 115 
GLY N   CA   sing N N 116 
GLY N   H    sing N N 117 
GLY N   H2   sing N N 118 
GLY CA  C    sing N N 119 
GLY CA  HA2  sing N N 120 
GLY CA  HA3  sing N N 121 
GLY C   O    doub N N 122 
GLY C   OXT  sing N N 123 
GLY OXT HXT  sing N N 124 
HIS N   CA   sing N N 125 
HIS N   H    sing N N 126 
HIS N   H2   sing N N 127 
HIS CA  C    sing N N 128 
HIS CA  CB   sing N N 129 
HIS CA  HA   sing N N 130 
HIS C   O    doub N N 131 
HIS C   OXT  sing N N 132 
HIS CB  CG   sing N N 133 
HIS CB  HB2  sing N N 134 
HIS CB  HB3  sing N N 135 
HIS CG  ND1  sing Y N 136 
HIS CG  CD2  doub Y N 137 
HIS ND1 CE1  doub Y N 138 
HIS ND1 HD1  sing N N 139 
HIS CD2 NE2  sing Y N 140 
HIS CD2 HD2  sing N N 141 
HIS CE1 NE2  sing Y N 142 
HIS CE1 HE1  sing N N 143 
HIS NE2 HE2  sing N N 144 
HIS OXT HXT  sing N N 145 
HOH O   H1   sing N N 146 
HOH O   H2   sing N N 147 
ILE N   CA   sing N N 148 
ILE N   H    sing N N 149 
ILE N   H2   sing N N 150 
ILE CA  C    sing N N 151 
ILE CA  CB   sing N N 152 
ILE CA  HA   sing N N 153 
ILE C   O    doub N N 154 
ILE C   OXT  sing N N 155 
ILE CB  CG1  sing N N 156 
ILE CB  CG2  sing N N 157 
ILE CB  HB   sing N N 158 
ILE CG1 CD1  sing N N 159 
ILE CG1 HG12 sing N N 160 
ILE CG1 HG13 sing N N 161 
ILE CG2 HG21 sing N N 162 
ILE CG2 HG22 sing N N 163 
ILE CG2 HG23 sing N N 164 
ILE CD1 HD11 sing N N 165 
ILE CD1 HD12 sing N N 166 
ILE CD1 HD13 sing N N 167 
ILE OXT HXT  sing N N 168 
LEU N   CA   sing N N 169 
LEU N   H    sing N N 170 
LEU N   H2   sing N N 171 
LEU CA  C    sing N N 172 
LEU CA  CB   sing N N 173 
LEU CA  HA   sing N N 174 
LEU C   O    doub N N 175 
LEU C   OXT  sing N N 176 
LEU CB  CG   sing N N 177 
LEU CB  HB2  sing N N 178 
LEU CB  HB3  sing N N 179 
LEU CG  CD1  sing N N 180 
LEU CG  CD2  sing N N 181 
LEU CG  HG   sing N N 182 
LEU CD1 HD11 sing N N 183 
LEU CD1 HD12 sing N N 184 
LEU CD1 HD13 sing N N 185 
LEU CD2 HD21 sing N N 186 
LEU CD2 HD22 sing N N 187 
LEU CD2 HD23 sing N N 188 
LEU OXT HXT  sing N N 189 
LYS N   CA   sing N N 190 
LYS N   H    sing N N 191 
LYS N   H2   sing N N 192 
LYS CA  C    sing N N 193 
LYS CA  CB   sing N N 194 
LYS CA  HA   sing N N 195 
LYS C   O    doub N N 196 
LYS C   OXT  sing N N 197 
LYS CB  CG   sing N N 198 
LYS CB  HB2  sing N N 199 
LYS CB  HB3  sing N N 200 
LYS CG  CD   sing N N 201 
LYS CG  HG2  sing N N 202 
LYS CG  HG3  sing N N 203 
LYS CD  CE   sing N N 204 
LYS CD  HD2  sing N N 205 
LYS CD  HD3  sing N N 206 
LYS CE  NZ   sing N N 207 
LYS CE  HE2  sing N N 208 
LYS CE  HE3  sing N N 209 
LYS NZ  HZ1  sing N N 210 
LYS NZ  HZ2  sing N N 211 
LYS NZ  HZ3  sing N N 212 
LYS OXT HXT  sing N N 213 
MET N   CA   sing N N 214 
MET N   H    sing N N 215 
MET N   H2   sing N N 216 
MET CA  C    sing N N 217 
MET CA  CB   sing N N 218 
MET CA  HA   sing N N 219 
MET C   O    doub N N 220 
MET C   OXT  sing N N 221 
MET CB  CG   sing N N 222 
MET CB  HB2  sing N N 223 
MET CB  HB3  sing N N 224 
MET CG  SD   sing N N 225 
MET CG  HG2  sing N N 226 
MET CG  HG3  sing N N 227 
MET SD  CE   sing N N 228 
MET CE  HE1  sing N N 229 
MET CE  HE2  sing N N 230 
MET CE  HE3  sing N N 231 
MET OXT HXT  sing N N 232 
PEG C1  O1   sing N N 233 
PEG C1  C2   sing N N 234 
PEG C1  H11  sing N N 235 
PEG C1  H12  sing N N 236 
PEG O1  HO1  sing N N 237 
PEG C2  O2   sing N N 238 
PEG C2  H21  sing N N 239 
PEG C2  H22  sing N N 240 
PEG O2  C3   sing N N 241 
PEG C3  C4   sing N N 242 
PEG C3  H31  sing N N 243 
PEG C3  H32  sing N N 244 
PEG C4  O4   sing N N 245 
PEG C4  H41  sing N N 246 
PEG C4  H42  sing N N 247 
PEG O4  HO4  sing N N 248 
PHE N   CA   sing N N 249 
PHE N   H    sing N N 250 
PHE N   H2   sing N N 251 
PHE CA  C    sing N N 252 
PHE CA  CB   sing N N 253 
PHE CA  HA   sing N N 254 
PHE C   O    doub N N 255 
PHE C   OXT  sing N N 256 
PHE CB  CG   sing N N 257 
PHE CB  HB2  sing N N 258 
PHE CB  HB3  sing N N 259 
PHE CG  CD1  doub Y N 260 
PHE CG  CD2  sing Y N 261 
PHE CD1 CE1  sing Y N 262 
PHE CD1 HD1  sing N N 263 
PHE CD2 CE2  doub Y N 264 
PHE CD2 HD2  sing N N 265 
PHE CE1 CZ   doub Y N 266 
PHE CE1 HE1  sing N N 267 
PHE CE2 CZ   sing Y N 268 
PHE CE2 HE2  sing N N 269 
PHE CZ  HZ   sing N N 270 
PHE OXT HXT  sing N N 271 
PRO N   CA   sing N N 272 
PRO N   CD   sing N N 273 
PRO N   H    sing N N 274 
PRO CA  C    sing N N 275 
PRO CA  CB   sing N N 276 
PRO CA  HA   sing N N 277 
PRO C   O    doub N N 278 
PRO C   OXT  sing N N 279 
PRO CB  CG   sing N N 280 
PRO CB  HB2  sing N N 281 
PRO CB  HB3  sing N N 282 
PRO CG  CD   sing N N 283 
PRO CG  HG2  sing N N 284 
PRO CG  HG3  sing N N 285 
PRO CD  HD2  sing N N 286 
PRO CD  HD3  sing N N 287 
PRO OXT HXT  sing N N 288 
SER N   CA   sing N N 289 
SER N   H    sing N N 290 
SER N   H2   sing N N 291 
SER CA  C    sing N N 292 
SER CA  CB   sing N N 293 
SER CA  HA   sing N N 294 
SER C   O    doub N N 295 
SER C   OXT  sing N N 296 
SER CB  OG   sing N N 297 
SER CB  HB2  sing N N 298 
SER CB  HB3  sing N N 299 
SER OG  HG   sing N N 300 
SER OXT HXT  sing N N 301 
THR N   CA   sing N N 302 
THR N   H    sing N N 303 
THR N   H2   sing N N 304 
THR CA  C    sing N N 305 
THR CA  CB   sing N N 306 
THR CA  HA   sing N N 307 
THR C   O    doub N N 308 
THR C   OXT  sing N N 309 
THR CB  OG1  sing N N 310 
THR CB  CG2  sing N N 311 
THR CB  HB   sing N N 312 
THR OG1 HG1  sing N N 313 
THR CG2 HG21 sing N N 314 
THR CG2 HG22 sing N N 315 
THR CG2 HG23 sing N N 316 
THR OXT HXT  sing N N 317 
TRP N   CA   sing N N 318 
TRP N   H    sing N N 319 
TRP N   H2   sing N N 320 
TRP CA  C    sing N N 321 
TRP CA  CB   sing N N 322 
TRP CA  HA   sing N N 323 
TRP C   O    doub N N 324 
TRP C   OXT  sing N N 325 
TRP CB  CG   sing N N 326 
TRP CB  HB2  sing N N 327 
TRP CB  HB3  sing N N 328 
TRP CG  CD1  doub Y N 329 
TRP CG  CD2  sing Y N 330 
TRP CD1 NE1  sing Y N 331 
TRP CD1 HD1  sing N N 332 
TRP CD2 CE2  doub Y N 333 
TRP CD2 CE3  sing Y N 334 
TRP NE1 CE2  sing Y N 335 
TRP NE1 HE1  sing N N 336 
TRP CE2 CZ2  sing Y N 337 
TRP CE3 CZ3  doub Y N 338 
TRP CE3 HE3  sing N N 339 
TRP CZ2 CH2  doub Y N 340 
TRP CZ2 HZ2  sing N N 341 
TRP CZ3 CH2  sing Y N 342 
TRP CZ3 HZ3  sing N N 343 
TRP CH2 HH2  sing N N 344 
TRP OXT HXT  sing N N 345 
TYR N   CA   sing N N 346 
TYR N   H    sing N N 347 
TYR N   H2   sing N N 348 
TYR CA  C    sing N N 349 
TYR CA  CB   sing N N 350 
TYR CA  HA   sing N N 351 
TYR C   O    doub N N 352 
TYR C   OXT  sing N N 353 
TYR CB  CG   sing N N 354 
TYR CB  HB2  sing N N 355 
TYR CB  HB3  sing N N 356 
TYR CG  CD1  doub Y N 357 
TYR CG  CD2  sing Y N 358 
TYR CD1 CE1  sing Y N 359 
TYR CD1 HD1  sing N N 360 
TYR CD2 CE2  doub Y N 361 
TYR CD2 HD2  sing N N 362 
TYR CE1 CZ   doub Y N 363 
TYR CE1 HE1  sing N N 364 
TYR CE2 CZ   sing Y N 365 
TYR CE2 HE2  sing N N 366 
TYR CZ  OH   sing N N 367 
TYR OH  HH   sing N N 368 
TYR OXT HXT  sing N N 369 
VAL N   CA   sing N N 370 
VAL N   H    sing N N 371 
VAL N   H2   sing N N 372 
VAL CA  C    sing N N 373 
VAL CA  CB   sing N N 374 
VAL CA  HA   sing N N 375 
VAL C   O    doub N N 376 
VAL C   OXT  sing N N 377 
VAL CB  CG1  sing N N 378 
VAL CB  CG2  sing N N 379 
VAL CB  HB   sing N N 380 
VAL CG1 HG11 sing N N 381 
VAL CG1 HG12 sing N N 382 
VAL CG1 HG13 sing N N 383 
VAL CG2 HG21 sing N N 384 
VAL CG2 HG22 sing N N 385 
VAL CG2 HG23 sing N N 386 
VAL OXT HXT  sing N N 387 
# 
_pdbx_audit_support.funding_organization   'Not funded' 
_pdbx_audit_support.country                ? 
_pdbx_audit_support.grant_number           ? 
_pdbx_audit_support.ordinal                1 
# 
loop_
_pdbx_entity_instance_feature.ordinal 
_pdbx_entity_instance_feature.comp_id 
_pdbx_entity_instance_feature.asym_id 
_pdbx_entity_instance_feature.seq_num 
_pdbx_entity_instance_feature.auth_comp_id 
_pdbx_entity_instance_feature.auth_asym_id 
_pdbx_entity_instance_feature.auth_seq_num 
_pdbx_entity_instance_feature.feature_type 
_pdbx_entity_instance_feature.details 
1 EDO ? ? EDO ? ? 'SUBJECT OF INVESTIGATION' ? 
2 PEG ? ? PEG ? ? 'SUBJECT OF INVESTIGATION' ? 
# 
_pdbx_initial_refinement_model.id               1 
_pdbx_initial_refinement_model.entity_id_list   ? 
_pdbx_initial_refinement_model.type             'experimental model' 
_pdbx_initial_refinement_model.source_name      PDB 
_pdbx_initial_refinement_model.accession_code   6EDW 
_pdbx_initial_refinement_model.details          ? 
# 
_atom_sites.entry_id                    8G8K 
_atom_sites.Cartn_transf_matrix[1][1]   ? 
_atom_sites.Cartn_transf_matrix[1][2]   ? 
_atom_sites.Cartn_transf_matrix[1][3]   ? 
_atom_sites.Cartn_transf_matrix[2][1]   ? 
_atom_sites.Cartn_transf_matrix[2][2]   ? 
_atom_sites.Cartn_transf_matrix[2][3]   ? 
_atom_sites.Cartn_transf_matrix[3][1]   ? 
_atom_sites.Cartn_transf_matrix[3][2]   ? 
_atom_sites.Cartn_transf_matrix[3][3]   ? 
_atom_sites.Cartn_transf_vector[1]      ? 
_atom_sites.Cartn_transf_vector[2]      ? 
_atom_sites.Cartn_transf_vector[3]      ? 
_atom_sites.fract_transf_matrix[1][1]   0.00538095 
_atom_sites.fract_transf_matrix[1][2]   -0.00869087 
_atom_sites.fract_transf_matrix[1][3]   -0.00553037 
_atom_sites.fract_transf_matrix[2][1]   0.00778942 
_atom_sites.fract_transf_matrix[2][2]   -0.00065020 
_atom_sites.fract_transf_matrix[2][3]   0.00860076 
_atom_sites.fract_transf_matrix[3][1]   -0.00788248 
_atom_sites.fract_transf_matrix[3][2]   -0.00899072 
_atom_sites.fract_transf_matrix[3][3]   0.00645922 
_atom_sites.fract_transf_vector[1]      0.267173 
_atom_sites.fract_transf_vector[2]      -0.002763 
_atom_sites.fract_transf_vector[3]      0.165425 
_atom_sites.solution_primary            ? 
_atom_sites.solution_secondary          ? 
_atom_sites.solution_hydrogens          ? 
_atom_sites.special_details             ? 
# 
loop_
_atom_type.symbol 
_atom_type.pdbx_scat_Z 
_atom_type.pdbx_N_electrons 
_atom_type.scat_Cromer_Mann_a1 
_atom_type.scat_Cromer_Mann_b1 
_atom_type.scat_Cromer_Mann_a2 
_atom_type.scat_Cromer_Mann_b2 
_atom_type.scat_Cromer_Mann_a3 
_atom_type.scat_Cromer_Mann_b3 
_atom_type.scat_Cromer_Mann_a4 
_atom_type.scat_Cromer_Mann_b4 
_atom_type.scat_Cromer_Mann_c 
C 6  6  2.3103  20.8439 1.0201 10.2075 1.5888 0.5687  0.8651 51.6512 0.2156   
H 1  1  0.4930  10.5109 0.3229 26.1257 0.1402 3.1424  0.0408 57.7997 0.0030   
N 7  7  12.2220 0.0057  3.1346 9.8933  2.0141 28.9975 1.1672 0.5826  -11.5379 
O 8  8  3.0487  13.2771 2.2870 5.7011  1.5464 0.3239  0.8671 32.9089 0.2508   
S 16 16 6.9054  1.4679  5.2035 22.2151 1.4379 0.2536  1.5863 56.1720 1.0421   
# 
loop_
_atom_site.group_PDB 
_atom_site.id 
_atom_site.type_symbol 
_atom_site.label_atom_id 
_atom_site.label_alt_id 
_atom_site.label_comp_id 
_atom_site.label_asym_id 
_atom_site.label_entity_id 
_atom_site.label_seq_id 
_atom_site.pdbx_PDB_ins_code 
_atom_site.Cartn_x 
_atom_site.Cartn_y 
_atom_site.Cartn_z 
_atom_site.occupancy 
_atom_site.B_iso_or_equiv 
_atom_site.pdbx_formal_charge 
_atom_site.auth_seq_id 
_atom_site.auth_comp_id 
_atom_site.auth_asym_id 
_atom_site.auth_atom_id 
_atom_site.pdbx_PDB_model_num 
_atom_site.calc_flag 
ATOM   1    N N   . GLU A 1 1   ? 4.623   9.929   14.228  1.000 69.084 0 5   GLU A N   1 ? 
ATOM   2    C CA  . GLU A 1 1   ? 4.542   10.547  12.873  1.000 72.179 0 5   GLU A CA  1 ? 
ATOM   3    C C   . GLU A 1 1   ? 5.314   9.645   11.904  1.000 64.425 0 5   GLU A C   1 ? 
ATOM   4    O O   . GLU A 1 1   ? 6.436   9.238   12.206  1.000 65.808 0 5   GLU A O   1 ? 
ATOM   5    C CB  . GLU A 1 1   ? 5.018   12.004  12.932  1.000 73.917 0 5   GLU A CB  1 ? 
ATOM   6    C CG  . GLU A 1 1   ? 4.966   12.712  11.599  1.000 77.228 0 5   GLU A CG  1 ? 
ATOM   7    C CD  . GLU A 1 1   ? 3.808   12.234  10.743  1.000 80.547 0 5   GLU A CD  1 ? 
ATOM   8    O OE1 . GLU A 1 1   ? 2.673   12.396  11.176  1.000 84.818 0 5   GLU A OE1 1 ? 
ATOM   9    O OE2 . GLU A 1 1   ? 4.053   11.638  9.686   1.000 84.570 0 5   GLU A OE2 1 ? 
ATOM   10   N N   . VAL A 1 2   ? 4.649   9.216   10.816  1.000 44.843 0 6   VAL A N   1 ? 
ATOM   11   C CA  . VAL A 1 2   ? 5.206   8.198   9.944   1.000 34.439 0 6   VAL A CA  1 ? 
ATOM   12   C C   . VAL A 1 2   ? 5.686   8.881   8.675   1.000 30.733 0 6   VAL A C   1 ? 
ATOM   13   O O   . VAL A 1 2   ? 4.897   9.252   7.818   1.000 31.572 0 6   VAL A O   1 ? 
ATOM   14   C CB  . VAL A 1 2   ? 4.163   7.092   9.640   1.000 30.061 0 6   VAL A CB  1 ? 
ATOM   15   C CG1 . VAL A 1 2   ? 4.708   6.054   8.677   1.000 35.407 0 6   VAL A CG1 1 ? 
ATOM   16   C CG2 . VAL A 1 2   ? 3.670   6.421   10.913  1.000 30.823 0 6   VAL A CG2 1 ? 
ATOM   17   N N   . PRO A 1 3   ? 7.011   9.044   8.472   1.000 28.865 0 7   PRO A N   1 ? 
ATOM   18   C CA  . PRO A 1 3   ? 7.511   9.780   7.322   1.000 28.778 0 7   PRO A CA  1 ? 
ATOM   19   C C   . PRO A 1 3   ? 7.499   8.962   6.022   1.000 23.769 0 7   PRO A C   1 ? 
ATOM   20   O O   . PRO A 1 3   ? 7.627   7.723   6.068   1.000 26.368 0 7   PRO A O   1 ? 
ATOM   21   C CB  . PRO A 1 3   ? 8.958   10.129  7.748   1.000 28.989 0 7   PRO A CB  1 ? 
ATOM   22   C CG  . PRO A 1 3   ? 9.354   8.975   8.629   1.000 32.707 0 7   PRO A CG  1 ? 
ATOM   23   C CD  . PRO A 1 3   ? 8.077   8.559   9.364   1.000 33.175 0 7   PRO A CD  1 ? 
ATOM   24   N N   . ARG A 1 4   ? 7.462   9.682   4.904   1.000 25.213 0 8   ARG A N   1 ? 
ATOM   25   C CA  . ARG A 1 4   ? 7.658   9.074   3.571   1.000 25.244 0 8   ARG A CA  1 ? 
ATOM   26   C C   . ARG A 1 4   ? 8.996   8.338   3.498   1.000 28.206 0 8   ARG A C   1 ? 
ATOM   27   O O   . ARG A 1 4   ? 9.133   7.302   2.831   1.000 25.791 0 8   ARG A O   1 ? 
ATOM   28   C CB  . ARG A 1 4   ? 7.519   10.116  2.466   1.000 27.496 0 8   ARG A CB  1 ? 
ATOM   29   C CG  . ARG A 1 4   ? 6.106   10.695  2.371   1.000 28.928 0 8   ARG A CG  1 ? 
ATOM   30   C CD  . ARG A 1 4   ? 6.049   11.784  1.319   1.000 34.026 0 8   ARG A CD  1 ? 
ATOM   31   N NE  . ARG A 1 4   ? 6.801   12.951  1.760   1.000 36.607 0 8   ARG A NE  1 ? 
ATOM   32   C CZ  . ARG A 1 4   ? 8.035   13.251  1.362   1.000 43.394 0 8   ARG A CZ  1 ? 
ATOM   33   N NH1 . ARG A 1 4   ? 8.706   12.497  0.496   1.000 44.124 0 8   ARG A NH1 1 ? 
ATOM   34   N NH2 . ARG A 1 4   ? 8.638   14.299  1.901   1.000 47.457 0 8   ARG A NH2 1 ? 
ATOM   35   N N   . LYS A 1 5   ? 10.007  8.863   4.204   1.000 26.927 0 9   LYS A N   1 ? 
ATOM   36   C CA  . LYS A 1 5   ? 11.329  8.281   4.187   1.000 25.044 0 9   LYS A CA  1 ? 
ATOM   37   C C   . LYS A 1 5   ? 11.319  6.823   4.611   1.000 24.289 0 9   LYS A C   1 ? 
ATOM   38   O O   . LYS A 1 5   ? 12.164  6.056   4.154   1.000 26.834 0 9   LYS A O   1 ? 
ATOM   39   C CB  . LYS A 1 5   ? 12.218  9.158   5.088   1.000 28.891 0 9   LYS A CB  1 ? 
ATOM   40   C CG  . LYS A 1 5   ? 13.659  8.709   5.208   1.000 32.546 0 9   LYS A CG  1 ? 
ATOM   41   C CD  . LYS A 1 5   ? 14.412  8.799   3.915   1.000 33.831 0 9   LYS A CD  1 ? 
ATOM   42   C CE  . LYS A 1 5   ? 15.922  8.793   4.121   1.000 36.438 0 9   LYS A CE  1 ? 
ATOM   43   N NZ  . LYS A 1 5   ? 16.429  7.490   4.560   1.000 34.274 0 9   LYS A NZ  1 ? 
ATOM   44   N N   . LEU A 1 6   ? 10.425  6.417   5.511   1.000 24.165 0 10  LEU A N   1 ? 
ATOM   45   C CA  . LEU A 1 6   ? 10.328  5.029   5.916   1.000 22.889 0 10  LEU A CA  1 ? 
ATOM   46   C C   . LEU A 1 6   ? 10.018  4.119   4.717   1.000 22.552 0 10  LEU A C   1 ? 
ATOM   47   O O   . LEU A 1 6   ? 10.689  3.094   4.541   1.000 22.707 0 10  LEU A O   1 ? 
ATOM   48   C CB  . LEU A 1 6   ? 9.213   4.909   6.955   1.000 24.197 0 10  LEU A CB  1 ? 
ATOM   49   C CG  . LEU A 1 6   ? 8.988   3.519   7.512   1.000 25.452 0 10  LEU A CG  1 ? 
ATOM   50   C CD1 . LEU A 1 6   ? 10.232  2.938   8.171   1.000 27.277 0 10  LEU A CD1 1 ? 
ATOM   51   C CD2 . LEU A 1 6   ? 7.814   3.519   8.473   1.000 28.577 0 10  LEU A CD2 1 ? 
ATOM   52   N N   . LEU A 1 7   ? 9.028   4.524   3.894   1.000 22.102 0 11  LEU A N   1 ? 
ATOM   53   C CA  . LEU A 1 7   ? 8.744   3.736   2.686   1.000 22.024 0 11  LEU A CA  1 ? 
ATOM   54   C C   . LEU A 1 7   ? 9.913   3.785   1.721   1.000 21.581 0 11  LEU A C   1 ? 
ATOM   55   O O   . LEU A 1 7   ? 10.217  2.778   1.079   1.000 22.043 0 11  LEU A O   1 ? 
ATOM   56   C CB  . LEU A 1 7   ? 7.441   4.206   2.047   1.000 21.073 0 11  LEU A CB  1 ? 
ATOM   57   C CG  . LEU A 1 7   ? 6.985   3.483   0.780   1.000 20.718 0 11  LEU A CG  1 ? 
ATOM   58   C CD1 . LEU A 1 7   ? 6.885   1.994   0.948   1.000 20.747 0 11  LEU A CD1 1 ? 
ATOM   59   C CD2 . LEU A 1 7   ? 5.630   4.049   0.322   1.000 21.046 0 11  LEU A CD2 1 ? 
ATOM   60   N N   . GLU A 1 8   ? 10.600  4.935   1.648   1.000 22.288 0 12  GLU A N   1 ? 
ATOM   61   C CA  . GLU A 1 8   ? 11.748  5.043   0.753   1.000 22.330 0 12  GLU A CA  1 ? 
ATOM   62   C C   . GLU A 1 8   ? 12.846  4.076   1.199   1.000 22.840 0 12  GLU A C   1 ? 
ATOM   63   O O   . GLU A 1 8   ? 13.533  3.483   0.365   1.000 21.921 0 12  GLU A O   1 ? 
ATOM   64   C CB  . GLU A 1 8   ? 12.249  6.478   0.671   1.000 22.938 0 12  GLU A CB  1 ? 
ATOM   65   C CG  . GLU A 1 8   ? 11.273  7.388   -0.036  1.000 23.964 0 12  GLU A CG  1 ? 
ATOM   66   C CD  . GLU A 1 8   ? 11.580  8.864   -0.040  1.000 26.329 0 12  GLU A CD  1 ? 
ATOM   67   O OE1 . GLU A 1 8   ? 12.360  9.279   0.878   1.000 29.850 0 12  GLU A OE1 1 ? 
ATOM   68   O OE2 . GLU A 1 8   ? 11.011  9.604   -0.895  1.000 25.486 0 12  GLU A OE2 1 ? 
ATOM   69   N N   . GLU A 1 9   ? 13.020  3.875   2.510   1.000 22.477 0 13  GLU A N   1 ? 
ATOM   70   C CA  . GLU A 1 9   ? 14.015  2.938   3.018   1.000 22.679 0 13  GLU A CA  1 ? 
ATOM   71   C C   . GLU A 1 9   ? 13.657  1.502   2.663   1.000 21.785 0 13  GLU A C   1 ? 
ATOM   72   O O   . GLU A 1 9   ? 14.459  0.717   2.206   1.000 21.801 0 13  GLU A O   1 ? 
ATOM   73   C CB  . GLU A 1 9   ? 14.209  3.074   4.535   1.000 24.294 0 13  GLU A CB  1 ? 
ATOM   74   C CG  . GLU A 1 9   ? 14.858  4.397   4.846   1.000 26.764 0 13  GLU A CG  1 ? 
ATOM   75   C CD  . GLU A 1 9   ? 14.805  4.777   6.312   1.000 36.641 0 13  GLU A CD  1 ? 
ATOM   76   O OE1 . GLU A 1 9   ? 14.224  4.036   7.101   1.000 35.871 0 13  GLU A OE1 1 ? 
ATOM   77   O OE2 . GLU A 1 9   ? 15.311  5.875   6.623   1.000 37.343 0 13  GLU A OE2 1 ? 
ATOM   78   N N   . TRP A 1 10  ? 12.348  1.175   2.815   1.000 20.431 0 14  TRP A N   1 ? 
ATOM   79   C CA  . TRP A 1 10  ? 11.896  -0.127  2.391   1.000 20.459 0 14  TRP A CA  1 ? 
ATOM   80   C C   . TRP A 1 10  ? 12.155  -0.335  0.899   1.000 17.908 0 14  TRP A C   1 ? 
ATOM   81   O O   . TRP A 1 10  ? 12.519  -1.439  0.494   1.000 20.201 0 14  TRP A O   1 ? 
ATOM   82   C CB  . TRP A 1 10  ? 10.398  -0.282  2.693   1.000 20.738 0 14  TRP A CB  1 ? 
ATOM   83   C CG  . TRP A 1 10  ? 10.086  -0.200  4.145   1.000 20.581 0 14  TRP A CG  1 ? 
ATOM   84   C CD1 . TRP A 1 10  ? 10.944  -0.227  5.211   1.000 21.533 0 14  TRP A CD1 1 ? 
ATOM   85   C CD2 . TRP A 1 10  ? 8.758   -0.117  4.699   1.000 21.768 0 14  TRP A CD2 1 ? 
ATOM   86   N NE1 . TRP A 1 10  ? 10.245  -0.051  6.386   1.000 22.760 0 14  TRP A NE1 1 ? 
ATOM   87   C CE2 . TRP A 1 10  ? 8.901   -0.065  6.099   1.000 22.142 0 14  TRP A CE2 1 ? 
ATOM   88   C CE3 . TRP A 1 10  ? 7.480   -0.130  4.133   1.000 21.740 0 14  TRP A CE3 1 ? 
ATOM   89   C CZ2 . TRP A 1 10  ? 7.795   0.050   6.938   1.000 23.320 0 14  TRP A CZ2 1 ? 
ATOM   90   C CZ3 . TRP A 1 10  ? 6.396   0.028   4.954   1.000 23.258 0 14  TRP A CZ3 1 ? 
ATOM   91   C CH2 . TRP A 1 10  ? 6.559   0.102   6.323   1.000 23.859 0 14  TRP A CH2 1 ? 
ATOM   92   N N   . LEU A 1 11  ? 11.826  0.662   0.084   1.000 19.682 0 15  LEU A N   1 ? 
ATOM   93   C CA  . LEU A 1 11  ? 11.921  0.538   -1.351  1.000 19.399 0 15  LEU A CA  1 ? 
ATOM   94   C C   . LEU A 1 11  ? 13.402  0.443   -1.778  1.000 19.355 0 15  LEU A C   1 ? 
ATOM   95   O O   . LEU A 1 11  ? 13.682  -0.114  -2.834  1.000 21.285 0 15  LEU A O   1 ? 
ATOM   96   C CB  . LEU A 1 11  ? 11.205  1.694   -2.043  1.000 22.140 0 15  LEU A CB  1 ? 
ATOM   97   C CG  . LEU A 1 11  ? 9.678   1.655   -1.911  1.000 24.362 0 15  LEU A CG  1 ? 
ATOM   98   C CD1 . LEU A 1 11  ? 9.097   2.841   -2.648  1.000 27.370 0 15  LEU A CD1 1 ? 
ATOM   99   C CD2 . LEU A 1 11  ? 9.072   0.343   -2.403  1.000 25.581 0 15  LEU A CD2 1 ? 
ATOM   100  N N   . ALA A 1 12  ? 14.312  1.022   -1.005  1.000 20.845 0 16  ALA A N   1 ? 
ATOM   101  C CA  . ALA A 1 12  ? 15.737  0.835   -1.269  1.000 20.324 0 16  ALA A CA  1 ? 
ATOM   102  C C   . ALA A 1 12  ? 16.161  -0.614  -1.115  1.000 20.591 0 16  ALA A C   1 ? 
ATOM   103  O O   . ALA A 1 12  ? 16.841  -1.163  -1.994  1.000 19.700 0 16  ALA A O   1 ? 
ATOM   104  C CB  . ALA A 1 12  ? 16.539  1.751   -0.364  1.000 21.151 0 16  ALA A CB  1 ? 
ATOM   105  N N   . MET A 1 13  ? 15.786  -1.257  -0.023  1.000 20.331 0 17  MET A N   1 ? 
ATOM   106  C CA  . MET A 1 13  ? 16.052  -2.671  0.149   1.000 20.589 0 17  MET A CA  1 ? 
ATOM   107  C C   . MET A 1 13  ? 15.406  -3.485  -0.973  1.000 20.018 0 17  MET A C   1 ? 
ATOM   108  O O   . MET A 1 13  ? 15.978  -4.414  -1.508  1.000 20.390 0 17  MET A O   1 ? 
ATOM   109  C CB  . MET A 1 13  ? 15.486  -3.157  1.493   1.000 21.724 0 17  MET A CB  1 ? 
ATOM   110  C CG  . MET A 1 13  ? 16.298  -2.619  2.670   1.000 23.881 0 17  MET A CG  1 ? 
ATOM   111  S SD  . MET A 1 13  ? 15.714  -3.408  4.247   1.000 26.853 0 17  MET A SD  1 ? 
ATOM   112  C CE  . MET A 1 13  ? 14.219  -2.486  4.436   1.000 28.205 0 17  MET A CE  1 ? 
ATOM   113  N N   . TRP A 1 14  ? 14.124  -3.183  -1.278  1.000 19.424 0 18  TRP A N   1 ? 
ATOM   114  C CA  . TRP A 1 14  ? 13.373  -3.903  -2.287  1.000 18.533 0 18  TRP A CA  1 ? 
ATOM   115  C C   . TRP A 1 14  ? 13.979  -3.765  -3.676  1.000 19.582 0 18  TRP A C   1 ? 
ATOM   116  O O   . TRP A 1 14  ? 14.153  -4.754  -4.372  1.000 19.943 0 18  TRP A O   1 ? 
ATOM   117  C CB  . TRP A 1 14  ? 11.934  -3.334  -2.233  1.000 19.908 0 18  TRP A CB  1 ? 
ATOM   118  C CG  . TRP A 1 14  ? 10.990  -3.863  -3.283  1.000 20.754 0 18  TRP A CG  1 ? 
ATOM   119  C CD1 . TRP A 1 14  ? 10.256  -5.007  -3.225  1.000 21.432 0 18  TRP A CD1 1 ? 
ATOM   120  C CD2 . TRP A 1 14  ? 10.666  -3.217  -4.520  1.000 20.415 0 18  TRP A CD2 1 ? 
ATOM   121  N NE1 . TRP A 1 14  ? 9.482   -5.100  -4.360  1.000 22.018 0 18  TRP A NE1 1 ? 
ATOM   122  C CE2 . TRP A 1 14  ? 9.719   -4.034  -5.172  1.000 21.127 0 18  TRP A CE2 1 ? 
ATOM   123  C CE3 . TRP A 1 14  ? 11.075  -2.038  -5.142  1.000 21.265 0 18  TRP A CE3 1 ? 
ATOM   124  C CZ2 . TRP A 1 14  ? 9.224   -3.694  -6.433  1.000 22.230 0 18  TRP A CZ2 1 ? 
ATOM   125  C CZ3 . TRP A 1 14  ? 10.574  -1.701  -6.380  1.000 24.206 0 18  TRP A CZ3 1 ? 
ATOM   126  C CH2 . TRP A 1 14  ? 9.629   -2.524  -7.006  1.000 23.611 0 18  TRP A CH2 1 ? 
ATOM   127  N N   . SER A 1 15  ? 14.294  -2.522  -4.068  1.000 20.181 0 19  SER A N   1 ? 
ATOM   128  C CA  A SER A 1 15  ? 14.871  -2.261  -5.376  0.500 21.917 0 19  SER A CA  1 ? 
ATOM   129  C CA  B SER A 1 15  ? 14.845  -2.307  -5.395  0.500 21.181 0 19  SER A CA  1 ? 
ATOM   130  C C   . SER A 1 15  ? 16.216  -2.971  -5.494  1.000 21.395 0 19  SER A C   1 ? 
ATOM   131  O O   . SER A 1 15  ? 16.556  -3.582  -6.544  1.000 21.604 0 19  SER A O   1 ? 
ATOM   132  C CB  A SER A 1 15  ? 15.056  -0.784  -5.646  0.500 23.764 0 19  SER A CB  1 ? 
ATOM   133  C CB  B SER A 1 15  ? 14.896  -0.849  -5.820  0.500 22.021 0 19  SER A CB  1 ? 
ATOM   134  O OG  A SER A 1 15  ? 13.816  -0.090  -5.720  0.500 24.905 0 19  SER A OG  1 ? 
ATOM   135  O OG  B SER A 1 15  ? 15.604  -0.027  -4.901  0.500 21.626 0 19  SER A OG  1 ? 
ATOM   136  N N   . GLY A 1 16  ? 16.985  -2.911  -4.417  1.000 20.105 0 20  GLY A N   1 ? 
ATOM   137  C CA  . GLY A 1 16  ? 18.274  -3.587  -4.431  1.000 19.107 0 20  GLY A CA  1 ? 
ATOM   138  C C   . GLY A 1 16  ? 18.148  -5.102  -4.565  1.000 21.161 0 20  GLY A C   1 ? 
ATOM   139  O O   . GLY A 1 16  ? 18.808  -5.737  -5.396  1.000 21.183 0 20  GLY A O   1 ? 
ATOM   140  N N   . HIS A 1 17  ? 17.236  -5.699  -3.780  1.000 20.091 0 21  HIS A N   1 ? 
ATOM   141  C CA  . HIS A 1 17  ? 17.026  -7.140  -3.816  1.000 20.658 0 21  HIS A CA  1 ? 
ATOM   142  C C   . HIS A 1 17  ? 16.653  -7.605  -5.222  1.000 21.386 0 21  HIS A C   1 ? 
ATOM   143  O O   . HIS A 1 17  ? 17.160  -8.620  -5.702  1.000 21.330 0 21  HIS A O   1 ? 
ATOM   144  C CB  . HIS A 1 17  ? 15.937  -7.536  -2.823  1.000 20.109 0 21  HIS A CB  1 ? 
ATOM   145  C CG  . HIS A 1 17  ? 15.635  -8.965  -2.922  1.000 19.531 0 21  HIS A CG  1 ? 
ATOM   146  N ND1 . HIS A 1 17  ? 16.531  -9.942  -2.505  1.000 22.399 0 21  HIS A ND1 1 ? 
ATOM   147  C CD2 . HIS A 1 17  ? 14.541  -9.588  -3.434  1.000 22.167 0 21  HIS A CD2 1 ? 
ATOM   148  C CE1 . HIS A 1 17  ? 16.010  -11.115 -2.812  1.000 25.070 0 21  HIS A CE1 1 ? 
ATOM   149  N NE2 . HIS A 1 17  ? 14.793  -10.925 -3.341  1.000 24.411 0 21  HIS A NE2 1 ? 
ATOM   150  N N   . TYR A 1 18  ? 15.794  -6.827  -5.877  1.000 21.188 0 22  TYR A N   1 ? 
ATOM   151  C CA  . TYR A 1 18  ? 15.301  -7.234  -7.177  1.000 19.809 0 22  TYR A CA  1 ? 
ATOM   152  C C   . TYR A 1 18  ? 16.190  -6.710  -8.300  1.000 22.429 0 22  TYR A C   1 ? 
ATOM   153  O O   . TYR A 1 18  ? 15.875  -6.888  -9.465  1.000 23.944 0 22  TYR A O   1 ? 
ATOM   154  C CB  . TYR A 1 18  ? 13.834  -6.811  -7.337  1.000 21.321 0 22  TYR A CB  1 ? 
ATOM   155  C CG  . TYR A 1 18  ? 12.900  -7.739  -6.593  1.000 20.276 0 22  TYR A CG  1 ? 
ATOM   156  C CD1 . TYR A 1 18  ? 12.733  -9.034  -7.025  1.000 23.515 0 22  TYR A CD1 1 ? 
ATOM   157  C CD2 . TYR A 1 18  ? 12.241  -7.342  -5.445  1.000 21.458 0 22  TYR A CD2 1 ? 
ATOM   158  C CE1 . TYR A 1 18  ? 11.928  -9.921  -6.333  1.000 25.764 0 22  TYR A CE1 1 ? 
ATOM   159  C CE2 . TYR A 1 18  ? 11.425  -8.214  -4.744  1.000 23.374 0 22  TYR A CE2 1 ? 
ATOM   160  C CZ  . TYR A 1 18  ? 11.271  -9.511  -5.199  1.000 25.740 0 22  TYR A CZ  1 ? 
ATOM   161  O OH  . TYR A 1 18  ? 10.485  -10.440 -4.539  1.000 28.211 0 22  TYR A OH  1 ? 
ATOM   162  N N   . GLN A 1 19  ? 17.301  -6.060  -7.958  1.000 22.009 0 23  GLN A N   1 ? 
ATOM   163  C CA  . GLN A 1 19  ? 18.297  -5.590  -8.917  1.000 22.713 0 23  GLN A CA  1 ? 
ATOM   164  C C   . GLN A 1 19  ? 17.723  -4.559  -9.872  1.000 25.704 0 23  GLN A C   1 ? 
ATOM   165  O O   . GLN A 1 19  ? 18.121  -4.487  -11.042 1.000 27.445 0 23  GLN A O   1 ? 
ATOM   166  C CB  . GLN A 1 19  ? 18.949  -6.774  -9.631  1.000 23.077 0 23  GLN A CB  1 ? 
ATOM   167  C CG  . GLN A 1 19  ? 19.475  -7.828  -8.705  1.000 24.893 0 23  GLN A CG  1 ? 
ATOM   168  C CD  . GLN A 1 19  ? 20.233  -8.928  -9.373  1.000 25.778 0 23  GLN A CD  1 ? 
ATOM   169  O OE1 . GLN A 1 19  ? 21.097  -8.658  -10.188 1.000 26.846 0 23  GLN A OE1 1 ? 
ATOM   170  N NE2 . GLN A 1 19  ? 19.889  -10.155 -9.093  1.000 28.337 0 23  GLN A NE2 1 ? 
ATOM   171  N N   . LEU A 1 20  ? 16.802  -3.736  -9.385  1.000 22.393 0 24  LEU A N   1 ? 
ATOM   172  C CA  . LEU A 1 20  ? 16.194  -2.669  -10.154 1.000 21.360 0 24  LEU A CA  1 ? 
ATOM   173  C C   . LEU A 1 20  ? 17.032  -1.407  -10.022 1.000 26.650 0 24  LEU A C   1 ? 
ATOM   174  O O   . LEU A 1 20  ? 17.873  -1.304  -9.156  1.000 28.189 0 24  LEU A O   1 ? 
ATOM   175  C CB  . LEU A 1 20  ? 14.785  -2.432  -9.619  1.000 22.550 0 24  LEU A CB  1 ? 
ATOM   176  C CG  . LEU A 1 20  ? 13.856  -3.626  -9.715  1.000 25.662 0 24  LEU A CG  1 ? 
ATOM   177  C CD1 . LEU A 1 20  ? 12.529  -3.314  -9.033  1.000 27.385 0 24  LEU A CD1 1 ? 
ATOM   178  C CD2 . LEU A 1 20  ? 13.680  -4.028  -11.159 1.000 30.376 0 24  LEU A CD2 1 ? 
ATOM   179  N N   . LYS A 1 21  ? 16.763  -0.384  -10.826 1.000 32.186 0 25  LYS A N   1 ? 
ATOM   180  C CA  . LYS A 1 21  ? 17.256  0.963   -10.462 1.000 39.461 0 25  LYS A CA  1 ? 
ATOM   181  C C   . LYS A 1 21  ? 16.853  1.506   -9.067  1.000 46.405 0 25  LYS A C   1 ? 
ATOM   182  O O   . LYS A 1 21  ? 15.742  1.325   -8.517  1.000 44.890 0 25  LYS A O   1 ? 
ATOM   183  C CB  . LYS A 1 21  ? 16.765  1.955   -11.485 1.000 45.799 0 25  LYS A CB  1 ? 
ATOM   184  C CG  . LYS A 1 21  ? 17.243  1.557   -12.874 1.000 49.669 0 25  LYS A CG  1 ? 
ATOM   185  C CD  . LYS A 1 21  ? 16.548  2.328   -13.946 1.000 64.051 0 25  LYS A CD  1 ? 
ATOM   186  C CE  . LYS A 1 21  ? 16.643  1.627   -15.281 1.000 65.324 0 25  LYS A CE  1 ? 
ATOM   187  N NZ  . LYS A 1 21  ? 16.173  2.534   -16.351 1.000 76.540 0 25  LYS A NZ  1 ? 
ATOM   188  N N   . ASP A 1 22  ? 17.785  2.275   -8.474  1.000 37.771 0 26  ASP A N   1 ? 
ATOM   189  C CA  . ASP A 1 22  ? 17.577  2.917   -7.178  1.000 38.173 0 26  ASP A CA  1 ? 
ATOM   190  C C   . ASP A 1 22  ? 16.804  4.234   -7.345  1.000 36.965 0 26  ASP A C   1 ? 
ATOM   191  O O   . ASP A 1 22  ? 16.231  4.532   -8.389  1.000 40.244 0 26  ASP A O   1 ? 
ATOM   192  C CB  . ASP A 1 22  ? 18.931  3.134   -6.473  1.000 35.787 0 26  ASP A CB  1 ? 
ATOM   193  C CG  . ASP A 1 22  ? 19.921  4.043   -7.202  1.000 41.953 0 26  ASP A CG  1 ? 
ATOM   194  O OD1 . ASP A 1 22  ? 20.053  3.930   -8.441  1.000 48.506 0 26  ASP A OD1 1 ? 
ATOM   195  O OD2 . ASP A 1 22  ? 20.534  4.881   -6.523  1.000 48.701 0 26  ASP A OD2 1 ? 
ATOM   196  N N   . LYS A 1 23  ? 16.864  5.039   -6.273  1.000 41.803 0 27  LYS A N   1 ? 
ATOM   197  C CA  . LYS A 1 23  ? 16.299  6.376   -6.231  1.000 44.919 0 27  LYS A CA  1 ? 
ATOM   198  C C   . LYS A 1 23  ? 14.776  6.292   -6.457  1.000 36.633 0 27  LYS A C   1 ? 
ATOM   199  O O   . LYS A 1 23  ? 14.228  7.191   -7.139  1.000 40.300 0 27  LYS A O   1 ? 
ATOM   200  C CB  . LYS A 1 23  ? 17.006  7.300   -7.244  1.000 52.568 0 27  LYS A CB  1 ? 
ATOM   201  C CG  . LYS A 1 23  ? 18.407  7.802   -6.860  1.000 62.019 0 27  LYS A CG  1 ? 
ATOM   202  C CD  . LYS A 1 23  ? 18.423  8.667   -5.593  1.000 72.715 0 27  LYS A CD  1 ? 
ATOM   203  C CE  . LYS A 1 23  ? 19.399  9.824   -5.637  1.000 74.882 0 27  LYS A CE  1 ? 
ATOM   204  N NZ  . LYS A 1 23  ? 20.753  9.366   -6.020  1.000 81.193 0 27  LYS A NZ  1 ? 
ATOM   205  N N   . LEU A 1 24  ? 14.062  5.287   -5.896  1.000 32.826 0 28  LEU A N   1 ? 
ATOM   206  C CA  . LEU A 1 24  ? 12.597  5.453   -5.854  1.000 28.254 0 28  LEU A CA  1 ? 
ATOM   207  C C   . LEU A 1 24  ? 12.216  6.414   -4.731  1.000 27.348 0 28  LEU A C   1 ? 
ATOM   208  O O   . LEU A 1 24  ? 12.520  6.160   -3.554  1.000 28.307 0 28  LEU A O   1 ? 
ATOM   209  C CB  . LEU A 1 24  ? 11.814  4.154   -5.659  1.000 31.621 0 28  LEU A CB  1 ? 
ATOM   210  C CG  . LEU A 1 24  ? 11.948  3.115   -6.771  1.000 36.850 0 28  LEU A CG  1 ? 
ATOM   211  C CD1 . LEU A 1 24  ? 11.148  1.876   -6.394  1.000 41.737 0 28  LEU A CD1 1 ? 
ATOM   212  C CD2 . LEU A 1 24  ? 11.452  3.657   -8.108  1.000 33.823 0 28  LEU A CD2 1 ? 
ATOM   213  N N   . ARG A 1 25  ? 11.432  7.439   -5.092  1.000 24.822 0 29  ARG A N   1 ? 
ATOM   214  C CA  . ARG A 1 25  ? 10.984  8.492   -4.218  1.000 25.729 0 29  ARG A CA  1 ? 
ATOM   215  C C   . ARG A 1 25  ? 9.478   8.344   -4.005  1.000 23.730 0 29  ARG A C   1 ? 
ATOM   216  O O   . ARG A 1 25  ? 8.777   7.909   -4.903  1.000 26.029 0 29  ARG A O   1 ? 
ATOM   217  C CB  . ARG A 1 25  ? 11.316  9.825   -4.921  1.000 30.566 0 29  ARG A CB  1 ? 
ATOM   218  C CG  . ARG A 1 25  ? 10.771  11.119  -4.348  1.000 45.947 0 29  ARG A CG  1 ? 
ATOM   219  C CD  . ARG A 1 25  ? 11.311  12.310  -5.153  1.000 48.166 0 29  ARG A CD  1 ? 
ATOM   220  N NE  . ARG A 1 25  ? 10.786  12.483  -6.520  1.000 42.119 0 29  ARG A NE  1 ? 
ATOM   221  C CZ  . ARG A 1 25  ? 9.571   12.945  -6.835  1.000 46.445 0 29  ARG A CZ  1 ? 
ATOM   222  N NH1 . ARG A 1 25  ? 8.701   13.215  -5.874  1.000 45.351 0 29  ARG A NH1 1 ? 
ATOM   223  N NH2 . ARG A 1 25  ? 9.228   13.138  -8.106  1.000 51.260 0 29  ARG A NH2 1 ? 
ATOM   224  N N   . VAL A 1 26  ? 9.051   8.688   -2.809  1.000 22.827 0 30  VAL A N   1 ? 
ATOM   225  C CA  . VAL A 1 26  ? 7.652   8.665   -2.412  1.000 23.121 0 30  VAL A CA  1 ? 
ATOM   226  C C   . VAL A 1 26  ? 7.118   10.082  -2.344  1.000 25.799 0 30  VAL A C   1 ? 
ATOM   227  O O   . VAL A 1 26  ? 7.659   10.939  -1.623  1.000 27.061 0 30  VAL A O   1 ? 
ATOM   228  C CB  . VAL A 1 26  ? 7.487   7.920   -1.077  1.000 23.354 0 30  VAL A CB  1 ? 
ATOM   229  C CG1 . VAL A 1 26  ? 6.059   7.980   -0.556  1.000 23.673 0 30  VAL A CG1 1 ? 
ATOM   230  C CG2 . VAL A 1 26  ? 7.970   6.483   -1.182  1.000 24.140 0 30  VAL A CG2 1 ? 
ATOM   231  N N   . GLN A 1 27  ? 5.972   10.302  -3.011  1.000 24.870 0 31  GLN A N   1 ? 
ATOM   232  C CA  . GLN A 1 27  ? 5.249   11.563  -2.926  1.000 26.178 0 31  GLN A CA  1 ? 
ATOM   233  C C   . GLN A 1 27  ? 3.846   11.288  -2.395  1.000 28.567 0 31  GLN A C   1 ? 
ATOM   234  O O   . GLN A 1 27  ? 3.252   10.292  -2.800  1.000 26.232 0 31  GLN A O   1 ? 
ATOM   235  C CB  . GLN A 1 27  ? 5.205   12.136  -4.340  1.000 31.228 0 31  GLN A CB  1 ? 
ATOM   236  C CG  . GLN A 1 27  ? 4.617   13.518  -4.473  1.000 42.838 0 31  GLN A CG  1 ? 
ATOM   237  C CD  . GLN A 1 27  ? 4.919   13.955  -5.889  1.000 47.160 0 31  GLN A CD  1 ? 
ATOM   238  O OE1 . GLN A 1 27  ? 6.074   14.007  -6.314  1.000 54.529 0 31  GLN A OE1 1 ? 
ATOM   239  N NE2 . GLN A 1 27  ? 3.875   14.214  -6.653  1.000 48.814 0 31  GLN A NE2 1 ? 
ATOM   240  N N   . LEU A 1 28  ? 3.365   12.128  -1.482  1.000 24.912 0 32  LEU A N   1 ? 
ATOM   241  C CA  . LEU A 1 28  ? 1.997   12.011  -1.004  1.000 24.900 0 32  LEU A CA  1 ? 
ATOM   242  C C   . LEU A 1 28  ? 1.400   13.405  -0.975  1.000 28.082 0 32  LEU A C   1 ? 
ATOM   243  O O   . LEU A 1 28  ? 1.813   14.232  -0.144  1.000 29.418 0 32  LEU A O   1 ? 
ATOM   244  C CB  . LEU A 1 28  ? 1.976   11.330  0.356   1.000 24.546 0 32  LEU A CB  1 ? 
ATOM   245  C CG  . LEU A 1 28  ? 0.608   11.232  1.015   1.000 28.372 0 32  LEU A CG  1 ? 
ATOM   246  C CD1 . LEU A 1 28  ? -0.272  10.319  0.176   1.000 27.684 0 32  LEU A CD1 1 ? 
ATOM   247  C CD2 . LEU A 1 28  ? 0.696   10.752  2.463   1.000 31.616 0 32  LEU A CD2 1 ? 
ATOM   248  N N   . ARG A 1 29  ? 0.450   13.655  -1.874  1.000 26.108 0 33  ARG A N   1 ? 
ATOM   249  C CA  . ARG A 1 29  ? -0.108  14.988  -2.050  1.000 28.158 0 33  ARG A CA  1 ? 
ATOM   250  C C   . ARG A 1 29  ? -1.604  14.837  -2.291  1.000 29.940 0 33  ARG A C   1 ? 
ATOM   251  O O   . ARG A 1 29  ? -2.072  13.794  -2.747  1.000 26.788 0 33  ARG A O   1 ? 
ATOM   252  C CB  . ARG A 1 29  ? 0.502   15.684  -3.266  1.000 33.078 0 33  ARG A CB  1 ? 
ATOM   253  C CG  . ARG A 1 29  ? 1.985   15.989  -3.137  1.000 41.048 0 33  ARG A CG  1 ? 
ATOM   254  C CD  . ARG A 1 29  ? 2.478   16.794  -4.316  1.000 50.660 0 33  ARG A CD  1 ? 
ATOM   255  N NE  . ARG A 1 29  ? 3.882   17.129  -4.120  1.000 67.160 0 33  ARG A NE  1 ? 
ATOM   256  C CZ  . ARG A 1 29  ? 4.672   17.661  -5.045  1.000 73.275 0 33  ARG A CZ  1 ? 
ATOM   257  N NH1 . ARG A 1 29  ? 4.189   17.951  -6.240  1.000 74.334 0 33  ARG A NH1 1 ? 
ATOM   258  N NH2 . ARG A 1 29  ? 5.948   17.887  -4.773  1.000 72.822 0 33  ARG A NH2 1 ? 
ATOM   259  N N   . PRO A 1 30  ? -2.395  15.920  -2.180  1.000 28.064 0 34  PRO A N   1 ? 
ATOM   260  C CA  . PRO A 1 30  ? -3.749  15.869  -2.732  1.000 26.484 0 34  PRO A CA  1 ? 
ATOM   261  C C   . PRO A 1 30  ? -3.722  15.540  -4.214  1.000 28.232 0 34  PRO A C   1 ? 
ATOM   262  O O   . PRO A 1 30  ? -2.849  15.940  -4.982  1.000 29.716 0 34  PRO A O   1 ? 
ATOM   263  C CB  . PRO A 1 30  ? -4.313  17.282  -2.460  1.000 31.407 0 34  PRO A CB  1 ? 
ATOM   264  C CG  . PRO A 1 30  ? -3.426  17.831  -1.382  1.000 33.077 0 34  PRO A CG  1 ? 
ATOM   265  C CD  . PRO A 1 30  ? -2.033  17.251  -1.620  1.000 31.939 0 34  PRO A CD  1 ? 
ATOM   266  N N   . GLN A 1 31  ? -4.699  14.740  -4.659  1.000 27.668 0 35  GLN A N   1 ? 
ATOM   267  C CA  . GLN A 1 31  ? -4.722  14.261  -6.015  1.000 29.690 0 35  GLN A CA  1 ? 
ATOM   268  C C   . GLN A 1 31  ? -4.960  15.405  -6.998  1.000 33.350 0 35  GLN A C   1 ? 
ATOM   269  O O   . GLN A 1 31  ? -4.549  15.294  -8.149  1.000 35.808 0 35  GLN A O   1 ? 
ATOM   270  C CB  . GLN A 1 31  ? -5.847  13.231  -6.108  1.000 31.186 0 35  GLN A CB  1 ? 
ATOM   271  C CG  . GLN A 1 31  ? -5.823  12.456  -7.407  1.000 34.236 0 35  GLN A CG  1 ? 
ATOM   272  C CD  . GLN A 1 31  ? -6.735  13.044  -8.439  1.000 42.047 0 35  GLN A CD  1 ? 
ATOM   273  O OE1 . GLN A 1 31  ? -7.670  13.764  -8.116  1.000 44.710 0 35  GLN A OE1 1 ? 
ATOM   274  N NE2 . GLN A 1 31  ? -6.431  12.748  -9.692  1.000 46.060 0 35  GLN A NE2 1 ? 
ATOM   275  N N   . ARG A 1 32  ? -5.668  16.440  -6.543  1.000 37.184 0 36  ARG A N   1 ? 
ATOM   276  C CA  . ARG A 1 32  ? -5.703  17.722  -7.246  1.000 41.869 0 36  ARG A CA  1 ? 
ATOM   277  C C   . ARG A 1 32  ? -5.923  18.830  -6.228  1.000 39.077 0 36  ARG A C   1 ? 
ATOM   278  O O   . ARG A 1 32  ? -6.211  18.591  -5.061  1.000 38.043 0 36  ARG A O   1 ? 
ATOM   279  C CB  . ARG A 1 32  ? -6.794  17.762  -8.313  1.000 44.530 0 36  ARG A CB  1 ? 
ATOM   280  C CG  . ARG A 1 32  ? -8.187  17.615  -7.749  1.000 47.797 0 36  ARG A CG  1 ? 
ATOM   281  C CD  . ARG A 1 32  ? -9.185  17.453  -8.879  1.000 56.231 0 36  ARG A CD  1 ? 
ATOM   282  N NE  . ARG A 1 32  ? -10.406 16.929  -8.308  1.000 64.340 0 36  ARG A NE  1 ? 
ATOM   283  C CZ  . ARG A 1 32  ? -11.544 16.784  -8.966  1.000 74.151 0 36  ARG A CZ  1 ? 
ATOM   284  N NH1 . ARG A 1 32  ? -11.662 17.273  -10.186 1.000 72.003 0 36  ARG A NH1 1 ? 
ATOM   285  N NH2 . ARG A 1 32  ? -12.561 16.161  -8.394  1.000 77.417 0 36  ARG A NH2 1 ? 
ATOM   286  N N   . ALA A 1 33  ? -5.748  20.074  -6.670  1.000 43.514 0 37  ALA A N   1 ? 
ATOM   287  C CA  . ALA A 1 33  ? -5.789  21.192  -5.742  1.000 43.541 0 37  ALA A CA  1 ? 
ATOM   288  C C   . ALA A 1 33  ? -7.116  21.241  -5.007  1.000 39.919 0 37  ALA A C   1 ? 
ATOM   289  O O   . ALA A 1 33  ? -8.173  21.066  -5.609  1.000 44.565 0 37  ALA A O   1 ? 
ATOM   290  C CB  . ALA A 1 33  ? -5.542  22.476  -6.497  1.000 50.234 0 37  ALA A CB  1 ? 
ATOM   291  N N   . GLY A 1 34  ? -7.032  21.426  -3.687  1.000 38.894 0 38  GLY A N   1 ? 
ATOM   292  C CA  . GLY A 1 34  ? -8.178  21.568  -2.816  1.000 41.740 0 38  GLY A CA  1 ? 
ATOM   293  C C   . GLY A 1 34  ? -8.855  20.260  -2.413  1.000 43.090 0 38  GLY A C   1 ? 
ATOM   294  O O   . GLY A 1 34  ? -9.742  20.279  -1.563  1.000 43.905 0 38  GLY A O   1 ? 
ATOM   295  N N   . SER A 1 35  ? -8.405  19.136  -2.981  1.000 41.574 0 39  SER A N   1 ? 
ATOM   296  C CA  . SER A 1 35  ? -9.058  17.862  -2.723  1.000 33.979 0 39  SER A CA  1 ? 
ATOM   297  C C   . SER A 1 35  ? -8.628  17.264  -1.390  1.000 31.048 0 39  SER A C   1 ? 
ATOM   298  O O   . SER A 1 35  ? -7.485  17.417  -0.949  1.000 34.269 0 39  SER A O   1 ? 
ATOM   299  C CB  . SER A 1 35  ? -8.784  16.894  -3.824  1.000 35.153 0 39  SER A CB  1 ? 
ATOM   300  O OG  . SER A 1 35  ? -9.627  15.754  -3.655  1.000 34.272 0 39  SER A OG  1 ? 
ATOM   301  N N   . GLU A 1 36  ? -9.531  16.502  -0.768  1.000 28.841 0 40  GLU A N   1 ? 
ATOM   302  C CA  . GLU A 1 36  ? -9.165  15.655  0.344   1.000 26.851 0 40  GLU A CA  1 ? 
ATOM   303  C C   . GLU A 1 36  ? -8.775  14.253  -0.157  1.000 25.990 0 40  GLU A C   1 ? 
ATOM   304  O O   . GLU A 1 36  ? -8.384  13.427  0.680   1.000 26.309 0 40  GLU A O   1 ? 
ATOM   305  C CB  . GLU A 1 36  ? -10.293 15.534  1.356   1.000 29.850 0 40  GLU A CB  1 ? 
ATOM   306  C CG  . GLU A 1 36  ? -10.520 16.820  2.157   1.000 35.507 0 40  GLU A CG  1 ? 
ATOM   307  C CD  . GLU A 1 36  ? -9.324  17.305  2.947   1.000 39.131 0 40  GLU A CD  1 ? 
ATOM   308  O OE1 . GLU A 1 36  ? -8.578  16.466  3.526   1.000 35.718 0 40  GLU A OE1 1 ? 
ATOM   309  O OE2 . GLU A 1 36  ? -9.198  18.552  3.087   1.000 44.022 0 40  GLU A OE2 1 ? 
ATOM   310  N N   . VAL A 1 37  ? -8.990  13.986  -1.448  1.000 26.443 0 41  VAL A N   1 ? 
ATOM   311  C CA  . VAL A 1 37  ? -8.526  12.714  -2.011  1.000 26.273 0 41  VAL A CA  1 ? 
ATOM   312  C C   . VAL A 1 37  ? -7.028  12.860  -2.201  1.000 26.292 0 41  VAL A C   1 ? 
ATOM   313  O O   . VAL A 1 37  ? -6.573  13.870  -2.739  1.000 25.392 0 41  VAL A O   1 ? 
ATOM   314  C CB  . VAL A 1 37  ? -9.210  12.411  -3.345  1.000 27.125 0 41  VAL A CB  1 ? 
ATOM   315  C CG1 . VAL A 1 37  ? -8.748  11.103  -3.954  1.000 27.760 0 41  VAL A CG1 1 ? 
ATOM   316  C CG2 . VAL A 1 37  ? -10.722 12.393  -3.129  1.000 26.892 0 41  VAL A CG2 1 ? 
ATOM   317  N N   . LEU A 1 38  ? -6.278  11.839  -1.783  1.000 22.757 0 42  LEU A N   1 ? 
ATOM   318  C CA  . LEU A 1 38  ? -4.813  11.887  -1.826  1.000 23.260 0 42  LEU A CA  1 ? 
ATOM   319  C C   . LEU A 1 38  ? -4.295  10.975  -2.926  1.000 23.801 0 42  LEU A C   1 ? 
ATOM   320  O O   . LEU A 1 38  ? -4.946  10.012  -3.346  1.000 22.955 0 42  LEU A O   1 ? 
ATOM   321  C CB  . LEU A 1 38  ? -4.228  11.478  -0.476  1.000 23.504 0 42  LEU A CB  1 ? 
ATOM   322  C CG  . LEU A 1 38  ? -4.750  12.214  0.752   1.000 26.351 0 42  LEU A CG  1 ? 
ATOM   323  C CD1 . LEU A 1 38  ? -4.052  11.766  2.016   1.000 26.550 0 42  LEU A CD1 1 ? 
ATOM   324  C CD2 . LEU A 1 38  ? -4.630  13.712  0.549   1.000 28.618 0 42  LEU A CD2 1 ? 
ATOM   325  N N   . GLU A 1 39  ? -3.072  11.253  -3.387  1.000 24.091 0 43  GLU A N   1 ? 
ATOM   326  C CA  . GLU A 1 39  ? -2.365  10.331  -4.239  1.000 23.373 0 43  GLU A CA  1 ? 
ATOM   327  C C   . GLU A 1 39  ? -0.962  10.056  -3.683  1.000 25.280 0 43  GLU A C   1 ? 
ATOM   328  O O   . GLU A 1 39  ? -0.195  10.988  -3.422  1.000 23.915 0 43  GLU A O   1 ? 
ATOM   329  C CB  . GLU A 1 39  ? -2.270  10.845  -5.667  1.000 24.165 0 43  GLU A CB  1 ? 
ATOM   330  C CG  . GLU A 1 39  ? -1.534  9.910   -6.595  1.000 25.996 0 43  GLU A CG  1 ? 
ATOM   331  C CD  . GLU A 1 39  ? -1.658  10.286  -8.045  1.000 32.867 0 43  GLU A CD  1 ? 
ATOM   332  O OE1 . GLU A 1 39  ? -2.410  11.262  -8.352  1.000 34.485 0 43  GLU A OE1 1 ? 
ATOM   333  O OE2 . GLU A 1 39  ? -1.108  9.542   -8.873  1.000 28.956 0 43  GLU A OE2 1 ? 
ATOM   334  N N   . LEU A 1 40  ? -0.683  8.778   -3.403  1.000 22.718 0 44  LEU A N   1 ? 
ATOM   335  C CA  . LEU A 1 40  ? 0.649   8.265   -3.120  1.000 23.830 0 44  LEU A CA  1 ? 
ATOM   336  C C   . LEU A 1 40  ? 1.230   7.883   -4.472  1.000 26.318 0 44  LEU A C   1 ? 
ATOM   337  O O   . LEU A 1 40  ? 0.698   7.025   -5.188  1.000 23.921 0 44  LEU A O   1 ? 
ATOM   338  C CB  . LEU A 1 40  ? 0.522   7.070   -2.175  1.000 23.430 0 44  LEU A CB  1 ? 
ATOM   339  C CG  . LEU A 1 40  ? 1.801   6.407   -1.637  1.000 28.381 0 44  LEU A CG  1 ? 
ATOM   340  C CD1 . LEU A 1 40  ? 2.611   5.792   -2.757  1.000 29.478 0 44  LEU A CD1 1 ? 
ATOM   341  C CD2 . LEU A 1 40  ? 2.581   7.353   -0.757  1.000 34.310 0 44  LEU A CD2 1 ? 
ATOM   342  N N   . GLY A 1 41  ? 2.357   8.497   -4.831  1.000 22.305 0 45  GLY A N   1 ? 
ATOM   343  C CA  . GLY A 1 41  ? 3.060   8.173   -6.039  1.000 22.092 0 45  GLY A CA  1 ? 
ATOM   344  C C   . GLY A 1 41  ? 4.497   7.743   -5.755  1.000 22.206 0 45  GLY A C   1 ? 
ATOM   345  O O   . GLY A 1 41  ? 5.149   8.254   -4.834  1.000 23.623 0 45  GLY A O   1 ? 
ATOM   346  N N   . ILE A 1 42  ? 4.914   6.723   -6.494  1.000 22.145 0 46  ILE A N   1 ? 
ATOM   347  C CA  . ILE A 1 42  ? 6.282   6.228   -6.503  1.000 21.603 0 46  ILE A CA  1 ? 
ATOM   348  C C   . ILE A 1 42  ? 6.921   6.730   -7.799  1.000 24.112 0 46  ILE A C   1 ? 
ATOM   349  O O   . ILE A 1 42  ? 6.428   6.443   -8.877  1.000 24.213 0 46  ILE A O   1 ? 
ATOM   350  C CB  . ILE A 1 42  ? 6.302   4.690   -6.452  1.000 22.822 0 46  ILE A CB  1 ? 
ATOM   351  C CG1 . ILE A 1 42  ? 5.511   4.140   -5.264  1.000 23.638 0 46  ILE A CG1 1 ? 
ATOM   352  C CG2 . ILE A 1 42  ? 7.736   4.197   -6.459  1.000 25.623 0 46  ILE A CG2 1 ? 
ATOM   353  C CD1 . ILE A 1 42  ? 5.936   4.634   -3.922  1.000 25.467 0 46  ILE A CD1 1 ? 
ATOM   354  N N   . HIS A 1 43  ? 8.018   7.502   -7.675  1.000 23.793 0 47  HIS A N   1 ? 
ATOM   355  C CA  . HIS A 1 43  ? 8.648   8.133   -8.828  1.000 24.893 0 47  HIS A CA  1 ? 
ATOM   356  C C   . HIS A 1 43  ? 10.114  7.707   -8.925  1.000 25.784 0 47  HIS A C   1 ? 
ATOM   357  O O   . HIS A 1 43  ? 10.807  7.620   -7.906  1.000 27.105 0 47  HIS A O   1 ? 
ATOM   358  C CB  . HIS A 1 43  ? 8.565   9.651   -8.698  1.000 27.564 0 47  HIS A CB  1 ? 
ATOM   359  C CG  . HIS A 1 43  ? 7.149   10.163  -8.673  1.000 27.086 0 47  HIS A CG  1 ? 
ATOM   360  N ND1 . HIS A 1 43  ? 6.534   10.657  -9.807  1.000 31.395 0 47  HIS A ND1 1 ? 
ATOM   361  C CD2 . HIS A 1 43  ? 6.254   10.218  -7.696  1.000 28.261 0 47  HIS A CD2 1 ? 
ATOM   362  C CE1 . HIS A 1 43  ? 5.284   10.991  -9.480  1.000 30.418 0 47  HIS A CE1 1 ? 
ATOM   363  N NE2 . HIS A 1 43  ? 5.097   10.731  -8.196  1.000 30.725 0 47  HIS A NE2 1 ? 
ATOM   364  N N   . GLY A 1 44  ? 10.556  7.519   -10.167 1.000 28.511 0 48  GLY A N   1 ? 
ATOM   365  C CA  . GLY A 1 44  ? 11.938  7.161   -10.452 1.000 28.174 0 48  GLY A CA  1 ? 
ATOM   366  C C   . GLY A 1 44  ? 12.792  8.420   -10.598 1.000 33.432 0 48  GLY A C   1 ? 
ATOM   367  O O   . GLY A 1 44  ? 12.326  9.542   -10.436 1.000 34.358 0 48  GLY A O   1 ? 
ATOM   368  N N   . GLU A 1 45  ? 14.077  8.207   -10.850 1.000 36.206 0 49  GLU A N   1 ? 
ATOM   369  C CA  . GLU A 1 45  ? 15.019  9.311   -10.840 1.000 46.971 0 49  GLU A CA  1 ? 
ATOM   370  C C   . GLU A 1 45  ? 14.669  10.407  -11.863 1.000 46.872 0 49  GLU A C   1 ? 
ATOM   371  O O   . GLU A 1 45  ? 14.975  11.576  -11.616 1.000 52.848 0 49  GLU A O   1 ? 
ATOM   372  C CB  . GLU A 1 45  ? 16.412  8.748   -11.077 1.000 51.264 0 49  GLU A CB  1 ? 
ATOM   373  C CG  . GLU A 1 45  ? 17.446  9.845   -11.022 1.000 65.640 0 49  GLU A CG  1 ? 
ATOM   374  C CD  . GLU A 1 45  ? 18.817  9.365   -10.604 1.000 78.868 0 49  GLU A CD  1 ? 
ATOM   375  O OE1 . GLU A 1 45  ? 18.961  8.141   -10.326 1.000 77.395 0 49  GLU A OE1 1 ? 
ATOM   376  O OE2 . GLU A 1 45  ? 19.721  10.224  -10.535 1.000 73.782 0 49  GLU A OE2 1 ? 
ATOM   377  N N   . SER A 1 46  ? 14.022  10.068  -12.989 1.000 46.575 0 50  SER A N   1 ? 
ATOM   378  C CA  . SER A 1 46  ? 13.567  11.075  -13.957 1.000 48.556 0 50  SER A CA  1 ? 
ATOM   379  C C   . SER A 1 46  ? 12.152  11.616  -13.670 1.000 51.571 0 50  SER A C   1 ? 
ATOM   380  O O   . SER A 1 46  ? 11.598  12.356  -14.471 1.000 46.025 0 50  SER A O   1 ? 
ATOM   381  C CB  . SER A 1 46  ? 13.635  10.525  -15.351 1.000 55.191 0 50  SER A CB  1 ? 
ATOM   382  O OG  . SER A 1 46  ? 12.598  9.574   -15.547 1.000 63.707 0 50  SER A OG  1 ? 
ATOM   383  N N   . ASP A 1 47  ? 11.558  11.242  -12.530 1.000 43.373 0 51  ASP A N   1 ? 
ATOM   384  C CA  . ASP A 1 47  ? 10.270  11.720  -12.025 1.000 39.134 0 51  ASP A CA  1 ? 
ATOM   385  C C   . ASP A 1 47  ? 9.090   10.996  -12.646 1.000 33.023 0 51  ASP A C   1 ? 
ATOM   386  O O   . ASP A 1 47  ? 7.960   11.377  -12.341 1.000 34.299 0 51  ASP A O   1 ? 
ATOM   387  C CB  . ASP A 1 47  ? 10.016  13.229  -12.152 1.000 45.142 0 51  ASP A CB  1 ? 
ATOM   388  C CG  . ASP A 1 47  ? 10.997  14.036  -11.319 1.000 56.091 0 51  ASP A CG  1 ? 
ATOM   389  O OD1 . ASP A 1 47  ? 11.363  13.559  -10.246 1.000 66.283 0 51  ASP A OD1 1 ? 
ATOM   390  O OD2 . ASP A 1 47  ? 11.394  15.131  -11.755 1.000 61.102 0 51  ASP A OD2 1 ? 
ATOM   391  N N   . ASP A 1 48  ? 9.325   9.962   -13.454 1.000 33.729 0 52  ASP A N   1 ? 
ATOM   392  C CA  . ASP A 1 48  ? 8.249   9.171   -14.022 1.000 34.884 0 52  ASP A CA  1 ? 
ATOM   393  C C   . ASP A 1 48  ? 7.467   8.518   -12.866 1.000 31.399 0 52  ASP A C   1 ? 
ATOM   394  O O   . ASP A 1 48  ? 8.072   8.052   -11.893 1.000 29.350 0 52  ASP A O   1 ? 
ATOM   395  C CB  . ASP A 1 48  ? 8.774   8.091   -14.957 1.000 36.977 0 52  ASP A CB  1 ? 
ATOM   396  C CG  . ASP A 1 48  ? 9.408   8.649   -16.228 1.000 54.985 0 52  ASP A CG  1 ? 
ATOM   397  O OD1 . ASP A 1 48  ? 9.185   9.835   -16.549 1.000 60.016 0 52  ASP A OD1 1 ? 
ATOM   398  O OD2 . ASP A 1 48  ? 10.138  7.906   -16.870 1.000 59.654 0 52  ASP A OD2 1 ? 
ATOM   399  N N   . LYS A 1 49  ? 6.134   8.516   -12.978 1.000 32.284 0 53  LYS A N   1 ? 
ATOM   400  C CA  . LYS A 1 49  ? 5.295   7.875   -11.973 1.000 27.168 0 53  LYS A CA  1 ? 
ATOM   401  C C   . LYS A 1 49  ? 5.226   6.380   -12.291 1.000 26.841 0 53  LYS A C   1 ? 
ATOM   402  O O   . LYS A 1 49  ? 4.679   5.952   -13.312 1.000 28.502 0 53  LYS A O   1 ? 
ATOM   403  C CB  . LYS A 1 49  ? 3.900   8.502   -12.013 1.000 28.586 0 53  LYS A CB  1 ? 
ATOM   404  C CG  . LYS A 1 49  ? 2.996   8.087   -10.854 1.000 28.954 0 53  LYS A CG  1 ? 
ATOM   405  C CD  . LYS A 1 49  ? 1.556   8.590   -10.998 1.000 33.794 0 53  LYS A CD  1 ? 
ATOM   406  C CE  . LYS A 1 49  ? 1.445   10.087  -11.053 1.000 40.778 0 53  LYS A CE  1 ? 
ATOM   407  N NZ  . LYS A 1 49  ? 0.010   10.461  -11.124 1.000 36.738 0 53  LYS A NZ  1 ? 
ATOM   408  N N   . LEU A 1 50  ? 5.816   5.558   -11.424 1.000 23.399 0 54  LEU A N   1 ? 
ATOM   409  C CA  . LEU A 1 50  ? 5.974   4.138   -11.664 1.000 23.181 0 54  LEU A CA  1 ? 
ATOM   410  C C   . LEU A 1 50  ? 4.883   3.311   -10.973 1.000 22.282 0 54  LEU A C   1 ? 
ATOM   411  O O   . LEU A 1 50  ? 4.644   2.174   -11.335 1.000 22.773 0 54  LEU A O   1 ? 
ATOM   412  C CB  . LEU A 1 50  ? 7.348   3.714   -11.165 1.000 25.657 0 54  LEU A CB  1 ? 
ATOM   413  C CG  . LEU A 1 50  ? 8.498   4.427   -11.893 1.000 27.792 0 54  LEU A CG  1 ? 
ATOM   414  C CD1 . LEU A 1 50  ? 9.795   3.996   -11.306 1.000 32.135 0 54  LEU A CD1 1 ? 
ATOM   415  C CD2 . LEU A 1 50  ? 8.434   4.119   -13.367 1.000 35.439 0 54  LEU A CD2 1 ? 
ATOM   416  N N   . ALA A 1 51  ? 4.278   3.871   -9.944  1.000 22.524 0 55  ALA A N   1 ? 
ATOM   417  C CA  . ALA A 1 51  ? 3.155   3.253   -9.252  1.000 22.529 0 55  ALA A CA  1 ? 
ATOM   418  C C   . ALA A 1 51  ? 2.397   4.328   -8.496  1.000 21.147 0 55  ALA A C   1 ? 
ATOM   419  O O   . ALA A 1 51  ? 2.923   5.390   -8.175  1.000 21.825 0 55  ALA A O   1 ? 
ATOM   420  C CB  . ALA A 1 51  ? 3.609   2.152   -8.331  1.000 21.109 0 55  ALA A CB  1 ? 
ATOM   421  N N   . ASN A 1 52  ? 1.111   4.050   -8.207  1.000 21.734 0 56  ASN A N   1 ? 
ATOM   422  C CA  . ASN A 1 52  ? 0.359   4.968   -7.388  1.000 21.514 0 56  ASN A CA  1 ? 
ATOM   423  C C   . ASN A 1 52  ? -0.781  4.272   -6.662  1.000 21.469 0 56  ASN A C   1 ? 
ATOM   424  O O   . ASN A 1 52  ? -1.153  3.138   -6.971  1.000 20.944 0 56  ASN A O   1 ? 
ATOM   425  C CB  . ASN A 1 52  ? -0.179  6.154   -8.222  1.000 22.059 0 56  ASN A CB  1 ? 
ATOM   426  C CG  . ASN A 1 52  ? -1.314  5.815   -9.155  1.000 23.884 0 56  ASN A CG  1 ? 
ATOM   427  O OD1 . ASN A 1 52  ? -1.620  4.670   -9.433  1.000 23.704 0 56  ASN A OD1 1 ? 
ATOM   428  N ND2 . ASN A 1 52  ? -1.949  6.853   -9.702  1.000 28.081 0 56  ASN A ND2 1 ? 
ATOM   429  N N   . VAL A 1 53  ? -1.288  4.982   -5.639  1.000 20.913 0 57  VAL A N   1 ? 
ATOM   430  C CA  . VAL A 1 53  ? -2.551  4.681   -4.980  1.000 20.788 0 57  VAL A CA  1 ? 
ATOM   431  C C   . VAL A 1 53  ? -3.275  6.003   -4.785  1.000 22.028 0 57  VAL A C   1 ? 
ATOM   432  O O   . VAL A 1 53  ? -2.706  6.943   -4.168  1.000 22.478 0 57  VAL A O   1 ? 
ATOM   433  C CB  . VAL A 1 53  ? -2.344  3.976   -3.639  1.000 20.497 0 57  VAL A CB  1 ? 
ATOM   434  C CG1 . VAL A 1 53  ? -3.682  3.632   -2.963  1.000 22.518 0 57  VAL A CG1 1 ? 
ATOM   435  C CG2 . VAL A 1 53  ? -1.477  2.726   -3.753  1.000 21.537 0 57  VAL A CG2 1 ? 
ATOM   436  N N   . ILE A 1 54  ? -4.529  6.047   -5.239  1.000 20.200 0 58  ILE A N   1 ? 
ATOM   437  C CA  . ILE A 1 54  ? -5.402  7.211   -5.075  1.000 21.011 0 58  ILE A CA  1 ? 
ATOM   438  C C   . ILE A 1 54  ? -6.470  6.834   -4.069  1.000 22.041 0 58  ILE A C   1 ? 
ATOM   439  O O   . ILE A 1 54  ? -7.175  5.850   -4.252  1.000 21.941 0 58  ILE A O   1 ? 
ATOM   440  C CB  . ILE A 1 54  ? -5.990  7.706   -6.412  1.000 22.893 0 58  ILE A CB  1 ? 
ATOM   441  C CG1 . ILE A 1 54  ? -4.858  8.108   -7.376  1.000 24.805 0 58  ILE A CG1 1 ? 
ATOM   442  C CG2 . ILE A 1 54  ? -6.993  8.847   -6.192  1.000 23.737 0 58  ILE A CG2 1 ? 
ATOM   443  C CD1 . ILE A 1 54  ? -5.293  8.474   -8.744  1.000 27.117 0 58  ILE A CD1 1 ? 
ATOM   444  N N   . PHE A 1 55  ? -6.542  7.562   -2.961  1.000 21.572 0 59  PHE A N   1 ? 
ATOM   445  C CA  . PHE A 1 55  ? -7.351  7.113   -1.837  1.000 21.232 0 59  PHE A CA  1 ? 
ATOM   446  C C   . PHE A 1 55  ? -7.712  8.278   -0.942  1.000 23.116 0 59  PHE A C   1 ? 
ATOM   447  O O   . PHE A 1 55  ? -7.135  9.359   -1.059  1.000 23.236 0 59  PHE A O   1 ? 
ATOM   448  C CB  . PHE A 1 55  ? -6.600  6.101   -0.971  1.000 21.072 0 59  PHE A CB  1 ? 
ATOM   449  C CG  . PHE A 1 55  ? -5.430  6.693   -0.234  1.000 21.539 0 59  PHE A CG  1 ? 
ATOM   450  C CD1 . PHE A 1 55  ? -4.251  7.014   -0.888  1.000 21.204 0 59  PHE A CD1 1 ? 
ATOM   451  C CD2 . PHE A 1 55  ? -5.554  6.984   1.128   1.000 22.219 0 59  PHE A CD2 1 ? 
ATOM   452  C CE1 . PHE A 1 55  ? -3.245  7.674   -0.211  1.000 21.865 0 59  PHE A CE1 1 ? 
ATOM   453  C CE2 . PHE A 1 55  ? -4.521  7.646   1.800   1.000 23.578 0 59  PHE A CE2 1 ? 
ATOM   454  C CZ  . PHE A 1 55  ? -3.373  7.955   1.127   1.000 20.920 0 59  PHE A CZ  1 ? 
ATOM   455  N N   . GLN A 1 56  ? -8.690  8.033   -0.086  1.000 22.922 0 60  GLN A N   1 ? 
ATOM   456  C CA  . GLN A 1 56  ? -9.066  9.064   0.895   1.000 23.942 0 60  GLN A CA  1 ? 
ATOM   457  C C   . GLN A 1 56  ? -9.223  8.406   2.245   1.000 22.683 0 60  GLN A C   1 ? 
ATOM   458  O O   . GLN A 1 56  ? -9.966  7.435   2.420   1.000 23.228 0 60  GLN A O   1 ? 
ATOM   459  C CB  . GLN A 1 56  ? -10.346 9.777   0.498   1.000 24.422 0 60  GLN A CB  1 ? 
ATOM   460  C CG  . GLN A 1 56  ? -10.673 10.907  1.475   1.000 25.917 0 60  GLN A CG  1 ? 
ATOM   461  C CD  . GLN A 1 56  ? -11.881 11.720  1.083   1.000 29.203 0 60  GLN A CD  1 ? 
ATOM   462  O OE1 . GLN A 1 56  ? -12.529 11.481  0.069   1.000 30.506 0 60  GLN A OE1 1 ? 
ATOM   463  N NE2 . GLN A 1 56  ? -12.164 12.760  1.870   1.000 26.894 0 60  GLN A NE2 1 ? 
ATOM   464  N N   . PRO A 1 57  ? -8.560  8.948   3.283   1.000 23.697 0 61  PRO A N   1 ? 
ATOM   465  C CA  . PRO A 1 57  ? -8.749  8.476   4.647   1.000 22.059 0 61  PRO A CA  1 ? 
ATOM   466  C C   . PRO A 1 57  ? -10.026 9.121   5.194   1.000 24.947 0 61  PRO A C   1 ? 
ATOM   467  O O   . PRO A 1 57  ? -10.240 10.326  5.042   1.000 25.493 0 61  PRO A O   1 ? 
ATOM   468  C CB  . PRO A 1 57  ? -7.496  8.984   5.381   1.000 26.852 0 61  PRO A CB  1 ? 
ATOM   469  C CG  . PRO A 1 57  ? -7.086  10.172  4.590   1.000 30.241 0 61  PRO A CG  1 ? 
ATOM   470  C CD  . PRO A 1 57  ? -7.525  9.993   3.161   1.000 27.919 0 61  PRO A CD  1 ? 
ATOM   471  N N   . ILE A 1 58  ? -10.900 8.285   5.696   1.000 23.766 0 62  ILE A N   1 ? 
ATOM   472  C CA  A ILE A 1 58  ? -12.155 8.756   6.263   0.500 25.351 0 62  ILE A CA  1 ? 
ATOM   473  C CA  B ILE A 1 58  ? -12.179 8.722   6.238   0.500 25.379 0 62  ILE A CA  1 ? 
ATOM   474  C C   . ILE A 1 58  ? -12.337 8.103   7.626   1.000 27.811 0 62  ILE A C   1 ? 
ATOM   475  O O   . ILE A 1 58  ? -11.668 7.125   7.966   1.000 25.535 0 62  ILE A O   1 ? 
ATOM   476  C CB  A ILE A 1 58  ? -13.337 8.466   5.320   0.500 26.686 0 62  ILE A CB  1 ? 
ATOM   477  C CB  B ILE A 1 58  ? -13.330 8.350   5.276   0.500 26.881 0 62  ILE A CB  1 ? 
ATOM   478  C CG1 A ILE A 1 58  ? -13.560 6.961   5.142   0.500 26.381 0 62  ILE A CG1 1 ? 
ATOM   479  C CG1 B ILE A 1 58  ? -13.502 6.832   5.144   0.500 27.301 0 62  ILE A CG1 1 ? 
ATOM   480  C CG2 A ILE A 1 58  ? -13.124 9.185   3.994   0.500 27.514 0 62  ILE A CG2 1 ? 
ATOM   481  C CG2 B ILE A 1 58  ? -13.118 9.015   3.924   0.500 27.808 0 62  ILE A CG2 1 ? 
ATOM   482  C CD1 A ILE A 1 58  ? -14.216 6.244   6.326   0.500 27.316 0 62  ILE A CD1 1 ? 
ATOM   483  C CD1 B ILE A 1 58  ? -14.494 6.378   4.063   0.500 27.957 0 62  ILE A CD1 1 ? 
ATOM   484  N N   . GLN A 1 59  ? -13.263 8.669   8.429   1.000 24.850 0 63  GLN A N   1 ? 
ATOM   485  C CA  . GLN A 1 59  ? -13.590 8.054   9.685   1.000 25.109 0 63  GLN A CA  1 ? 
ATOM   486  C C   . GLN A 1 59  ? -15.065 7.666   9.761   1.000 23.799 0 63  GLN A C   1 ? 
ATOM   487  O O   . GLN A 1 59  ? -15.898 8.424   9.254   1.000 25.109 0 63  GLN A O   1 ? 
ATOM   488  C CB  . GLN A 1 59  ? -13.282 8.994   10.857  1.000 30.735 0 63  GLN A CB  1 ? 
ATOM   489  C CG  . GLN A 1 59  ? -11.805 9.272   11.021  1.000 36.680 0 63  GLN A CG  1 ? 
ATOM   490  C CD  . GLN A 1 59  ? -11.586 9.941   12.358  1.000 46.774 0 63  GLN A CD  1 ? 
ATOM   491  O OE1 . GLN A 1 59  ? -12.429 9.884   13.247  1.000 53.413 0 63  GLN A OE1 1 ? 
ATOM   492  N NE2 . GLN A 1 59  ? -10.437 10.575  12.511  1.000 63.312 0 63  GLN A NE2 1 ? 
ATOM   493  N N   . ASP A 1 60  ? -15.312 6.556   10.434  1.000 26.042 0 64  ASP A N   1 ? 
ATOM   494  C CA  . ASP A 1 60  ? -16.658 6.092   10.719  1.000 24.712 0 64  ASP A CA  1 ? 
ATOM   495  C C   . ASP A 1 60  ? -17.169 6.776   11.999  1.000 26.893 0 64  ASP A C   1 ? 
ATOM   496  O O   . ASP A 1 60  ? -16.477 7.590   12.613  1.000 27.430 0 64  ASP A O   1 ? 
ATOM   497  C CB  . ASP A 1 60  ? -16.781 4.590   10.723  1.000 25.765 0 64  ASP A CB  1 ? 
ATOM   498  C CG  . ASP A 1 60  ? -16.131 3.828   11.876  1.000 27.533 0 64  ASP A CG  1 ? 
ATOM   499  O OD1 . ASP A 1 60  ? -15.713 4.531   12.873  1.000 30.155 0 64  ASP A OD1 1 ? 
ATOM   500  O OD2 . ASP A 1 60  ? -16.134 2.590   11.799  1.000 30.969 0 64  ASP A OD2 1 ? 
ATOM   501  N N   . ARG A 1 61  ? -18.402 6.415   12.353  1.000 28.355 0 65  ARG A N   1 ? 
ATOM   502  C CA  . ARG A 1 61  ? -19.073 7.019   13.507  1.000 30.815 0 65  ARG A CA  1 ? 
ATOM   503  C C   . ARG A 1 61  ? -18.237 6.784   14.761  1.000 33.755 0 65  ARG A C   1 ? 
ATOM   504  O O   . ARG A 1 61  ? -18.275 7.642   15.647  1.000 37.021 0 65  ARG A O   1 ? 
ATOM   505  C CB  . ARG A 1 61  ? -20.487 6.445   13.637  1.000 32.622 0 65  ARG A CB  1 ? 
ATOM   506  C CG  . ARG A 1 61  ? -21.303 6.993   14.811  1.000 38.713 0 65  ARG A CG  1 ? 
ATOM   507  C CD  . ARG A 1 61  ? -22.559 6.183   15.051  1.000 37.670 0 65  ARG A CD  1 ? 
ATOM   508  N NE  . ARG A 1 61  ? -22.219 4.840   15.501  1.000 39.808 0 65  ARG A NE  1 ? 
ATOM   509  C CZ  . ARG A 1 61  ? -21.929 4.501   16.757  1.000 45.979 0 65  ARG A CZ  1 ? 
ATOM   510  N NH1 . ARG A 1 61  ? -22.036 5.404   17.718  1.000 49.965 0 65  ARG A NH1 1 ? 
ATOM   511  N NH2 . ARG A 1 61  ? -21.600 3.256   17.053  1.000 42.584 0 65  ARG A NH2 1 ? 
ATOM   512  N N   . ARG A 1 62  ? -17.509 5.662   14.851  1.000 34.962 0 66  ARG A N   1 ? 
ATOM   513  C CA  . ARG A 1 62  ? -16.764 5.293   16.053  1.000 34.897 0 66  ARG A CA  1 ? 
ATOM   514  C C   . ARG A 1 62  ? -15.353 5.851   16.061  1.000 37.738 0 66  ARG A C   1 ? 
ATOM   515  O O   . ARG A 1 62  ? -14.582 5.539   16.966  1.000 39.665 0 66  ARG A O   1 ? 
ATOM   516  C CB  . ARG A 1 62  ? -16.755 3.786   16.183  1.000 37.406 0 66  ARG A CB  1 ? 
ATOM   517  C CG  . ARG A 1 62  ? -18.109 3.241   16.602  1.000 42.745 0 66  ARG A CG  1 ? 
ATOM   518  C CD  . ARG A 1 62  ? -18.161 1.751   16.446  1.000 48.208 0 66  ARG A CD  1 ? 
ATOM   519  N NE  . ARG A 1 62  ? -17.089 1.166   17.229  1.000 53.884 0 66  ARG A NE  1 ? 
ATOM   520  C CZ  . ARG A 1 62  ? -16.882 -0.131  17.381  1.000 59.560 0 66  ARG A CZ  1 ? 
ATOM   521  N NH1 . ARG A 1 62  ? -17.791 -0.997  16.976  1.000 64.070 0 66  ARG A NH1 1 ? 
ATOM   522  N NH2 . ARG A 1 62  ? -15.773 -0.556  17.968  1.000 71.735 0 66  ARG A NH2 1 ? 
ATOM   523  N N   . GLY A 1 63  ? -15.021 6.676   15.080  1.000 31.668 0 67  GLY A N   1 ? 
ATOM   524  C CA  . GLY A 1 63  ? -13.722 7.317   14.938  1.000 32.668 0 67  GLY A CA  1 ? 
ATOM   525  C C   . GLY A 1 63  ? -12.650 6.405   14.333  1.000 34.242 0 67  GLY A C   1 ? 
ATOM   526  O O   . GLY A 1 63  ? -11.495 6.799   14.351  1.000 34.015 0 67  GLY A O   1 ? 
ATOM   527  N N   . ARG A 1 64  ? -13.038 5.257   13.769  1.000 30.565 0 68  ARG A N   1 ? 
ATOM   528  C CA  . ARG A 1 64  ? -12.073 4.342   13.151  1.000 28.735 0 68  ARG A CA  1 ? 
ATOM   529  C C   . ARG A 1 64  ? -11.749 4.864   11.767  1.000 29.675 0 68  ARG A C   1 ? 
ATOM   530  O O   . ARG A 1 64  ? -12.629 5.369   11.080  1.000 27.709 0 68  ARG A O   1 ? 
ATOM   531  C CB  . ARG A 1 64  ? -12.619 2.930   13.096  1.000 31.605 0 68  ARG A CB  1 ? 
ATOM   532  C CG  . ARG A 1 64  ? -12.977 2.448   14.494  1.000 36.667 0 68  ARG A CG  1 ? 
ATOM   533  C CD  . ARG A 1 64  ? -13.460 1.048   14.415  1.000 39.497 0 68  ARG A CD  1 ? 
ATOM   534  N NE  . ARG A 1 64  ? -14.750 1.038   13.762  1.000 43.584 0 68  ARG A NE  1 ? 
ATOM   535  C CZ  . ARG A 1 64  ? -15.535 -0.015  13.740  1.000 49.723 0 68  ARG A CZ  1 ? 
ATOM   536  N NH1 . ARG A 1 64  ? -15.163 -1.119  14.358  1.000 48.328 0 68  ARG A NH1 1 ? 
ATOM   537  N NH2 . ARG A 1 64  ? -16.706 0.050   13.135  1.000 46.735 0 68  ARG A NH2 1 ? 
ATOM   538  N N   . THR A 1 65  ? -10.486 4.738   11.360  1.000 27.184 0 69  THR A N   1 ? 
ATOM   539  C CA  . THR A 1 65  ? -10.073 5.196   10.039  1.000 25.212 0 69  THR A CA  1 ? 
ATOM   540  C C   . THR A 1 65  ? -10.125 4.054   9.023   1.000 24.879 0 69  THR A C   1 ? 
ATOM   541  O O   . THR A 1 65  ? -9.689  2.934   9.295   1.000 26.022 0 69  THR A O   1 ? 
ATOM   542  C CB  . THR A 1 65  ? -8.627  5.725   10.082  1.000 28.738 0 69  THR A CB  1 ? 
ATOM   543  O OG1 . THR A 1 65  ? -8.635  6.907   10.893  1.000 29.507 0 69  THR A OG1 1 ? 
ATOM   544  C CG2 . THR A 1 65  ? -8.043  6.125   8.759   1.000 29.303 0 69  THR A CG2 1 ? 
ATOM   545  N N   . ILE A 1 66  ? -10.732 4.368   7.886   1.000 24.067 0 70  ILE A N   1 ? 
ATOM   546  C CA  . ILE A 1 66  ? -10.808 3.471   6.739   1.000 23.581 0 70  ILE A CA  1 ? 
ATOM   547  C C   . ILE A 1 66  ? -10.121 4.216   5.624   1.000 23.449 0 70  ILE A C   1 ? 
ATOM   548  O O   . ILE A 1 66  ? -10.321 5.409   5.437   1.000 23.155 0 70  ILE A O   1 ? 
ATOM   549  C CB  . ILE A 1 66  ? -12.288 3.181   6.359   1.000 25.121 0 70  ILE A CB  1 ? 
ATOM   550  C CG1 . ILE A 1 66  ? -13.146 2.686   7.508   1.000 33.477 0 70  ILE A CG1 1 ? 
ATOM   551  C CG2 . ILE A 1 66  ? -12.394 2.297   5.117   1.000 27.556 0 70  ILE A CG2 1 ? 
ATOM   552  C CD1 . ILE A 1 66  ? -12.615 1.547   8.238   1.000 43.030 0 70  ILE A CD1 1 ? 
ATOM   553  N N   . LEU A 1 67  ? -9.283  3.510   4.843   1.000 22.349 0 71  LEU A N   1 ? 
ATOM   554  C CA  . LEU A 1 67  ? -8.778  4.064   3.611   1.000 21.000 0 71  LEU A CA  1 ? 
ATOM   555  C C   . LEU A 1 67  ? -9.690  3.638   2.472   1.000 22.144 0 71  LEU A C   1 ? 
ATOM   556  O O   . LEU A 1 67  ? -9.768  2.448   2.197   1.000 23.312 0 71  LEU A O   1 ? 
ATOM   557  C CB  . LEU A 1 67  ? -7.359  3.561   3.397   1.000 23.385 0 71  LEU A CB  1 ? 
ATOM   558  C CG  . LEU A 1 67  ? -6.356  3.930   4.479   1.000 26.520 0 71  LEU A CG  1 ? 
ATOM   559  C CD1 . LEU A 1 67  ? -4.947  3.474   4.030   1.000 29.427 0 71  LEU A CD1 1 ? 
ATOM   560  C CD2 . LEU A 1 67  ? -6.368  5.435   4.763   1.000 27.198 0 71  LEU A CD2 1 ? 
ATOM   561  N N   . LEU A 1 68  ? -10.330 4.616   1.840   1.000 22.042 0 72  LEU A N   1 ? 
ATOM   562  C CA  . LEU A 1 68  ? -11.176 4.344   0.696   1.000 23.133 0 72  LEU A CA  1 ? 
ATOM   563  C C   . LEU A 1 68  ? -10.299 4.513   -0.541  1.000 23.226 0 72  LEU A C   1 ? 
ATOM   564  O O   . LEU A 1 68  ? -9.953  5.653   -0.948  1.000 24.144 0 72  LEU A O   1 ? 
ATOM   565  C CB  . LEU A 1 68  ? -12.332 5.352   0.693   1.000 25.341 0 72  LEU A CB  1 ? 
ATOM   566  C CG  . LEU A 1 68  ? -13.580 5.009   -0.099  1.000 39.844 0 72  LEU A CG  1 ? 
ATOM   567  C CD1 . LEU A 1 68  ? -14.236 3.738   0.423   1.000 40.671 0 72  LEU A CD1 1 ? 
ATOM   568  C CD2 . LEU A 1 68  ? -14.569 6.170   -0.012  1.000 48.004 0 72  LEU A CD2 1 ? 
ATOM   569  N N   . VAL A 1 69  ? -10.024 3.384   -1.215  1.000 22.019 0 73  VAL A N   1 ? 
ATOM   570  C CA  . VAL A 1 69  ? -9.146  3.393   -2.358  1.000 20.770 0 73  VAL A CA  1 ? 
ATOM   571  C C   . VAL A 1 69  ? -9.945  3.503   -3.649  1.000 21.385 0 73  VAL A C   1 ? 
ATOM   572  O O   . VAL A 1 69  ? -10.821 2.683   -3.944  1.000 22.741 0 73  VAL A O   1 ? 
ATOM   573  C CB  . VAL A 1 69  ? -8.204  2.174   -2.390  1.000 21.239 0 73  VAL A CB  1 ? 
ATOM   574  C CG1 . VAL A 1 69  ? -7.307  2.197   -3.604  1.000 21.924 0 73  VAL A CG1 1 ? 
ATOM   575  C CG2 . VAL A 1 69  ? -7.388  2.106   -1.114  1.000 22.019 0 73  VAL A CG2 1 ? 
ATOM   576  N N   . ARG A 1 70  ? -9.658  4.578   -4.374  1.000 21.481 0 74  ARG A N   1 ? 
ATOM   577  C CA  . ARG A 1 70  ? -10.244 4.810   -5.689  1.000 22.642 0 74  ARG A CA  1 ? 
ATOM   578  C C   . ARG A 1 70  ? -9.491  4.085   -6.799  1.000 22.938 0 74  ARG A C   1 ? 
ATOM   579  O O   . ARG A 1 70  ? -10.115 3.617   -7.756  1.000 25.202 0 74  ARG A O   1 ? 
ATOM   580  C CB  . ARG A 1 70  ? -10.193 6.292   -6.028  1.000 23.720 0 74  ARG A CB  1 ? 
ATOM   581  C CG  . ARG A 1 70  ? -10.767 7.251   -4.996  1.000 32.788 0 74  ARG A CG  1 ? 
ATOM   582  C CD  . ARG A 1 70  ? -12.252 7.279   -4.946  1.000 33.293 0 74  ARG A CD  1 ? 
ATOM   583  N NE  . ARG A 1 70  ? -12.748 8.508   -4.285  1.000 29.333 0 74  ARG A NE  1 ? 
ATOM   584  C CZ  . ARG A 1 70  ? -13.048 9.672   -4.849  1.000 29.137 0 74  ARG A CZ  1 ? 
ATOM   585  N NH1 . ARG A 1 70  ? -12.889 9.916   -6.127  1.000 31.439 0 74  ARG A NH1 1 ? 
ATOM   586  N NH2 . ARG A 1 70  ? -13.612 10.606  -4.098  1.000 29.755 0 74  ARG A NH2 1 ? 
ATOM   587  N N   . ASP A 1 71  ? -8.142  4.010   -6.736  1.000 22.262 0 75  ASP A N   1 ? 
ATOM   588  C CA  . ASP A 1 71  ? -7.380  3.436   -7.830  1.000 21.817 0 75  ASP A CA  1 ? 
ATOM   589  C C   . ASP A 1 71  ? -6.008  3.058   -7.267  1.000 21.907 0 75  ASP A C   1 ? 
ATOM   590  O O   . ASP A 1 71  ? -5.522  3.672   -6.325  1.000 21.692 0 75  ASP A O   1 ? 
ATOM   591  C CB  . ASP A 1 71  ? -7.198  4.428   -8.978  1.000 24.258 0 75  ASP A CB  1 ? 
ATOM   592  C CG  . ASP A 1 71  ? -6.690  3.887   -10.295 1.000 29.022 0 75  ASP A CG  1 ? 
ATOM   593  O OD1 . ASP A 1 71  ? -6.850  2.694   -10.553 1.000 29.168 0 75  ASP A OD1 1 ? 
ATOM   594  O OD2 . ASP A 1 71  ? -6.174  4.707   -11.043 1.000 30.197 0 75  ASP A OD2 1 ? 
ATOM   595  N N   . GLN A 1 72  ? -5.435  1.999   -7.815  1.000 20.796 0 76  GLN A N   1 ? 
ATOM   596  C CA  . GLN A 1 72  ? -4.045  1.628   -7.546  1.000 19.491 0 76  GLN A CA  1 ? 
ATOM   597  C C   . GLN A 1 72  ? -3.476  1.103   -8.867  1.000 20.723 0 76  GLN A C   1 ? 
ATOM   598  O O   . GLN A 1 72  ? -4.194  0.440   -9.622  1.000 21.615 0 76  GLN A O   1 ? 
ATOM   599  C CB  . GLN A 1 72  ? -3.887  0.628   -6.386  1.000 20.607 0 76  GLN A CB  1 ? 
ATOM   600  C CG  . GLN A 1 72  ? -4.581  -0.690  -6.590  1.000 22.083 0 76  GLN A CG  1 ? 
ATOM   601  C CD  . GLN A 1 72  ? -3.852  -1.683  -7.459  1.000 22.533 0 76  GLN A CD  1 ? 
ATOM   602  O OE1 . GLN A 1 72  ? -2.634  -1.660  -7.657  1.000 23.297 0 76  GLN A OE1 1 ? 
ATOM   603  N NE2 . GLN A 1 72  ? -4.641  -2.582  -8.047  1.000 24.171 0 76  GLN A NE2 1 ? 
ATOM   604  N N   . ASN A 1 73  ? -2.181  1.360   -9.103  1.000 20.851 0 77  ASN A N   1 ? 
ATOM   605  C CA  . ASN A 1 73  ? -1.533  0.926   -10.321 1.000 20.543 0 77  ASN A CA  1 ? 
ATOM   606  C C   . ASN A 1 73  ? -0.059  0.655   -10.063 1.000 22.161 0 77  ASN A C   1 ? 
ATOM   607  O O   . ASN A 1 73  ? 0.593   1.434   -9.369  1.000 21.983 0 77  ASN A O   1 ? 
ATOM   608  C CB  . ASN A 1 73  ? -1.599  1.974   -11.426 1.000 22.939 0 77  ASN A CB  1 ? 
ATOM   609  C CG  . ASN A 1 73  ? -3.026  2.320   -11.813 1.000 22.289 0 77  ASN A CG  1 ? 
ATOM   610  O OD1 . ASN A 1 73  ? -3.632  1.614   -12.626 1.000 24.612 0 77  ASN A OD1 1 ? 
ATOM   611  N ND2 . ASN A 1 73  ? -3.507  3.388   -11.247 1.000 24.271 0 77  ASN A ND2 1 ? 
ATOM   612  N N   . THR A 1 74  ? 0.461   -0.388  -10.726 1.000 21.450 0 78  THR A N   1 ? 
ATOM   613  C CA  . THR A 1 74  ? 1.902   -0.527  -10.920 1.000 21.001 0 78  THR A CA  1 ? 
ATOM   614  C C   . THR A 1 74  ? 2.174   -0.310  -12.404 1.000 22.987 0 78  THR A C   1 ? 
ATOM   615  O O   . THR A 1 74  ? 1.928   -1.184  -13.226 1.000 25.010 0 78  THR A O   1 ? 
ATOM   616  C CB  . THR A 1 74  ? 2.417   -1.859  -10.407 1.000 22.290 0 78  THR A CB  1 ? 
ATOM   617  O OG1 . THR A 1 74  ? 2.031   -2.094  -9.062  1.000 22.309 0 78  THR A OG1 1 ? 
ATOM   618  C CG2 . THR A 1 74  ? 3.935   -1.953  -10.512 1.000 23.700 0 78  THR A CG2 1 ? 
ATOM   619  N N   . PHE A 1 75  ? 2.572   0.909   -12.738 1.000 23.043 0 79  PHE A N   1 ? 
ATOM   620  C CA  . PHE A 1 75  ? 2.725   1.308   -14.126 1.000 25.680 0 79  PHE A CA  1 ? 
ATOM   621  C C   . PHE A 1 75  ? 3.946   0.688   -14.784 1.000 29.123 0 79  PHE A C   1 ? 
ATOM   622  O O   . PHE A 1 75  ? 3.897   0.287   -15.961 1.000 29.861 0 79  PHE A O   1 ? 
ATOM   623  C CB  . PHE A 1 75  ? 2.801   2.819   -14.240 1.000 26.676 0 79  PHE A CB  1 ? 
ATOM   624  C CG  . PHE A 1 75  ? 1.564   3.575   -13.817 1.000 27.135 0 79  PHE A CG  1 ? 
ATOM   625  C CD1 . PHE A 1 75  ? 0.370   3.493   -14.524 1.000 28.229 0 79  PHE A CD1 1 ? 
ATOM   626  C CD2 . PHE A 1 75  ? 1.574   4.301   -12.646 1.000 25.255 0 79  PHE A CD2 1 ? 
ATOM   627  C CE1 . PHE A 1 75  ? -0.758  4.191   -14.119 1.000 27.098 0 79  PHE A CE1 1 ? 
ATOM   628  C CE2 . PHE A 1 75  ? 0.451   5.004   -12.253 1.000 25.751 0 79  PHE A CE2 1 ? 
ATOM   629  C CZ  . PHE A 1 75  ? -0.705  4.969   -12.984 1.000 28.380 0 79  PHE A CZ  1 ? 
ATOM   630  N N   . GLY A 1 76  ? 5.053   0.653   -14.058 1.000 27.182 0 80  GLY A N   1 ? 
ATOM   631  C CA  . GLY A 1 76  ? 6.287   0.113   -14.599 1.000 27.812 0 80  GLY A CA  1 ? 
ATOM   632  C C   . GLY A 1 76  ? 6.271   -1.399  -14.558 1.000 28.307 0 80  GLY A C   1 ? 
ATOM   633  O O   . GLY A 1 76  ? 6.209   -2.024  -13.503 1.000 25.379 0 80  GLY A O   1 ? 
ATOM   634  N N   . ALA A 1 77  ? 6.380   -2.045  -15.714 1.000 26.586 0 81  ALA A N   1 ? 
ATOM   635  C CA  . ALA A 1 77  ? 6.186   -3.468  -15.775 1.000 27.237 0 81  ALA A CA  1 ? 
ATOM   636  C C   . ALA A 1 77  ? 7.250   -4.227  -14.979 1.000 26.215 0 81  ALA A C   1 ? 
ATOM   637  O O   . ALA A 1 77  ? 6.970   -5.270  -14.389 1.000 26.719 0 81  ALA A O   1 ? 
ATOM   638  C CB  . ALA A 1 77  ? 6.193   -3.924  -17.211 1.000 31.996 0 81  ALA A CB  1 ? 
ATOM   639  N N   . GLU A 1 78  ? 8.473   -3.696  -14.949 1.000 26.399 0 82  GLU A N   1 ? 
ATOM   640  C CA  . GLU A 1 78  ? 9.558   -4.366  -14.249 1.000 30.867 0 82  GLU A CA  1 ? 
ATOM   641  C C   . GLU A 1 78  ? 9.335   -4.376  -12.726 1.000 27.285 0 82  GLU A C   1 ? 
ATOM   642  O O   . GLU A 1 78  ? 9.988   -5.159  -12.013 1.000 27.057 0 82  GLU A O   1 ? 
ATOM   643  C CB  . GLU A 1 78  ? 10.870  -3.606  -14.522 1.000 33.651 0 82  GLU A CB  1 ? 
ATOM   644  C CG  . GLU A 1 78  ? 11.276  -3.515  -15.986 1.000 49.278 0 82  GLU A CG  1 ? 
ATOM   645  C CD  . GLU A 1 78  ? 11.214  -4.816  -16.774 1.000 74.719 0 82  GLU A CD  1 ? 
ATOM   646  O OE1 . GLU A 1 78  ? 10.654  -4.810  -17.902 1.000 90.657 0 82  GLU A OE1 1 ? 
ATOM   647  O OE2 . GLU A 1 78  ? 11.703  -5.844  -16.257 1.000 94.685 0 82  GLU A OE2 1 ? 
ATOM   648  N N   . LEU A 1 79  ? 8.485   -3.481  -12.224 1.000 23.679 0 83  LEU A N   1 ? 
ATOM   649  C CA  . LEU A 1 79  ? 8.236   -3.389  -10.791 1.000 22.326 0 83  LEU A CA  1 ? 
ATOM   650  C C   . LEU A 1 79  ? 7.168   -4.405  -10.340 1.000 22.262 0 83  LEU A C   1 ? 
ATOM   651  O O   . LEU A 1 79  ? 7.002   -4.555  -9.130  1.000 22.271 0 83  LEU A O   1 ? 
ATOM   652  C CB  . LEU A 1 79  ? 7.762   -2.003  -10.385 1.000 24.039 0 83  LEU A CB  1 ? 
ATOM   653  C CG  . LEU A 1 79  ? 8.805   -0.884  -10.452 1.000 30.201 0 83  LEU A CG  1 ? 
ATOM   654  C CD1 . LEU A 1 79  ? 9.002   -0.440  -11.870 1.000 39.195 0 83  LEU A CD1 1 ? 
ATOM   655  C CD2 . LEU A 1 79  ? 8.388   0.274   -9.571  1.000 31.502 0 83  LEU A CD2 1 ? 
ATOM   656  N N   . ARG A 1 80  ? 6.469   -5.080  -11.250 1.000 23.314 0 84  ARG A N   1 ? 
ATOM   657  C CA  . ARG A 1 80  ? 5.367   -5.988  -10.895 1.000 21.875 0 84  ARG A CA  1 ? 
ATOM   658  C C   . ARG A 1 80  ? 5.867   -7.343  -10.418 1.000 21.817 0 84  ARG A C   1 ? 
ATOM   659  O O   . ARG A 1 80  ? 7.028   -7.712  -10.644 1.000 22.885 0 84  ARG A O   1 ? 
ATOM   660  C CB  . ARG A 1 80  ? 4.480   -6.210  -12.137 1.000 24.140 0 84  ARG A CB  1 ? 
ATOM   661  C CG  . ARG A 1 80  ? 3.822   -4.944  -12.665 1.000 24.804 0 84  ARG A CG  1 ? 
ATOM   662  C CD  . ARG A 1 80  ? 3.061   -5.165  -13.976 1.000 28.433 0 84  ARG A CD  1 ? 
ATOM   663  N NE  . ARG A 1 80  ? 2.535   -3.891  -14.433 1.000 30.634 0 84  ARG A NE  1 ? 
ATOM   664  C CZ  . ARG A 1 80  ? 2.279   -3.559  -15.691 1.000 34.961 0 84  ARG A CZ  1 ? 
ATOM   665  N NH1 . ARG A 1 80  ? 2.561   -4.399  -16.675 1.000 32.629 0 84  ARG A NH1 1 ? 
ATOM   666  N NH2 . ARG A 1 80  ? 1.831   -2.343  -15.960 1.000 33.273 0 84  ARG A NH2 1 ? 
ATOM   667  N N   . GLN A 1 81  ? 4.992   -8.062  -9.718  1.000 21.832 0 85  GLN A N   1 ? 
ATOM   668  C CA  . GLN A 1 81  ? 5.231   -9.404  -9.241  1.000 22.332 0 85  GLN A CA  1 ? 
ATOM   669  C C   . GLN A 1 81  ? 6.350   -9.452  -8.224  1.000 21.567 0 85  GLN A C   1 ? 
ATOM   670  O O   . GLN A 1 81  ? 7.050   -10.450 -8.115  1.000 23.385 0 85  GLN A O   1 ? 
ATOM   671  C CB  . GLN A 1 81  ? 5.491   -10.320 -10.444 1.000 26.562 0 85  GLN A CB  1 ? 
ATOM   672  C CG  . GLN A 1 81  ? 4.318   -10.324 -11.415 1.000 33.153 0 85  GLN A CG  1 ? 
ATOM   673  C CD  . GLN A 1 81  ? 2.980   -10.629 -10.758 1.000 39.902 0 85  GLN A CD  1 ? 
ATOM   674  O OE1 . GLN A 1 81  ? 1.924   -10.034 -11.092 1.000 38.639 0 85  GLN A OE1 1 ? 
ATOM   675  N NE2 . GLN A 1 81  ? 3.042   -11.515 -9.765  1.000 33.281 0 85  GLN A NE2 1 ? 
ATOM   676  N N   . LYS A 1 82  ? 6.463   -8.403  -7.427  1.000 20.285 0 86  LYS A N   1 ? 
ATOM   677  C CA  . LYS A 1 82  ? 7.501   -8.233  -6.447  1.000 20.900 0 86  LYS A CA  1 ? 
ATOM   678  C C   . LYS A 1 82  ? 6.975   -7.708  -5.104  1.000 20.615 0 86  LYS A C   1 ? 
ATOM   679  O O   . LYS A 1 82  ? 7.767   -7.220  -4.304  1.000 21.799 0 86  LYS A O   1 ? 
ATOM   680  C CB  . LYS A 1 82  ? 8.582   -7.312  -7.019  1.000 22.587 0 86  LYS A CB  1 ? 
ATOM   681  C CG  . LYS A 1 82  ? 9.325   -7.903  -8.218  1.000 22.395 0 86  LYS A CG  1 ? 
ATOM   682  C CD  . LYS A 1 82  ? 10.211  -6.888  -8.843  1.000 23.543 0 86  LYS A CD  1 ? 
ATOM   683  C CE  . LYS A 1 82  ? 11.009  -7.439  -10.006 1.000 27.363 0 86  LYS A CE  1 ? 
ATOM   684  N NZ  . LYS A 1 82  ? 10.153  -7.947  -11.097 1.000 28.523 0 86  LYS A NZ  1 ? 
ATOM   685  N N   . ARG A 1 83  ? 5.660   -7.788  -4.867  1.000 19.236 0 87  ARG A N   1 ? 
ATOM   686  C CA  . ARG A 1 83  ? 5.041   -7.325  -3.625  1.000 20.306 0 87  ARG A CA  1 ? 
ATOM   687  C C   . ARG A 1 83  ? 5.153   -5.820  -3.375  1.000 18.362 0 87  ARG A C   1 ? 
ATOM   688  O O   . ARG A 1 83  ? 4.946   -5.374  -2.241  1.000 20.845 0 87  ARG A O   1 ? 
ATOM   689  C CB  . ARG A 1 83  ? 5.548   -8.078  -2.409  1.000 20.170 0 87  ARG A CB  1 ? 
ATOM   690  C CG  . ARG A 1 83  ? 5.481   -9.592  -2.599  1.000 21.131 0 87  ARG A CG  1 ? 
ATOM   691  C CD  . ARG A 1 83  ? 5.747   -10.319 -1.306  1.000 20.227 0 87  ARG A CD  1 ? 
ATOM   692  N NE  . ARG A 1 83  ? 5.528   -11.736 -1.462  1.000 20.725 0 87  ARG A NE  1 ? 
ATOM   693  C CZ  . ARG A 1 83  ? 5.757   -12.646 -0.516  1.000 22.527 0 87  ARG A CZ  1 ? 
ATOM   694  N NH1 . ARG A 1 83  ? 6.409   -12.340 0.585   1.000 24.311 0 87  ARG A NH1 1 ? 
ATOM   695  N NH2 . ARG A 1 83  ? 5.227   -13.855 -0.631  1.000 24.255 0 87  ARG A NH2 1 ? 
ATOM   696  N N   . LEU A 1 84  ? 5.354   -5.025  -4.423  1.000 19.403 0 88  LEU A N   1 ? 
ATOM   697  C CA  . LEU A 1 84  ? 5.423   -3.561  -4.278  1.000 19.088 0 88  LEU A CA  1 ? 
ATOM   698  C C   . LEU A 1 84  ? 4.146   -3.020  -3.647  1.000 19.965 0 88  LEU A C   1 ? 
ATOM   699  O O   . LEU A 1 84  ? 4.188   -2.213  -2.709  1.000 20.470 0 88  LEU A O   1 ? 
ATOM   700  C CB  . LEU A 1 84  ? 5.672   -2.885  -5.634  1.000 19.996 0 88  LEU A CB  1 ? 
ATOM   701  C CG  . LEU A 1 84  ? 5.620   -1.353  -5.568  1.000 21.817 0 88  LEU A CG  1 ? 
ATOM   702  C CD1 . LEU A 1 84  ? 6.754   -0.808  -4.695  1.000 22.845 0 88  LEU A CD1 1 ? 
ATOM   703  C CD2 . LEU A 1 84  ? 5.704   -0.814  -6.958  1.000 24.517 0 88  LEU A CD2 1 ? 
ATOM   704  N N   . MET A 1 85  ? 2.983   -3.482  -4.084  1.000 20.231 0 89  MET A N   1 ? 
ATOM   705  C CA  . MET A 1 85  ? 1.767   -2.879  -3.569  1.000 20.412 0 89  MET A CA  1 ? 
ATOM   706  C C   . MET A 1 85  ? 1.533   -3.269  -2.146  1.000 19.728 0 89  MET A C   1 ? 
ATOM   707  O O   . MET A 1 85  ? 0.964   -2.508  -1.365  1.000 21.204 0 89  MET A O   1 ? 
ATOM   708  C CB  . MET A 1 85  ? 0.566   -3.367  -4.384  1.000 25.181 0 89  MET A CB  1 ? 
ATOM   709  C CG  . MET A 1 85  ? 0.056   -2.452  -5.314  1.000 30.751 0 89  MET A CG  1 ? 
ATOM   710  S SD  . MET A 1 85  ? -0.229  -0.715  -4.802  1.000 23.438 0 89  MET A SD  1 ? 
ATOM   711  C CE  . MET A 1 85  ? 0.156   -0.092  -6.405  1.000 23.898 0 89  MET A CE  1 ? 
ATOM   712  N N   . THR A 1 86  ? 2.083   -4.410  -1.689  1.000 18.714 0 90  THR A N   1 ? 
ATOM   713  C CA  . THR A 1 86  ? 1.974   -4.807  -0.307  1.000 20.648 0 90  THR A CA  1 ? 
ATOM   714  C C   . THR A 1 86  ? 2.769   -3.817  0.537   1.000 21.219 0 90  THR A C   1 ? 
ATOM   715  O O   . THR A 1 86  ? 2.350   -3.404  1.599   1.000 21.637 0 90  THR A O   1 ? 
ATOM   716  C CB  . THR A 1 86  ? 2.420   -6.262  -0.081  1.000 20.909 0 90  THR A CB  1 ? 
ATOM   717  O OG1 . THR A 1 86  ? 1.537   -7.071  -0.871  1.000 22.317 0 90  THR A OG1 1 ? 
ATOM   718  C CG2 . THR A 1 86  ? 2.379   -6.658  1.368   1.000 22.806 0 90  THR A CG2 1 ? 
ATOM   719  N N   . LEU A 1 87  ? 4.002   -3.490  0.079   1.000 19.755 0 91  LEU A N   1 ? 
ATOM   720  C CA  . LEU A 1 87  ? 4.804   -2.531  0.827   1.000 18.793 0 91  LEU A CA  1 ? 
ATOM   721  C C   . LEU A 1 87  ? 4.122   -1.174  0.918   1.000 20.313 0 91  LEU A C   1 ? 
ATOM   722  O O   . LEU A 1 87  ? 4.148   -0.492  1.952   1.000 20.475 0 91  LEU A O   1 ? 
ATOM   723  C CB  . LEU A 1 87  ? 6.198   -2.385  0.173   1.000 19.184 0 91  LEU A CB  1 ? 
ATOM   724  C CG  . LEU A 1 87  ? 7.120   -3.575  0.295   1.000 22.285 0 91  LEU A CG  1 ? 
ATOM   725  C CD1 . LEU A 1 87  ? 8.405   -3.265  -0.510  1.000 26.061 0 91  LEU A CD1 1 ? 
ATOM   726  C CD2 . LEU A 1 87  ? 7.507   -3.870  1.730   1.000 24.564 0 91  LEU A CD2 1 ? 
ATOM   727  N N   . ILE A 1 88  ? 3.528   -0.739  -0.185  1.000 19.580 0 92  ILE A N   1 ? 
ATOM   728  C CA  . ILE A 1 88  ? 2.857   0.551   -0.187  1.000 20.659 0 92  ILE A CA  1 ? 
ATOM   729  C C   . ILE A 1 88  ? 1.690   0.561   0.808   1.000 19.921 0 92  ILE A C   1 ? 
ATOM   730  O O   . ILE A 1 88  ? 1.511   1.489   1.584   1.000 20.182 0 92  ILE A O   1 ? 
ATOM   731  C CB  . ILE A 1 88  ? 2.406   0.945   -1.576  1.000 20.383 0 92  ILE A CB  1 ? 
ATOM   732  C CG1 . ILE A 1 88  ? 3.581   1.154   -2.525  1.000 21.444 0 92  ILE A CG1 1 ? 
ATOM   733  C CG2 . ILE A 1 88  ? 1.517   2.167   -1.496  1.000 22.684 0 92  ILE A CG2 1 ? 
ATOM   734  C CD1 . ILE A 1 88  ? 3.240   1.389   -3.968  1.000 21.441 0 92  ILE A CD1 1 ? 
ATOM   735  N N   . HIS A 1 89  ? 0.897   -0.525  0.768   1.000 20.205 0 93  HIS A N   1 ? 
ATOM   736  C CA  . HIS A 1 89  ? -0.250  -0.600  1.666   1.000 19.542 0 93  HIS A CA  1 ? 
ATOM   737  C C   . HIS A 1 89  ? 0.168   -0.727  3.123   1.000 20.696 0 93  HIS A C   1 ? 
ATOM   738  O O   . HIS A 1 89  ? -0.509  -0.185  3.993   1.000 22.098 0 93  HIS A O   1 ? 
ATOM   739  C CB  . HIS A 1 89  ? -1.195  -1.713  1.213   1.000 18.761 0 93  HIS A CB  1 ? 
ATOM   740  C CG  . HIS A 1 89  ? -2.058  -1.372  0.079   1.000 19.897 0 93  HIS A CG  1 ? 
ATOM   741  N ND1 . HIS A 1 89  ? -1.588  -1.257  -1.216  1.000 21.393 0 93  HIS A ND1 1 ? 
ATOM   742  C CD2 . HIS A 1 89  ? -3.404  -1.138  0.012   1.000 22.368 0 93  HIS A CD2 1 ? 
ATOM   743  C CE1 . HIS A 1 89  ? -2.620  -0.903  -2.011  1.000 21.542 0 93  HIS A CE1 1 ? 
ATOM   744  N NE2 . HIS A 1 89  ? -3.727  -0.850  -1.287  1.000 21.511 0 93  HIS A NE2 1 ? 
ATOM   745  N N   . LEU A 1 90  ? 1.255   -1.466  3.395   1.000 19.563 0 94  LEU A N   1 ? 
ATOM   746  C CA  . LEU A 1 90  ? 1.796   -1.564  4.744   1.000 21.007 0 94  LEU A CA  1 ? 
ATOM   747  C C   . LEU A 1 90  ? 2.085   -0.164  5.250   1.000 22.082 0 94  LEU A C   1 ? 
ATOM   748  O O   . LEU A 1 90  ? 1.687   0.192   6.358   1.000 21.947 0 94  LEU A O   1 ? 
ATOM   749  C CB  . LEU A 1 90  ? 3.052   -2.433  4.722   1.000 21.732 0 94  LEU A CB  1 ? 
ATOM   750  C CG  . LEU A 1 90  ? 3.832   -2.457  6.010   1.000 22.008 0 94  LEU A CG  1 ? 
ATOM   751  C CD1 . LEU A 1 90  ? 3.045   -3.098  7.149   1.000 24.359 0 94  LEU A CD1 1 ? 
ATOM   752  C CD2 . LEU A 1 90  ? 5.137   -3.191  5.824   1.000 22.254 0 94  LEU A CD2 1 ? 
ATOM   753  N N   . TRP A 1 91  ? 2.749   0.663   4.440   1.000 20.840 0 95  TRP A N   1 ? 
ATOM   754  C CA  . TRP A 1 91  ? 3.065   2.020   4.841   1.000 21.213 0 95  TRP A CA  1 ? 
ATOM   755  C C   . TRP A 1 91  ? 1.803   2.853   5.048   1.000 22.281 0 95  TRP A C   1 ? 
ATOM   756  O O   . TRP A 1 91  ? 1.684   3.542   6.065   1.000 22.438 0 95  TRP A O   1 ? 
ATOM   757  C CB  . TRP A 1 91  ? 3.989   2.686   3.819   1.000 22.689 0 95  TRP A CB  1 ? 
ATOM   758  C CG  . TRP A 1 91  ? 4.455   4.030   4.307   1.000 22.018 0 95  TRP A CG  1 ? 
ATOM   759  C CD1 . TRP A 1 91  ? 5.531   4.282   5.131   1.000 23.506 0 95  TRP A CD1 1 ? 
ATOM   760  C CD2 . TRP A 1 91  ? 3.895   5.296   3.964   1.000 21.885 0 95  TRP A CD2 1 ? 
ATOM   761  N NE1 . TRP A 1 91  ? 5.664   5.640   5.320   1.000 23.447 0 95  TRP A NE1 1 ? 
ATOM   762  C CE2 . TRP A 1 91  ? 4.666   6.286   4.638   1.000 22.789 0 95  TRP A CE2 1 ? 
ATOM   763  C CE3 . TRP A 1 91  ? 2.787   5.716   3.221   1.000 23.927 0 95  TRP A CE3 1 ? 
ATOM   764  C CZ2 . TRP A 1 91  ? 4.359   7.645   4.520   1.000 26.943 0 95  TRP A CZ2 1 ? 
ATOM   765  C CZ3 . TRP A 1 91  ? 2.473   7.049   3.126   1.000 26.911 0 95  TRP A CZ3 1 ? 
ATOM   766  C CH2 . TRP A 1 91  ? 3.275   8.012   3.750   1.000 27.777 0 95  TRP A CH2 1 ? 
ATOM   767  N N   . LEU A 1 92  ? 0.830   2.715   4.145   1.000 20.222 0 96  LEU A N   1 ? 
ATOM   768  C CA  . LEU A 1 92  ? -0.361  3.540   4.236   1.000 21.634 0 96  LEU A CA  1 ? 
ATOM   769  C C   . LEU A 1 92  ? -1.167  3.180   5.478   1.000 22.092 0 96  LEU A C   1 ? 
ATOM   770  O O   . LEU A 1 92  ? -1.694  4.071   6.163   1.000 22.347 0 96  LEU A O   1 ? 
ATOM   771  C CB  . LEU A 1 92  ? -1.229  3.342   3.000   1.000 21.456 0 96  LEU A CB  1 ? 
ATOM   772  C CG  . LEU A 1 92  ? -0.748  3.999   1.725   1.000 21.597 0 96  LEU A CG  1 ? 
ATOM   773  C CD1 . LEU A 1 92  ? -1.635  3.557   0.579   1.000 23.174 0 96  LEU A CD1 1 ? 
ATOM   774  C CD2 . LEU A 1 92  ? -0.753  5.508   1.840   1.000 22.817 0 96  LEU A CD2 1 ? 
ATOM   775  N N   . VAL A 1 93  ? -1.307  1.896   5.755   1.000 20.610 0 97  VAL A N   1 ? 
ATOM   776  C CA  . VAL A 1 93  ? -2.037  1.443   6.934   1.000 21.764 0 97  VAL A CA  1 ? 
ATOM   777  C C   . VAL A 1 93  ? -1.384  1.974   8.216   1.000 24.372 0 97  VAL A C   1 ? 
ATOM   778  O O   . VAL A 1 93  ? -2.068  2.432   9.139   1.000 23.806 0 97  VAL A O   1 ? 
ATOM   779  C CB  . VAL A 1 93  ? -2.180  -0.085  6.922   1.000 25.199 0 97  VAL A CB  1 ? 
ATOM   780  C CG1 . VAL A 1 93  ? -2.538  -0.657  8.270   1.000 28.908 0 97  VAL A CG1 1 ? 
ATOM   781  C CG2 . VAL A 1 93  ? -3.176  -0.508  5.836   1.000 24.241 0 97  VAL A CG2 1 ? 
ATOM   782  N N   . HIS A 1 94  ? -0.053  1.956   8.276   1.000 23.902 0 98  HIS A N   1 ? 
ATOM   783  C CA  . HIS A 1 94  ? 0.679   2.466   9.433   1.000 23.809 0 98  HIS A CA  1 ? 
ATOM   784  C C   . HIS A 1 94  ? 0.560   3.987   9.525   1.000 23.697 0 98  HIS A C   1 ? 
ATOM   785  O O   . HIS A 1 94  ? 0.295   4.521   10.613  1.000 26.476 0 98  HIS A O   1 ? 
ATOM   786  C CB  . HIS A 1 94  ? 2.144   2.031   9.275   1.000 24.725 0 98  HIS A CB  1 ? 
ATOM   787  C CG  . HIS A 1 94  ? 3.011   2.465   10.404  1.000 27.195 0 98  HIS A CG  1 ? 
ATOM   788  N ND1 . HIS A 1 94  ? 4.344   2.825   10.312  1.000 32.873 0 98  HIS A ND1 1 ? 
ATOM   789  C CD2 . HIS A 1 94  ? 2.677   2.474   11.690  1.000 24.940 0 98  HIS A CD2 1 ? 
ATOM   790  C CE1 . HIS A 1 94  ? 4.814   3.048   11.543  1.000 25.526 0 98  HIS A CE1 1 ? 
ATOM   791  N NE2 . HIS A 1 94  ? 3.817   2.859   12.392  1.000 31.916 0 98  HIS A NE2 1 ? 
ATOM   792  N N   . ARG A 1 95  ? 0.746   4.692   8.420   1.000 23.573 0 99  ARG A N   1 ? 
ATOM   793  C CA  . ARG A 1 95  ? 0.680   6.147   8.360   1.000 25.143 0 99  ARG A CA  1 ? 
ATOM   794  C C   . ARG A 1 95  ? -0.668  6.681   8.854   1.000 28.197 0 99  ARG A C   1 ? 
ATOM   795  O O   . ARG A 1 95  ? -0.702  7.605   9.653   1.000 26.675 0 99  ARG A O   1 ? 
ATOM   796  C CB  . ARG A 1 95  ? 0.954   6.677   6.963   1.000 25.089 0 99  ARG A CB  1 ? 
ATOM   797  C CG  . ARG A 1 95  ? 0.667   8.155   6.714   1.000 27.864 0 99  ARG A CG  1 ? 
ATOM   798  C CD  . ARG A 1 95  ? 1.592   9.146   7.397   1.000 33.339 0 99  ARG A CD  1 ? 
ATOM   799  N NE  . ARG A 1 95  ? 1.329   10.485  6.823   1.000 33.894 0 99  ARG A NE  1 ? 
ATOM   800  C CZ  . ARG A 1 95  ? 2.230   11.288  6.222   1.000 42.349 0 99  ARG A CZ  1 ? 
ATOM   801  N NH1 . ARG A 1 95  ? 3.514   10.978  6.090   1.000 41.613 0 99  ARG A NH1 1 ? 
ATOM   802  N NH2 . ARG A 1 95  ? 1.842   12.467  5.760   1.000 47.818 0 99  ARG A NH2 1 ? 
ATOM   803  N N   . PHE A 1 96  ? -1.748  6.047   8.424   1.000 23.216 0 100 PHE A N   1 ? 
ATOM   804  C CA  . PHE A 1 96  ? -3.098  6.504   8.747   1.000 23.561 0 100 PHE A CA  1 ? 
ATOM   805  C C   . PHE A 1 96  ? -3.758  5.737   9.870   1.000 24.109 0 100 PHE A C   1 ? 
ATOM   806  O O   . PHE A 1 96  ? -4.902  6.061   10.212  1.000 27.186 0 100 PHE A O   1 ? 
ATOM   807  C CB  . PHE A 1 96  ? -3.939  6.465   7.469   1.000 23.748 0 100 PHE A CB  1 ? 
ATOM   808  C CG  . PHE A 1 96  ? -3.529  7.545   6.499   1.000 23.692 0 100 PHE A CG  1 ? 
ATOM   809  C CD1 . PHE A 1 96  ? -3.909  8.880   6.643   1.000 25.812 0 100 PHE A CD1 1 ? 
ATOM   810  C CD2 . PHE A 1 96  ? -2.668  7.255   5.449   1.000 23.911 0 100 PHE A CD2 1 ? 
ATOM   811  C CE1 . PHE A 1 96  ? -3.469  9.865   5.761   1.000 27.813 0 100 PHE A CE1 1 ? 
ATOM   812  C CE2 . PHE A 1 96  ? -2.196  8.235   4.584   1.000 24.963 0 100 PHE A CE2 1 ? 
ATOM   813  C CZ  . PHE A 1 96  ? -2.593  9.562   4.742   1.000 25.993 0 100 PHE A CZ  1 ? 
ATOM   814  N N   . LYS A 1 97  ? -3.093  4.790   10.488  1.000 23.206 0 101 LYS A N   1 ? 
ATOM   815  C CA  . LYS A 1 97  ? -3.631  3.967   11.555  1.000 26.806 0 101 LYS A CA  1 ? 
ATOM   816  C C   . LYS A 1 97  ? -4.970  3.369   11.136  1.000 27.336 0 101 LYS A C   1 ? 
ATOM   817  O O   . LYS A 1 97  ? -5.966  3.378   11.866  1.000 28.464 0 101 LYS A O   1 ? 
ATOM   818  C CB  . LYS A 1 97  ? -3.723  4.808   12.843  1.000 29.715 0 101 LYS A CB  1 ? 
ATOM   819  C CG  . LYS A 1 97  ? -2.391  5.431   13.278  1.000 31.511 0 101 LYS A CG  1 ? 
ATOM   820  C CD  . LYS A 1 97  ? -1.372  4.408   13.642  1.000 36.563 0 101 LYS A CD  1 ? 
ATOM   821  C CE  . LYS A 1 97  ? -0.091  4.940   14.246  1.000 44.873 0 101 LYS A CE  1 ? 
ATOM   822  N NZ  . LYS A 1 97  ? 1.014   5.021   13.279  1.000 39.718 0 101 LYS A NZ  1 ? 
ATOM   823  N N   . ALA A 1 98  ? -4.983  2.786   9.938   1.000 24.930 0 102 ALA A N   1 ? 
ATOM   824  C CA  . ALA A 1 98  ? -6.213  2.295   9.351   1.000 25.287 0 102 ALA A CA  1 ? 
ATOM   825  C C   . ALA A 1 98  ? -6.645  0.982   9.962   1.000 25.939 0 102 ALA A C   1 ? 
ATOM   826  O O   . ALA A 1 98  ? -5.851  0.096   10.242  1.000 25.660 0 102 ALA A O   1 ? 
ATOM   827  C CB  . ALA A 1 98  ? -5.994  2.137   7.864   1.000 25.523 0 102 ALA A CB  1 ? 
ATOM   828  N N   . GLN A 1 99  ? -7.976  0.839   10.146  1.000 23.309 0 103 GLN A N   1 ? 
ATOM   829  C CA  . GLN A 1 99  ? -8.561  -0.414  10.534  1.000 22.613 0 103 GLN A CA  1 ? 
ATOM   830  C C   . GLN A 1 99  ? -9.008  -1.286  9.363   1.000 21.907 0 103 GLN A C   1 ? 
ATOM   831  O O   . GLN A 1 99  ? -9.146  -2.497  9.501   1.000 23.431 0 103 GLN A O   1 ? 
ATOM   832  C CB  . GLN A 1 99  ? -9.834  -0.161  11.350  1.000 30.091 0 103 GLN A CB  1 ? 
ATOM   833  C CG  . GLN A 1 99  ? -9.614  0.779   12.525  1.000 42.623 0 103 GLN A CG  1 ? 
ATOM   834  C CD  . GLN A 1 99  ? -8.609  0.166   13.456  1.000 49.075 0 103 GLN A CD  1 ? 
ATOM   835  O OE1 . GLN A 1 99  ? -8.800  -0.957  13.917  1.000 62.440 0 103 GLN A OE1 1 ? 
ATOM   836  N NE2 . GLN A 1 99  ? -7.492  0.853   13.638  1.000 57.415 0 103 GLN A NE2 1 ? 
ATOM   837  N N   . ALA A 1 100 ? -9.250  -0.653  8.225   1.000 22.787 0 104 ALA A N   1 ? 
ATOM   838  C CA  . ALA A 1 100 ? -9.697  -1.369  7.049   1.000 22.989 0 104 ALA A CA  1 ? 
ATOM   839  C C   . ALA A 1 100 ? -9.362  -0.564  5.806   1.000 21.143 0 104 ALA A C   1 ? 
ATOM   840  O O   . ALA A 1 100 ? -9.090  0.647   5.880   1.000 22.508 0 104 ALA A O   1 ? 
ATOM   841  C CB  . ALA A 1 100 ? -11.209 -1.607  7.094   1.000 24.534 0 104 ALA A CB  1 ? 
ATOM   842  N N   . VAL A 1 101 ? -9.347  -1.263  4.664   1.000 21.440 0 105 VAL A N   1 ? 
ATOM   843  C CA  . VAL A 1 101 ? -9.089  -0.661  3.373   1.000 20.316 0 105 VAL A CA  1 ? 
ATOM   844  C C   . VAL A 1 101 ? -10.235 -1.115  2.498   1.000 20.275 0 105 VAL A C   1 ? 
ATOM   845  O O   . VAL A 1 101 ? -10.506 -2.321  2.461   1.000 22.297 0 105 VAL A O   1 ? 
ATOM   846  C CB  . VAL A 1 101 ? -7.724  -1.090  2.794   1.000 21.929 0 105 VAL A CB  1 ? 
ATOM   847  C CG1 . VAL A 1 101 ? -7.523  -0.515  1.407   1.000 23.918 0 105 VAL A CG1 1 ? 
ATOM   848  C CG2 . VAL A 1 101 ? -6.557  -0.721  3.711   1.000 22.259 0 105 VAL A CG2 1 ? 
ATOM   849  N N   . HIS A 1 102 ? -10.944 -0.158  1.908   1.000 21.552 0 106 HIS A N   1 ? 
ATOM   850  C CA  . HIS A 1 102 ? -12.095 -0.483  1.088   1.000 22.360 0 106 HIS A CA  1 ? 
ATOM   851  C C   . HIS A 1 102 ? -11.776 -0.032  -0.318  1.000 21.135 0 106 HIS A C   1 ? 
ATOM   852  O O   . HIS A 1 102 ? -11.414 1.115   -0.517  1.000 24.310 0 106 HIS A O   1 ? 
ATOM   853  C CB  . HIS A 1 102 ? -13.362 0.236   1.557   1.000 22.875 0 106 HIS A CB  1 ? 
ATOM   854  C CG  . HIS A 1 102 ? -13.827 -0.165  2.875   1.000 22.905 0 106 HIS A CG  1 ? 
ATOM   855  N ND1 . HIS A 1 102 ? -15.042 0.305   3.341   1.000 25.956 0 106 HIS A ND1 1 ? 
ATOM   856  C CD2 . HIS A 1 102 ? -13.326 -0.975  3.803   1.000 24.759 0 106 HIS A CD2 1 ? 
ATOM   857  C CE1 . HIS A 1 102 ? -15.222 -0.189  4.561   1.000 26.651 0 106 HIS A CE1 1 ? 
ATOM   858  N NE2 . HIS A 1 102 ? -14.220 -0.964  4.875   1.000 26.688 0 106 HIS A NE2 1 ? 
ATOM   859  N N   . TYR A 1 103 ? -11.982 -0.896  -1.298  1.000 20.451 0 107 TYR A N   1 ? 
ATOM   860  C CA  A TYR A 1 103 ? -11.804 -0.579  -2.711  0.500 20.371 0 107 TYR A CA  1 ? 
ATOM   861  C CA  B TYR A 1 103 ? -11.821 -0.524  -2.694  0.500 21.572 0 107 TYR A CA  1 ? 
ATOM   862  C C   . TYR A 1 103 ? -13.185 -0.344  -3.333  1.000 21.013 0 107 TYR A C   1 ? 
ATOM   863  O O   . TYR A 1 103 ? -13.982 -1.278  -3.340  1.000 23.539 0 107 TYR A O   1 ? 
ATOM   864  C CB  A TYR A 1 103 ? -11.046 -1.718  -3.408  0.500 20.014 0 107 TYR A CB  1 ? 
ATOM   865  C CB  B TYR A 1 103 ? -11.042 -1.591  -3.442  0.500 22.813 0 107 TYR A CB  1 ? 
ATOM   866  C CG  A TYR A 1 103 ? -9.541  -1.561  -3.420  0.500 17.741 0 107 TYR A CG  1 ? 
ATOM   867  C CG  B TYR A 1 103 ? -9.727  -1.846  -2.769  0.500 22.823 0 107 TYR A CG  1 ? 
ATOM   868  C CD1 A TYR A 1 103 ? -8.773  -1.831  -2.298  0.500 17.580 0 107 TYR A CD1 1 ? 
ATOM   869  C CD1 B TYR A 1 103 ? -8.552  -1.397  -3.329  0.500 25.136 0 107 TYR A CD1 1 ? 
ATOM   870  C CD2 A TYR A 1 103 ? -8.904  -1.099  -4.548  0.500 17.067 0 107 TYR A CD2 1 ? 
ATOM   871  C CD2 B TYR A 1 103 ? -9.684  -2.432  -1.522  0.500 21.982 0 107 TYR A CD2 1 ? 
ATOM   872  C CE1 A TYR A 1 103 ? -7.402  -1.623  -2.289  0.500 16.792 0 107 TYR A CE1 1 ? 
ATOM   873  C CE1 B TYR A 1 103 ? -7.335  -1.575  -2.688  0.500 23.140 0 107 TYR A CE1 1 ? 
ATOM   874  C CE2 A TYR A 1 103 ? -7.531  -0.901  -4.569  0.500 19.625 0 107 TYR A CE2 1 ? 
ATOM   875  C CE2 B TYR A 1 103 ? -8.484  -2.604  -0.868  0.500 21.667 0 107 TYR A CE2 1 ? 
ATOM   876  C CZ  A TYR A 1 103 ? -6.788  -1.132  -3.424  0.500 20.041 0 107 TYR A CZ  1 ? 
ATOM   877  C CZ  B TYR A 1 103 ? -7.307  -2.187  -1.455  0.500 23.461 0 107 TYR A CZ  1 ? 
ATOM   878  O OH  A TYR A 1 103 ? -5.434  -0.908  -3.412  0.500 20.342 0 107 TYR A OH  1 ? 
ATOM   879  O OH  B TYR A 1 103 ? -6.139  -2.378  -0.755  0.500 24.920 0 107 TYR A OH  1 ? 
ATOM   880  N N   . VAL A 1 104 ? -13.393 0.853   -3.869  1.000 21.640 0 108 VAL A N   1 ? 
ATOM   881  C CA  . VAL A 1 104 ? -14.696 1.224   -4.377  1.000 23.166 0 108 VAL A CA  1 ? 
ATOM   882  C C   . VAL A 1 104 ? -15.046 0.557   -5.694  1.000 25.387 0 108 VAL A C   1 ? 
ATOM   883  O O   . VAL A 1 104 ? -16.259 0.463   -5.956  1.000 26.794 0 108 VAL A O   1 ? 
ATOM   884  C CB  . VAL A 1 104 ? -14.820 2.750   -4.492  1.000 26.978 0 108 VAL A CB  1 ? 
ATOM   885  C CG1 . VAL A 1 104 ? -14.697 3.387   -3.123  1.000 33.819 0 108 VAL A CG1 1 ? 
ATOM   886  C CG2 . VAL A 1 104 ? -13.820 3.309   -5.452  1.000 29.657 0 108 VAL A CG2 1 ? 
ATOM   887  N N   . THR A 1 105 ? -14.070 0.083   -6.475  1.000 23.392 0 109 THR A N   1 ? 
ATOM   888  C CA  . THR A 1 105 ? -14.419 -0.605  -7.713  1.000 25.634 0 109 THR A CA  1 ? 
ATOM   889  C C   . THR A 1 105 ? -13.739 -1.969  -7.743  1.000 27.076 0 109 THR A C   1 ? 
ATOM   890  O O   . THR A 1 105 ? -12.515 -2.056  -7.641  1.000 25.088 0 109 THR A O   1 ? 
ATOM   891  C CB  . THR A 1 105 ? -14.164 0.308   -8.897  1.000 31.554 0 109 THR A CB  1 ? 
ATOM   892  O OG1 . THR A 1 105 ? -14.537 -0.441  -10.062 1.000 33.455 0 109 THR A OG1 1 ? 
ATOM   893  C CG2 . THR A 1 105 ? -12.756 0.805   -8.985  1.000 35.363 0 109 THR A CG2 1 ? 
ATOM   894  N N   . PRO A 1 106 ? -14.490 -3.063  -7.906  1.000 24.643 0 110 PRO A N   1 ? 
ATOM   895  C CA  . PRO A 1 106 ? -13.898 -4.403  -7.914  1.000 24.681 0 110 PRO A CA  1 ? 
ATOM   896  C C   . PRO A 1 106 ? -13.387 -4.824  -9.284  1.000 25.869 0 110 PRO A C   1 ? 
ATOM   897  O O   . PRO A 1 106 ? -13.830 -5.839  -9.816  1.000 25.247 0 110 PRO A O   1 ? 
ATOM   898  C CB  . PRO A 1 106 ? -15.060 -5.255  -7.440  1.000 29.959 0 110 PRO A CB  1 ? 
ATOM   899  C CG  . PRO A 1 106 ? -16.231 -4.563  -8.089  1.000 26.678 0 110 PRO A CG  1 ? 
ATOM   900  C CD  . PRO A 1 106 ? -15.962 -3.089  -7.940  1.000 29.443 0 110 PRO A CD  1 ? 
ATOM   901  N N   . THR A 1 107 ? -12.397 -4.089  -9.784  1.000 22.376 0 111 THR A N   1 ? 
ATOM   902  C CA  . THR A 1 107 ? -11.764 -4.427  -11.032 1.000 22.320 0 111 THR A CA  1 ? 
ATOM   903  C C   . THR A 1 107 ? -11.000 -5.736  -10.832 1.000 23.568 0 111 THR A C   1 ? 
ATOM   904  O O   . THR A 1 107 ? -10.685 -6.116  -9.717  1.000 22.338 0 111 THR A O   1 ? 
ATOM   905  C CB  . THR A 1 107 ? -10.788 -3.348  -11.497 1.000 24.910 0 111 THR A CB  1 ? 
ATOM   906  O OG1 . THR A 1 107 ? -9.724  -3.270  -10.544 1.000 23.372 0 111 THR A OG1 1 ? 
ATOM   907  C CG2 . THR A 1 107 ? -11.473 -2.015  -11.681 1.000 26.811 0 111 THR A CG2 1 ? 
ATOM   908  N N   . ASP A 1 108 ? -10.652 -6.379  -11.957 1.000 22.200 0 112 ASP A N   1 ? 
ATOM   909  C CA  . ASP A 1 108 ? -9.849  -7.576  -11.862 1.000 23.160 0 112 ASP A CA  1 ? 
ATOM   910  C C   . ASP A 1 108 ? -8.558  -7.256  -11.102 1.000 21.667 0 112 ASP A C   1 ? 
ATOM   911  O O   . ASP A 1 108 ? -8.090  -8.046  -10.284 1.000 21.184 0 112 ASP A O   1 ? 
ATOM   912  C CB  . ASP A 1 108 ? -9.478  -8.114  -13.238 1.000 23.488 0 112 ASP A CB  1 ? 
ATOM   913  C CG  . ASP A 1 108 ? -10.627 -8.679  -14.035 1.000 29.991 0 112 ASP A CG  1 ? 
ATOM   914  O OD1 . ASP A 1 108 ? -11.725 -8.718  -13.519 1.000 30.617 0 112 ASP A OD1 1 ? 
ATOM   915  O OD2 . ASP A 1 108 ? -10.368 -8.984  -15.217 1.000 36.371 0 112 ASP A OD2 1 ? 
ATOM   916  N N   . ASP A 1 109 ? -7.907  -6.144  -11.423 1.000 22.518 0 113 ASP A N   1 ? 
ATOM   917  C CA  . ASP A 1 109 ? -6.616  -5.849  -10.793 1.000 23.022 0 113 ASP A CA  1 ? 
ATOM   918  C C   . ASP A 1 109 ? -6.787  -5.598  -9.286  1.000 20.385 0 113 ASP A C   1 ? 
ATOM   919  O O   . ASP A 1 109 ? -5.924  -5.976  -8.481  1.000 20.360 0 113 ASP A O   1 ? 
ATOM   920  C CB  . ASP A 1 109 ? -5.892  -4.646  -11.397 1.000 23.135 0 113 ASP A CB  1 ? 
ATOM   921  C CG  . ASP A 1 109 ? -4.408  -4.619  -11.038 1.000 29.894 0 113 ASP A CG  1 ? 
ATOM   922  O OD1 . ASP A 1 109 ? -3.755  -5.718  -11.023 1.000 28.726 0 113 ASP A OD1 1 ? 
ATOM   923  O OD2 . ASP A 1 109 ? -3.921  -3.515  -10.725 1.000 31.657 0 113 ASP A OD2 1 ? 
ATOM   924  N N   . ASN A 1 110 ? -7.906  -4.973  -8.858  1.000 19.339 0 114 ASN A N   1 ? 
ATOM   925  C CA  . ASN A 1 110 ? -8.172  -4.753  -7.443  1.000 19.562 0 114 ASN A CA  1 ? 
ATOM   926  C C   . ASN A 1 110 ? -8.501  -6.052  -6.700  1.000 19.230 0 114 ASN A C   1 ? 
ATOM   927  O O   . ASN A 1 110 ? -8.117  -6.248  -5.544  1.000 19.777 0 114 ASN A O   1 ? 
ATOM   928  C CB  . ASN A 1 110 ? -9.274  -3.711  -7.226  1.000 20.345 0 114 ASN A CB  1 ? 
ATOM   929  C CG  . ASN A 1 110 ? -8.814  -2.338  -7.674  1.000 26.453 0 114 ASN A CG  1 ? 
ATOM   930  O OD1 . ASN A 1 110 ? -7.632  -2.076  -7.946  1.000 24.948 0 114 ASN A OD1 1 ? 
ATOM   931  N ND2 . ASN A 1 110 ? -9.758  -1.437  -7.768  1.000 25.867 0 114 ASN A ND2 1 ? 
ATOM   932  N N   . LEU A 1 111 ? -9.239  -6.967  -7.347  1.000 19.743 0 115 LEU A N   1 ? 
ATOM   933  C CA  . LEU A 1 111 ? -9.479  -8.286  -6.805  1.000 18.900 0 115 LEU A CA  1 ? 
ATOM   934  C C   . LEU A 1 111 ? -8.184  -9.067  -6.633  1.000 19.371 0 115 LEU A C   1 ? 
ATOM   935  O O   . LEU A 1 111 ? -7.919  -9.631  -5.589  1.000 20.521 0 115 LEU A O   1 ? 
ATOM   936  C CB  . LEU A 1 111 ? -10.431 -9.071  -7.715  1.000 19.723 0 115 LEU A CB  1 ? 
ATOM   937  C CG  . LEU A 1 111 ? -11.893 -8.632  -7.701  1.000 20.727 0 115 LEU A CG  1 ? 
ATOM   938  C CD1 . LEU A 1 111 ? -12.627 -9.200  -8.902  1.000 23.140 0 115 LEU A CD1 1 ? 
ATOM   939  C CD2 . LEU A 1 111 ? -12.611 -8.968  -6.401  1.000 21.399 0 115 LEU A CD2 1 ? 
ATOM   940  N N   . TYR A 1 112 ? -7.334  -9.026  -7.663  1.000 20.693 0 116 TYR A N   1 ? 
ATOM   941  C CA  . TYR A 1 112 ? -6.028  -9.636  -7.629  1.000 19.467 0 116 TYR A CA  1 ? 
ATOM   942  C C   . TYR A 1 112 ? -5.195  -9.094  -6.464  1.000 20.429 0 116 TYR A C   1 ? 
ATOM   943  O O   . TYR A 1 112 ? -4.659  -9.854  -5.673  1.000 19.269 0 116 TYR A O   1 ? 
ATOM   944  C CB  . TYR A 1 112 ? -5.342  -9.414  -8.977  1.000 18.871 0 116 TYR A CB  1 ? 
ATOM   945  C CG  . TYR A 1 112 ? -3.925  -9.925  -9.024  1.000 19.869 0 116 TYR A CG  1 ? 
ATOM   946  C CD1 . TYR A 1 112 ? -3.671  -11.276 -9.188  1.000 20.602 0 116 TYR A CD1 1 ? 
ATOM   947  C CD2 . TYR A 1 112 ? -2.848  -9.078  -8.944  1.000 23.495 0 116 TYR A CD2 1 ? 
ATOM   948  C CE1 . TYR A 1 112 ? -2.406  -11.789 -9.224  1.000 20.954 0 116 TYR A CE1 1 ? 
ATOM   949  C CE2 . TYR A 1 112 ? -1.554  -9.562  -8.958  1.000 21.257 0 116 TYR A CE2 1 ? 
ATOM   950  C CZ  . TYR A 1 112 ? -1.324  -10.921 -9.117  1.000 22.639 0 116 TYR A CZ  1 ? 
ATOM   951  O OH  . TYR A 1 112 ? -0.008  -11.387 -9.152  1.000 25.069 0 116 TYR A OH  1 ? 
ATOM   952  N N   . GLN A 1 113 ? -5.062  -7.769  -6.382  1.000 18.757 0 117 GLN A N   1 ? 
ATOM   953  C CA  . GLN A 1 113 ? -4.189  -7.193  -5.377  1.000 20.067 0 117 GLN A CA  1 ? 
ATOM   954  C C   . GLN A 1 113 ? -4.706  -7.449  -3.964  1.000 19.536 0 117 GLN A C   1 ? 
ATOM   955  O O   . GLN A 1 113 ? -3.924  -7.742  -3.062  1.000 20.377 0 117 GLN A O   1 ? 
ATOM   956  C CB  . GLN A 1 113 ? -3.931  -5.698  -5.606  1.000 21.740 0 117 GLN A CB  1 ? 
ATOM   957  C CG  . GLN A 1 113 ? -2.870  -5.476  -6.626  1.000 23.714 0 117 GLN A CG  1 ? 
ATOM   958  C CD  . GLN A 1 113 ? -1.511  -5.967  -6.201  1.000 22.134 0 117 GLN A CD  1 ? 
ATOM   959  O OE1 . GLN A 1 113 ? -1.198  -6.189  -5.025  1.000 26.306 0 117 GLN A OE1 1 ? 
ATOM   960  N NE2 . GLN A 1 113 ? -0.712  -6.145  -7.210  1.000 25.868 0 117 GLN A NE2 1 ? 
ATOM   961  N N   . THR A 1 114 ? -6.019  -7.296  -3.747  1.000 18.986 0 118 THR A N   1 ? 
ATOM   962  C CA  . THR A 1 114 ? -6.517  -7.508  -2.403  1.000 18.878 0 118 THR A CA  1 ? 
ATOM   963  C C   . THR A 1 114 ? -6.332  -8.970  -1.962  1.000 18.884 0 118 THR A C   1 ? 
ATOM   964  O O   . THR A 1 114 ? -6.051  -9.252  -0.802  1.000 19.980 0 118 THR A O   1 ? 
ATOM   965  C CB  . THR A 1 114 ? -7.945  -7.003  -2.217  1.000 18.566 0 118 THR A CB  1 ? 
ATOM   966  O OG1 . THR A 1 114 ? -8.826  -7.532  -3.210  1.000 20.470 0 118 THR A OG1 1 ? 
ATOM   967  C CG2 . THR A 1 114 ? -8.006  -5.489  -2.293  1.000 20.672 0 118 THR A CG2 1 ? 
ATOM   968  N N   . SER A 1 115 ? -6.605  -9.912  -2.872  1.000 19.585 0 119 SER A N   1 ? 
ATOM   969  C CA  . SER A 1 115 ? -6.392  -11.311 -2.594  1.000 19.154 0 119 SER A CA  1 ? 
ATOM   970  C C   . SER A 1 115 ? -4.916  -11.593 -2.276  1.000 18.592 0 119 SER A C   1 ? 
ATOM   971  O O   . SER A 1 115 ? -4.629  -12.387 -1.388  1.000 20.005 0 119 SER A O   1 ? 
ATOM   972  C CB  . SER A 1 115 ? -6.914  -12.203 -3.747  1.000 20.811 0 119 SER A CB  1 ? 
ATOM   973  O OG  . SER A 1 115 ? -8.357  -12.167 -3.805  1.000 21.436 0 119 SER A OG  1 ? 
ATOM   974  N N   . LYS A 1 116 ? -4.032  -11.003 -3.069  1.000 19.444 0 120 LYS A N   1 ? 
ATOM   975  C CA  . LYS A 1 116 ? -2.613  -11.242 -2.884  1.000 20.191 0 120 LYS A CA  1 ? 
ATOM   976  C C   . LYS A 1 116 ? -2.091  -10.662 -1.568  1.000 20.728 0 120 LYS A C   1 ? 
ATOM   977  O O   . LYS A 1 116 ? -1.394  -11.322 -0.825  1.000 20.292 0 120 LYS A O   1 ? 
ATOM   978  C CB  . LYS A 1 116 ? -1.806  -10.773 -4.093  1.000 20.042 0 120 LYS A CB  1 ? 
ATOM   979  C CG  . LYS A 1 116 ? -0.385  -11.290 -4.073  1.000 22.680 0 120 LYS A CG  1 ? 
ATOM   980  C CD  . LYS A 1 116 ? 0.288   -11.204 -5.446  1.000 24.594 0 120 LYS A CD  1 ? 
ATOM   981  C CE  . LYS A 1 116 ? 0.575   -9.822  -5.938  1.000 25.752 0 120 LYS A CE  1 ? 
ATOM   982  N NZ  . LYS A 1 116 ? 1.446   -9.914  -7.162  1.000 26.001 0 120 LYS A NZ  1 ? 
ATOM   983  N N   . MET A 1 117 ? -2.559  -9.463  -1.232  1.000 20.479 0 121 MET A N   1 ? 
ATOM   984  C CA  . MET A 1 117 ? -2.198  -8.806  0.019   1.000 19.833 0 121 MET A CA  1 ? 
ATOM   985  C C   . MET A 1 117 ? -2.750  -9.576  1.206   1.000 21.262 0 121 MET A C   1 ? 
ATOM   986  O O   . MET A 1 117 ? -2.117  -9.646  2.246   1.000 22.797 0 121 MET A O   1 ? 
ATOM   987  C CB  . MET A 1 117 ? -2.610  -7.331  0.035   1.000 20.098 0 121 MET A CB  1 ? 
ATOM   988  C CG  . MET A 1 117 ? -1.795  -6.554  -0.898  1.000 21.287 0 121 MET A CG  1 ? 
ATOM   989  S SD  . MET A 1 117 ? -2.029  -4.737  -0.768  1.000 24.974 0 121 MET A SD  1 ? 
ATOM   990  C CE  . MET A 1 117 ? -3.601  -4.493  -1.561  1.000 23.694 0 121 MET A CE  1 ? 
ATOM   991  N N   . LYS A 1 118 ? -3.951  -10.166 1.104   1.000 20.683 0 122 LYS A N   1 ? 
ATOM   992  C CA  . LYS A 1 118 ? -4.427  -11.076 2.134   1.000 20.289 0 122 LYS A CA  1 ? 
ATOM   993  C C   . LYS A 1 118 ? -3.473  -12.244 2.320   1.000 20.986 0 122 LYS A C   1 ? 
ATOM   994  O O   . LYS A 1 118 ? -3.143  -12.611 3.456   1.000 22.752 0 122 LYS A O   1 ? 
ATOM   995  C CB  . LYS A 1 118 ? -5.862  -11.533 1.849   1.000 22.109 0 122 LYS A CB  1 ? 
ATOM   996  C CG  . LYS A 1 118 ? -6.382  -12.540 2.863   1.000 27.113 0 122 LYS A CG  1 ? 
ATOM   997  C CD  . LYS A 1 118 ? -7.770  -13.060 2.472   1.000 29.772 0 122 LYS A CD  1 ? 
ATOM   998  C CE  . LYS A 1 118 ? -8.013  -14.469 2.955   1.000 41.992 0 122 LYS A CE  1 ? 
ATOM   999  N NZ  . LYS A 1 118 ? -7.960  -14.478 4.429   1.000 41.949 0 122 LYS A NZ  1 ? 
ATOM   1000 N N   . SER A 1 119 ? -2.980  -12.834 1.221   1.000 21.009 0 123 SER A N   1 ? 
ATOM   1001 C CA  . SER A 1 119 ? -2.037  -13.940 1.323   1.000 21.802 0 123 SER A CA  1 ? 
ATOM   1002 C C   . SER A 1 119 ? -0.692  -13.550 1.923   1.000 23.280 0 123 SER A C   1 ? 
ATOM   1003 O O   . SER A 1 119 ? -0.077  -14.370 2.601   1.000 25.311 0 123 SER A O   1 ? 
ATOM   1004 C CB  . SER A 1 119 ? -1.887  -14.624 0.013   1.000 25.066 0 123 SER A CB  1 ? 
ATOM   1005 O OG  . SER A 1 119 ? -3.122  -15.325 -0.174  1.000 28.105 0 123 SER A OG  1 ? 
ATOM   1006 N N   . HIS A 1 120 ? -0.325  -12.267 1.830   1.000 20.722 0 124 HIS A N   1 ? 
ATOM   1007 C CA  . HIS A 1 120 ? 0.860   -11.778 2.511   1.000 20.117 0 124 HIS A CA  1 ? 
ATOM   1008 C C   . HIS A 1 120 ? 0.613   -11.500 3.989   1.000 23.351 0 124 HIS A C   1 ? 
ATOM   1009 O O   . HIS A 1 120 ? 1.503   -11.122 4.736   1.000 24.160 0 124 HIS A O   1 ? 
ATOM   1010 C CB  . HIS A 1 120 ? 1.363   -10.538 1.778   1.000 20.914 0 124 HIS A CB  1 ? 
ATOM   1011 C CG  . HIS A 1 120 ? 1.742   -10.761 0.380   1.000 20.601 0 124 HIS A CG  1 ? 
ATOM   1012 N ND1 . HIS A 1 120 ? 1.781   -9.747  -0.574  1.000 21.078 0 124 HIS A ND1 1 ? 
ATOM   1013 C CD2 . HIS A 1 120 ? 2.099   -11.910 -0.268  1.000 21.391 0 124 HIS A CD2 1 ? 
ATOM   1014 C CE1 . HIS A 1 120 ? 2.132   -10.274 -1.728  1.000 20.619 0 124 HIS A CE1 1 ? 
ATOM   1015 N NE2 . HIS A 1 120 ? 2.323   -11.594 -1.578  1.000 20.808 0 124 HIS A NE2 1 ? 
ATOM   1016 N N   . GLY A 1 121 ? -0.648  -11.541 4.402   1.000 21.707 0 125 GLY A N   1 ? 
ATOM   1017 C CA  . GLY A 1 121 ? -1.045  -11.396 5.774   1.000 24.485 0 125 GLY A CA  1 ? 
ATOM   1018 C C   . GLY A 1 121 ? -1.497  -10.003 6.187   1.000 22.785 0 125 GLY A C   1 ? 
ATOM   1019 O O   . GLY A 1 121 ? -1.866  -9.819  7.351   1.000 26.095 0 125 GLY A O   1 ? 
ATOM   1020 N N   . ILE A 1 122 ? -1.489  -8.995  5.310   1.000 22.443 0 126 ILE A N   1 ? 
ATOM   1021 C CA  . ILE A 1 122 ? -1.735  -7.692  5.882   1.000 25.488 0 126 ILE A CA  1 ? 
ATOM   1022 C C   . ILE A 1 122 ? -3.237  -7.482  6.123   1.000 22.220 0 126 ILE A C   1 ? 
ATOM   1023 O O   . ILE A 1 122 ? -3.580  -6.577  6.886   1.000 22.062 0 126 ILE A O   1 ? 
ATOM   1024 C CB  . ILE A 1 122 ? -1.064  -6.543  5.167   1.000 30.697 0 126 ILE A CB  1 ? 
ATOM   1025 C CG1 . ILE A 1 122 ? -1.694  -6.401  3.806   1.000 29.509 0 126 ILE A CG1 1 ? 
ATOM   1026 C CG2 . ILE A 1 122 ? 0.485   -6.684  5.082   1.000 30.067 0 126 ILE A CG2 1 ? 
ATOM   1027 C CD1 . ILE A 1 122 ? -1.325  -5.103  3.114   1.000 35.186 0 126 ILE A CD1 1 ? 
ATOM   1028 N N   . PHE A 1 123 ? -4.053  -8.336  5.508   1.000 21.493 0 127 PHE A N   1 ? 
ATOM   1029 C CA  . PHE A 1 123 ? -5.497  -8.358  5.791   1.000 23.004 0 127 PHE A CA  1 ? 
ATOM   1030 C C   . PHE A 1 123 ? -5.890  -9.709  6.384   1.000 24.963 0 127 PHE A C   1 ? 
ATOM   1031 O O   . PHE A 1 123 ? -5.417  -10.755 5.921   1.000 27.153 0 127 PHE A O   1 ? 
ATOM   1032 C CB  . PHE A 1 123 ? -6.329  -8.110  4.522   1.000 23.376 0 127 PHE A CB  1 ? 
ATOM   1033 C CG  . PHE A 1 123 ? -6.018  -6.814  3.814   1.000 24.054 0 127 PHE A CG  1 ? 
ATOM   1034 C CD1 . PHE A 1 123 ? -6.020  -5.617  4.499   1.000 23.810 0 127 PHE A CD1 1 ? 
ATOM   1035 C CD2 . PHE A 1 123 ? -5.673  -6.798  2.471   1.000 24.786 0 127 PHE A CD2 1 ? 
ATOM   1036 C CE1 . PHE A 1 123 ? -5.703  -4.419  3.866   1.000 26.159 0 127 PHE A CE1 1 ? 
ATOM   1037 C CE2 . PHE A 1 123 ? -5.394  -5.596  1.826   1.000 26.968 0 127 PHE A CE2 1 ? 
ATOM   1038 C CZ  . PHE A 1 123 ? -5.378  -4.409  2.532   1.000 27.918 0 127 PHE A CZ  1 ? 
ATOM   1039 N N   . THR A 1 124 ? -6.860  -9.683  7.327   1.000 26.603 0 128 THR A N   1 ? 
ATOM   1040 C CA  . THR A 1 124 ? -7.381  -10.929 7.876   1.000 28.610 0 128 THR A CA  1 ? 
ATOM   1041 C C   . THR A 1 124 ? -8.447  -11.527 6.976   1.000 32.585 0 128 THR A C   1 ? 
ATOM   1042 O O   . THR A 1 124 ? -8.569  -12.730 6.932   1.000 37.094 0 128 THR A O   1 ? 
ATOM   1043 C CB  . THR A 1 124 ? -7.986  -10.727 9.259   1.000 32.545 0 128 THR A CB  1 ? 
ATOM   1044 O OG1 . THR A 1 124 ? -8.945  -9.675  9.201   1.000 31.816 0 128 THR A OG1 1 ? 
ATOM   1045 C CG2 . THR A 1 124 ? -6.932  -10.397 10.289  1.000 32.649 0 128 THR A CG2 1 ? 
ATOM   1046 N N   . GLU A 1 125 ? -9.282  -10.671 6.405   1.000 30.474 0 129 GLU A N   1 ? 
ATOM   1047 C CA  . GLU A 1 125 ? -10.530 -11.033 5.732   1.000 34.233 0 129 GLU A CA  1 ? 
ATOM   1048 C C   . GLU A 1 125 ? -10.686 -10.056 4.589   1.000 24.804 0 129 GLU A C   1 ? 
ATOM   1049 O O   . GLU A 1 125 ? -10.453 -8.848  4.819   1.000 25.951 0 129 GLU A O   1 ? 
ATOM   1050 C CB  . GLU A 1 125 ? -11.761 -10.727 6.589   1.000 40.656 0 129 GLU A CB  1 ? 
ATOM   1051 C CG  . GLU A 1 125 ? -11.904 -11.604 7.801   1.000 59.283 0 129 GLU A CG  1 ? 
ATOM   1052 C CD  . GLU A 1 125 ? -12.720 -12.826 7.436   1.000 71.908 0 129 GLU A CD  1 ? 
ATOM   1053 O OE1 . GLU A 1 125 ? -13.963 -12.709 7.412   1.000 78.334 0 129 GLU A OE1 1 ? 
ATOM   1054 O OE2 . GLU A 1 125 ? -12.109 -13.850 7.093   1.000 80.027 0 129 GLU A OE2 1 ? 
ATOM   1055 N N   . VAL A 1 126 ? -11.075 -10.577 3.421   1.000 24.728 0 130 VAL A N   1 ? 
ATOM   1056 C CA  . VAL A 1 126 ? -11.385 -9.770  2.259   1.000 23.275 0 130 VAL A CA  1 ? 
ATOM   1057 C C   . VAL A 1 126 ? -12.677 -10.286 1.668   1.000 24.372 0 130 VAL A C   1 ? 
ATOM   1058 O O   . VAL A 1 126 ? -12.765 -11.478 1.359   1.000 25.259 0 130 VAL A O   1 ? 
ATOM   1059 C CB  . VAL A 1 126 ? -10.273 -9.765  1.199   1.000 23.420 0 130 VAL A CB  1 ? 
ATOM   1060 C CG1 . VAL A 1 126 ? -10.652 -8.945  -0.006  1.000 23.295 0 130 VAL A CG1 1 ? 
ATOM   1061 C CG2 . VAL A 1 126 ? -8.973  -9.262  1.814   1.000 24.768 0 130 VAL A CG2 1 ? 
ATOM   1062 N N   . ASN A 1 127 ? -13.647 -9.376  1.504   1.000 24.042 0 131 ASN A N   1 ? 
ATOM   1063 C CA  . ASN A 1 127 ? -14.938 -9.769  0.961   1.000 24.400 0 131 ASN A CA  1 ? 
ATOM   1064 C C   . ASN A 1 127 ? -15.537 -8.645  0.163   1.000 26.573 0 131 ASN A C   1 ? 
ATOM   1065 O O   . ASN A 1 127 ? -15.254 -7.482  0.370   1.000 25.665 0 131 ASN A O   1 ? 
ATOM   1066 C CB  . ASN A 1 127 ? -15.955 -10.131 2.047   1.000 28.103 0 131 ASN A CB  1 ? 
ATOM   1067 C CG  . ASN A 1 127 ? -15.723 -11.515 2.590   1.000 33.046 0 131 ASN A CG  1 ? 
ATOM   1068 O OD1 . ASN A 1 127 ? -15.256 -11.614 3.722   1.000 39.946 0 131 ASN A OD1 1 ? 
ATOM   1069 N ND2 . ASN A 1 127 ? -15.890 -12.556 1.782   1.000 29.709 0 131 ASN A ND2 1 ? 
ATOM   1070 N N   . GLN A 1 128 ? -16.403 -9.025  -0.772  1.000 25.023 0 132 GLN A N   1 ? 
ATOM   1071 C CA  . GLN A 1 128 ? -17.198 -8.039  -1.469  1.000 25.458 0 132 GLN A CA  1 ? 
ATOM   1072 C C   . GLN A 1 128 ? -18.474 -7.853  -0.690  1.000 31.810 0 132 GLN A C   1 ? 
ATOM   1073 O O   . GLN A 1 128 ? -18.968 -8.793  -0.095  1.000 31.662 0 132 GLN A O   1 ? 
ATOM   1074 C CB  . GLN A 1 128 ? -17.500 -8.443  -2.898  1.000 29.403 0 132 GLN A CB  1 ? 
ATOM   1075 C CG  . GLN A 1 128 ? -16.410 -7.937  -3.813  1.000 32.832 0 132 GLN A CG  1 ? 
ATOM   1076 C CD  . GLN A 1 128 ? -16.642 -8.308  -5.239  1.000 35.479 0 132 GLN A CD  1 ? 
ATOM   1077 O OE1 . GLN A 1 128 ? -16.287 -9.396  -5.624  1.000 38.115 0 132 GLN A OE1 1 ? 
ATOM   1078 N NE2 . GLN A 1 128 ? -17.156 -7.371  -6.027  1.000 38.404 0 132 GLN A NE2 1 ? 
ATOM   1079 N N   . GLU A 1 129 ? -18.929 -6.602  -0.620  1.000 27.128 0 133 GLU A N   1 ? 
ATOM   1080 C CA  . GLU A 1 129 ? -20.128 -6.301  0.175   1.000 26.695 0 133 GLU A CA  1 ? 
ATOM   1081 C C   . GLU A 1 129 ? -21.121 -5.639  -0.752  1.000 27.081 0 133 GLU A C   1 ? 
ATOM   1082 O O   . GLU A 1 129 ? -20.812 -5.315  -1.885  1.000 27.601 0 133 GLU A O   1 ? 
ATOM   1083 C CB  . GLU A 1 129 ? -19.752 -5.390  1.359   1.000 29.194 0 133 GLU A CB  1 ? 
ATOM   1084 C CG  . GLU A 1 129 ? -18.982 -6.091  2.436   1.000 29.902 0 133 GLU A CG  1 ? 
ATOM   1085 C CD  . GLU A 1 129 ? -18.859 -5.289  3.715   1.000 37.826 0 133 GLU A CD  1 ? 
ATOM   1086 O OE1 . GLU A 1 129 ? -19.374 -4.148  3.770   1.000 38.237 0 133 GLU A OE1 1 ? 
ATOM   1087 O OE2 . GLU A 1 129 ? -18.203 -5.789  4.639   1.000 44.235 0 133 GLU A OE2 1 ? 
ATOM   1088 N N   . VAL A 1 130 ? -22.293 -5.316  -0.185  1.000 27.398 0 134 VAL A N   1 ? 
ATOM   1089 C CA  . VAL A 1 130 ? -23.301 -4.582  -0.909  1.000 27.998 0 134 VAL A CA  1 ? 
ATOM   1090 C C   . VAL A 1 130 ? -22.700 -3.305  -1.485  1.000 27.782 0 134 VAL A C   1 ? 
ATOM   1091 O O   . VAL A 1 130 ? -21.958 -2.608  -0.783  1.000 27.296 0 134 VAL A O   1 ? 
ATOM   1092 C CB  . VAL A 1 130 ? -24.520 -4.363  0.029   1.000 33.163 0 134 VAL A CB  1 ? 
ATOM   1093 C CG1 . VAL A 1 130 ? -24.148 -3.763  1.370   1.000 37.802 0 134 VAL A CG1 1 ? 
ATOM   1094 C CG2 . VAL A 1 130 ? -25.607 -3.543  -0.675  1.000 35.246 0 134 VAL A CG2 1 ? 
ATOM   1095 N N   . GLY A 1 131 ? -23.037 -3.017  -2.757  1.000 28.400 0 135 GLY A N   1 ? 
ATOM   1096 C CA  . GLY A 1 131 ? -22.451 -1.918  -3.504  1.000 30.318 0 135 GLY A CA  1 ? 
ATOM   1097 C C   . GLY A 1 131 ? -21.242 -2.376  -4.326  1.000 29.119 0 135 GLY A C   1 ? 
ATOM   1098 O O   . GLY A 1 131 ? -20.614 -1.548  -4.970  1.000 30.502 0 135 GLY A O   1 ? 
ATOM   1099 N N   . GLU A 1 132 ? -20.894 -3.669  -4.167  1.000 26.293 0 136 GLU A N   1 ? 
ATOM   1100 C CA  . GLU A 1 132 ? -19.841 -4.362  -4.934  1.000 28.371 0 136 GLU A CA  1 ? 
ATOM   1101 C C   . GLU A 1 132 ? -18.433 -3.996  -4.474  1.000 28.804 0 136 GLU A C   1 ? 
ATOM   1102 O O   . GLU A 1 132 ? -17.431 -4.523  -5.003  1.000 31.811 0 136 GLU A O   1 ? 
ATOM   1103 C CB  . GLU A 1 132 ? -19.914 -4.098  -6.432  1.000 32.243 0 136 GLU A CB  1 ? 
ATOM   1104 C CG  . GLU A 1 132 ? -21.269 -4.349  -7.053  1.000 44.311 0 136 GLU A CG  1 ? 
ATOM   1105 C CD  . GLU A 1 132 ? -22.098 -5.437  -6.425  1.000 59.008 0 136 GLU A CD  1 ? 
ATOM   1106 O OE1 . GLU A 1 132 ? -21.617 -6.580  -6.423  1.000 77.404 0 136 GLU A OE1 1 ? 
ATOM   1107 O OE2 . GLU A 1 132 ? -23.216 -5.131  -5.938  1.000 68.690 0 136 GLU A OE2 1 ? 
ATOM   1108 N N   . ILE A 1 133 ? -18.333 -3.192  -3.446  1.000 22.977 0 137 ILE A N   1 ? 
ATOM   1109 C CA  . ILE A 1 133 ? -17.028 -2.770  -2.948  1.000 24.034 0 137 ILE A CA  1 ? 
ATOM   1110 C C   . ILE A 1 133 ? -16.263 -3.916  -2.283  1.000 23.716 0 137 ILE A C   1 ? 
ATOM   1111 O O   . ILE A 1 133 ? -16.843 -4.899  -1.771  1.000 24.410 0 137 ILE A O   1 ? 
ATOM   1112 C CB  . ILE A 1 133 ? -17.197 -1.648  -1.932  1.000 26.999 0 137 ILE A CB  1 ? 
ATOM   1113 C CG1 . ILE A 1 133 ? -17.902 -2.045  -0.646  1.000 30.046 0 137 ILE A CG1 1 ? 
ATOM   1114 C CG2 . ILE A 1 133 ? -17.812 -0.455  -2.622  1.000 29.519 0 137 ILE A CG2 1 ? 
ATOM   1115 C CD1 . ILE A 1 133 ? -17.554 -1.006  0.455   1.000 36.710 0 137 ILE A CD1 1 ? 
ATOM   1116 N N   . ILE A 1 134 ? -14.921 -3.830  -2.323  1.000 20.719 0 138 ILE A N   1 ? 
ATOM   1117 C CA  . ILE A 1 134 ? -14.120 -4.813  -1.627  1.000 21.065 0 138 ILE A CA  1 ? 
ATOM   1118 C C   . ILE A 1 134 ? -13.711 -4.256  -0.265  1.000 22.566 0 138 ILE A C   1 ? 
ATOM   1119 O O   . ILE A 1 134 ? -13.122 -3.173  -0.187  1.000 23.711 0 138 ILE A O   1 ? 
ATOM   1120 C CB  . ILE A 1 134 ? -12.854 -5.151  -2.441  1.000 21.380 0 138 ILE A CB  1 ? 
ATOM   1121 C CG1 . ILE A 1 134 ? -13.173 -5.625  -3.859  1.000 22.756 0 138 ILE A CG1 1 ? 
ATOM   1122 C CG2 . ILE A 1 134 ? -12.017 -6.166  -1.674  1.000 22.492 0 138 ILE A CG2 1 ? 
ATOM   1123 C CD1 . ILE A 1 134 ? -11.897 -5.617  -4.772  1.000 23.692 0 138 ILE A CD1 1 ? 
ATOM   1124 N N   . VAL A 1 135 ? -14.013 -5.023  0.778   1.000 20.635 0 139 VAL A N   1 ? 
ATOM   1125 C CA  . VAL A 1 135 ? -13.713 -4.619  2.135   1.000 21.905 0 139 VAL A CA  1 ? 
ATOM   1126 C C   . VAL A 1 135 ? -12.634 -5.534  2.702   1.000 23.910 0 139 VAL A C   1 ? 
ATOM   1127 O O   . VAL A 1 135 ? -12.790 -6.768  2.736   1.000 23.176 0 139 VAL A O   1 ? 
ATOM   1128 C CB  . VAL A 1 135 ? -14.961 -4.645  3.024   1.000 22.949 0 139 VAL A CB  1 ? 
ATOM   1129 C CG1 . VAL A 1 135 ? -14.555 -4.418  4.463   1.000 27.652 0 139 VAL A CG1 1 ? 
ATOM   1130 C CG2 . VAL A 1 135 ? -15.935 -3.584  2.560   1.000 24.034 0 139 VAL A CG2 1 ? 
ATOM   1131 N N   . ALA A 1 136 ? -11.497 -4.936  3.100   1.000 22.197 0 140 ALA A N   1 ? 
ATOM   1132 C CA  . ALA A 1 136 ? -10.344 -5.680  3.608   1.000 22.331 0 140 ALA A CA  1 ? 
ATOM   1133 C C   . ALA A 1 136 ? -10.018 -5.212  5.024   1.000 21.994 0 140 ALA A C   1 ? 
ATOM   1134 O O   . ALA A 1 136 ? -9.695  -4.041  5.209   1.000 23.776 0 140 ALA A O   1 ? 
ATOM   1135 C CB  . ALA A 1 136 ? -9.156  -5.434  2.712   1.000 22.151 0 140 ALA A CB  1 ? 
ATOM   1136 N N   . GLU A 1 137 ? -10.089 -6.129  5.995   1.000 23.320 0 141 GLU A N   1 ? 
ATOM   1137 C CA  . GLU A 1 137 ? -9.868  -5.805  7.388   1.000 24.744 0 141 GLU A CA  1 ? 
ATOM   1138 C C   . GLU A 1 137 ? -8.379  -5.989  7.699   1.000 23.391 0 141 GLU A C   1 ? 
ATOM   1139 O O   . GLU A 1 137 ? -7.817  -7.009  7.298   1.000 25.251 0 141 GLU A O   1 ? 
ATOM   1140 C CB  . GLU A 1 137 ? -10.719 -6.714  8.291   1.000 29.541 0 141 GLU A CB  1 ? 
ATOM   1141 C CG  . GLU A 1 137 ? -12.230 -6.497  8.122   1.000 33.971 0 141 GLU A CG  1 ? 
ATOM   1142 C CD  . GLU A 1 137 ? -12.791 -5.124  8.503   1.000 40.197 0 141 GLU A CD  1 ? 
ATOM   1143 O OE1 . GLU A 1 137 ? -12.195 -4.408  9.342   1.000 43.939 0 141 GLU A OE1 1 ? 
ATOM   1144 O OE2 . GLU A 1 137 ? -13.816 -4.717  7.913   1.000 40.568 0 141 GLU A OE2 1 ? 
ATOM   1145 N N   . VAL A 1 138 ? -7.800  -4.994  8.356   1.000 23.669 0 142 VAL A N   1 ? 
ATOM   1146 C CA  . VAL A 1 138 ? -6.366  -5.001  8.624   1.000 22.348 0 142 VAL A CA  1 ? 
ATOM   1147 C C   . VAL A 1 138 ? -6.022  -6.056  9.668   1.000 26.272 0 142 VAL A C   1 ? 
ATOM   1148 O O   . VAL A 1 138 ? -6.670  -6.139  10.720  1.000 26.342 0 142 VAL A O   1 ? 
ATOM   1149 C CB  . VAL A 1 138 ? -5.876  -3.600  8.989   1.000 23.978 0 142 VAL A CB  1 ? 
ATOM   1150 C CG1 . VAL A 1 138 ? -4.451  -3.638  9.539   1.000 27.107 0 142 VAL A CG1 1 ? 
ATOM   1151 C CG2 . VAL A 1 138 ? -5.991  -2.654  7.827   1.000 23.322 0 142 VAL A CG2 1 ? 
ATOM   1152 N N   . ASN A 1 139 ? -4.911  -6.771  9.414   1.000 23.280 0 143 ASN A N   1 ? 
ATOM   1153 C CA  . ASN A 1 139 ? -4.357  -7.777  10.314  1.000 24.974 0 143 ASN A CA  1 ? 
ATOM   1154 C C   . ASN A 1 139 ? -3.354  -7.080  11.226  1.000 25.842 0 143 ASN A C   1 ? 
ATOM   1155 O O   . ASN A 1 139 ? -2.152  -7.008  10.938  1.000 24.801 0 143 ASN A O   1 ? 
ATOM   1156 C CB  . ASN A 1 139 ? -3.750  -8.947  9.547   1.000 26.704 0 143 ASN A CB  1 ? 
ATOM   1157 C CG  . ASN A 1 139 ? -3.278  -10.091 10.428  1.000 28.247 0 143 ASN A CG  1 ? 
ATOM   1158 O OD1 . ASN A 1 139 ? -3.140  -9.946  11.640  1.000 32.048 0 143 ASN A OD1 1 ? 
ATOM   1159 N ND2 . ASN A 1 139 ? -2.925  -11.187 9.812   1.000 26.594 0 143 ASN A ND2 1 ? 
ATOM   1160 N N   . HIS A 1 140 ? -3.825  -6.554  12.369  1.000 24.751 0 144 HIS A N   1 ? 
ATOM   1161 C CA  . HIS A 1 140 ? -2.969  -5.706  13.195  1.000 25.664 0 144 HIS A CA  1 ? 
ATOM   1162 C C   . HIS A 1 140 ? -1.692  -6.437  13.668  1.000 24.762 0 144 HIS A C   1 ? 
ATOM   1163 O O   . HIS A 1 140 ? -0.626  -5.806  13.650  1.000 25.822 0 144 HIS A O   1 ? 
ATOM   1164 C CB  . HIS A 1 140 ? -3.776  -5.054  14.340  1.000 27.627 0 144 HIS A CB  1 ? 
ATOM   1165 C CG  . HIS A 1 140 ? -4.863  -4.185  13.800  1.000 27.660 0 144 HIS A CG  1 ? 
ATOM   1166 N ND1 . HIS A 1 140 ? -4.607  -2.970  13.207  1.000 30.784 0 144 HIS A ND1 1 ? 
ATOM   1167 C CD2 . HIS A 1 140 ? -6.189  -4.351  13.782  1.000 30.159 0 144 HIS A CD2 1 ? 
ATOM   1168 C CE1 . HIS A 1 140 ? -5.770  -2.427  12.846  1.000 32.426 0 144 HIS A CE1 1 ? 
ATOM   1169 N NE2 . HIS A 1 140 ? -6.734  -3.263  13.152  1.000 31.247 0 144 HIS A NE2 1 ? 
ATOM   1170 N N   . PRO A 1 141 ? -1.746  -7.697  14.124  1.000 27.259 0 145 PRO A N   1 ? 
ATOM   1171 C CA  . PRO A 1 141 ? -0.546  -8.412  14.561  1.000 27.535 0 145 PRO A CA  1 ? 
ATOM   1172 C C   . PRO A 1 141 ? 0.500   -8.536  13.449  1.000 26.787 0 145 PRO A C   1 ? 
ATOM   1173 O O   . PRO A 1 141 ? 1.687   -8.390  13.733  1.000 25.707 0 145 PRO A O   1 ? 
ATOM   1174 C CB  . PRO A 1 141 ? -1.070  -9.780  14.999  1.000 30.615 0 145 PRO A CB  1 ? 
ATOM   1175 C CG  . PRO A 1 141 ? -2.472  -9.446  15.502  1.000 31.071 0 145 PRO A CG  1 ? 
ATOM   1176 C CD  . PRO A 1 141 ? -2.983  -8.443  14.492  1.000 28.629 0 145 PRO A CD  1 ? 
ATOM   1177 N N   . ARG A 1 142 ? 0.051   -8.780  12.220  1.000 24.948 0 146 ARG A N   1 ? 
ATOM   1178 C CA  . ARG A 1 142 ? 0.998   -8.911  11.103  1.000 24.474 0 146 ARG A CA  1 ? 
ATOM   1179 C C   . ARG A 1 142 ? 1.623   -7.558  10.776  1.000 23.282 0 146 ARG A C   1 ? 
ATOM   1180 O O   . ARG A 1 142 ? 2.839   -7.486  10.477  1.000 24.364 0 146 ARG A O   1 ? 
ATOM   1181 C CB  . ARG A 1 142 ? 0.289   -9.570  9.907   1.000 24.799 0 146 ARG A CB  1 ? 
ATOM   1182 C CG  . ARG A 1 142 ? 1.110   -9.614  8.620   1.000 24.328 0 146 ARG A CG  1 ? 
ATOM   1183 C CD  . ARG A 1 142 ? 2.293   -10.520 8.719   1.000 24.545 0 146 ARG A CD  1 ? 
ATOM   1184 N NE  . ARG A 1 142 ? 2.764   -10.848 7.354   1.000 24.753 0 146 ARG A NE  1 ? 
ATOM   1185 C CZ  . ARG A 1 142 ? 4.004   -11.234 7.047   1.000 24.788 0 146 ARG A CZ  1 ? 
ATOM   1186 N NH1 . ARG A 1 142 ? 4.943   -11.328 7.983   1.000 26.356 0 146 ARG A NH1 1 ? 
ATOM   1187 N NH2 . ARG A 1 142 ? 4.328   -11.469 5.796   1.000 23.886 0 146 ARG A NH2 1 ? 
ATOM   1188 N N   . ILE A 1 143 ? 0.833   -6.481  10.787  1.000 23.568 0 147 ILE A N   1 ? 
ATOM   1189 C CA  . ILE A 1 143 ? 1.364   -5.147  10.588  1.000 23.420 0 147 ILE A CA  1 ? 
ATOM   1190 C C   . ILE A 1 143 ? 2.444   -4.873  11.642  1.000 26.457 0 147 ILE A C   1 ? 
ATOM   1191 O O   . ILE A 1 143 ? 3.534   -4.422  11.323  1.000 23.867 0 147 ILE A O   1 ? 
ATOM   1192 C CB  . ILE A 1 143 ? 0.282   -4.075  10.631  1.000 23.568 0 147 ILE A CB  1 ? 
ATOM   1193 C CG1 . ILE A 1 143 ? -0.815  -4.303  9.585   1.000 24.828 0 147 ILE A CG1 1 ? 
ATOM   1194 C CG2 . ILE A 1 143 ? 0.893   -2.713  10.510  1.000 24.380 0 147 ILE A CG2 1 ? 
ATOM   1195 C CD1 . ILE A 1 143 ? -0.381  -4.202  8.140   1.000 26.889 0 147 ILE A CD1 1 ? 
ATOM   1196 N N   . ALA A 1 144 ? 2.140   -5.178  12.906  1.000 24.666 0 148 ALA A N   1 ? 
ATOM   1197 C CA  . ALA A 1 144 ? 3.110   -4.910  13.941  1.000 24.650 0 148 ALA A CA  1 ? 
ATOM   1198 C C   . ALA A 1 144 ? 4.386   -5.729  13.735  1.000 25.240 0 148 ALA A C   1 ? 
ATOM   1199 O O   . ALA A 1 144 ? 5.498   -5.228  13.953  1.000 26.534 0 148 ALA A O   1 ? 
ATOM   1200 C CB  . ALA A 1 144 ? 2.488   -5.194  15.292  1.000 26.577 0 148 ALA A CB  1 ? 
ATOM   1201 N N   . GLU A 1 145 ? 4.244   -6.964  13.318  1.000 23.498 0 149 GLU A N   1 ? 
ATOM   1202 C CA  . GLU A 1 145 ? 5.389   -7.835  13.084  1.000 24.174 0 149 GLU A CA  1 ? 
ATOM   1203 C C   . GLU A 1 145 ? 6.275   -7.240  11.991  1.000 26.981 0 149 GLU A C   1 ? 
ATOM   1204 O O   . GLU A 1 145 ? 7.493   -7.142  12.140  1.000 24.179 0 149 GLU A O   1 ? 
ATOM   1205 C CB  . GLU A 1 145 ? 4.933   -9.227  12.708  1.000 26.273 0 149 GLU A CB  1 ? 
ATOM   1206 C CG  . GLU A 1 145 ? 6.073   -10.159 12.338  1.000 28.718 0 149 GLU A CG  1 ? 
ATOM   1207 C CD  . GLU A 1 145 ? 5.757   -11.437 11.587  1.000 32.382 0 149 GLU A CD  1 ? 
ATOM   1208 O OE1 . GLU A 1 145 ? 4.691   -11.578 10.906  1.000 30.288 0 149 GLU A OE1 1 ? 
ATOM   1209 O OE2 . GLU A 1 145 ? 6.578   -12.356 11.703  1.000 37.565 0 149 GLU A OE2 1 ? 
ATOM   1210 N N   . LEU A 1 146 ? 5.642   -6.807  10.899  1.000 23.896 0 150 LEU A N   1 ? 
ATOM   1211 C CA  . LEU A 1 146 ? 6.395   -6.254  9.786   1.000 23.071 0 150 LEU A CA  1 ? 
ATOM   1212 C C   . LEU A 1 146 ? 7.074   -4.933  10.146  1.000 24.888 0 150 LEU A C   1 ? 
ATOM   1213 O O   . LEU A 1 146 ? 8.121   -4.610  9.586   1.000 25.498 0 150 LEU A O   1 ? 
ATOM   1214 C CB  . LEU A 1 146 ? 5.461   -6.090  8.594   1.000 22.268 0 150 LEU A CB  1 ? 
ATOM   1215 C CG  . LEU A 1 146 ? 5.056   -7.387  7.930   1.000 23.289 0 150 LEU A CG  1 ? 
ATOM   1216 C CD1 . LEU A 1 146 ? 3.857   -7.132  7.019   1.000 24.160 0 150 LEU A CD1 1 ? 
ATOM   1217 C CD2 . LEU A 1 146 ? 6.207   -7.995  7.151   1.000 22.973 0 150 LEU A CD2 1 ? 
ATOM   1218 N N   . LEU A 1 147 ? 6.506   -4.142  11.065  1.000 23.635 0 151 LEU A N   1 ? 
ATOM   1219 C CA  . LEU A 1 147 ? 7.080   -2.864  11.447  1.000 25.043 0 151 LEU A CA  1 ? 
ATOM   1220 C C   . LEU A 1 147 ? 8.176   -3.008  12.516  1.000 26.469 0 151 LEU A C   1 ? 
ATOM   1221 O O   . LEU A 1 147 ? 8.698   -2.000  12.947  1.000 28.200 0 151 LEU A O   1 ? 
ATOM   1222 C CB  . LEU A 1 147 ? 5.957   -1.947  11.940  1.000 24.778 0 151 LEU A CB  1 ? 
ATOM   1223 C CG  . LEU A 1 147 ? 4.911   -1.549  10.900  1.000 27.419 0 151 LEU A CG  1 ? 
ATOM   1224 C CD1 . LEU A 1 147 ? 3.815   -0.697  11.530  1.000 28.804 0 151 LEU A CD1 1 ? 
ATOM   1225 C CD2 . LEU A 1 147 ? 5.483   -0.827  9.735   1.000 29.528 0 151 LEU A CD2 1 ? 
ATOM   1226 N N   . THR A 1 148 ? 8.424   -4.204  13.028  1.000 25.944 0 152 THR A N   1 ? 
ATOM   1227 C CA  . THR A 1 148 ? 9.450   -4.380  14.050  1.000 26.864 0 152 THR A CA  1 ? 
ATOM   1228 C C   . THR A 1 148 ? 10.742  -3.719  13.580  1.000 30.111 0 152 THR A C   1 ? 
ATOM   1229 O O   . THR A 1 148 ? 11.160  -3.889  12.430  1.000 26.369 0 152 THR A O   1 ? 
ATOM   1230 C CB  . THR A 1 148 ? 9.697   -5.865  14.301  1.000 30.483 0 152 THR A CB  1 ? 
ATOM   1231 O OG1 . THR A 1 148 ? 8.461   -6.495  14.636  1.000 30.479 0 152 THR A OG1 1 ? 
ATOM   1232 C CG2 . THR A 1 148 ? 10.633  -6.110  15.467  1.000 33.622 0 152 THR A CG2 1 ? 
ATOM   1233 N N   . PRO A 1 149 ? 11.416  -2.899  14.425  1.000 30.838 0 153 PRO A N   1 ? 
ATOM   1234 C CA  . PRO A 1 149 ? 12.593  -2.156  13.983  1.000 31.211 0 153 PRO A CA  1 ? 
ATOM   1235 C C   . PRO A 1 149 ? 13.757  -2.990  13.459  1.000 27.558 0 153 PRO A C   1 ? 
ATOM   1236 O O   . PRO A 1 149 ? 14.460  -2.503  12.575  1.000 33.699 0 153 PRO A O   1 ? 
ATOM   1237 C CB  . PRO A 1 149 ? 13.006  -1.353  15.247  1.000 36.622 0 153 PRO A CB  1 ? 
ATOM   1238 C CG  . PRO A 1 149 ? 11.745  -1.284  16.082  1.000 38.412 0 153 PRO A CG  1 ? 
ATOM   1239 C CD  . PRO A 1 149 ? 11.015  -2.575  15.816  1.000 34.407 0 153 PRO A CD  1 ? 
ATOM   1240 N N   . ASP A 1 150 ? 13.861  -4.256  13.851  1.000 28.566 0 154 ASP A N   1 ? 
ATOM   1241 C CA  . ASP A 1 150 ? 14.937  -5.138  13.400  1.000 31.433 0 154 ASP A CA  1 ? 
ATOM   1242 C C   . ASP A 1 150 ? 14.777  -5.518  11.913  1.000 28.187 0 154 ASP A C   1 ? 
ATOM   1243 O O   . ASP A 1 150 ? 15.710  -6.072  11.329  1.000 30.100 0 154 ASP A O   1 ? 
ATOM   1244 C CB  . ASP A 1 150 ? 15.041  -6.389  14.263  1.000 33.003 0 154 ASP A CB  1 ? 
ATOM   1245 C CG  . ASP A 1 150 ? 13.934  -7.417  14.205  1.000 37.688 0 154 ASP A CG  1 ? 
ATOM   1246 O OD1 . ASP A 1 150 ? 13.133  -7.451  13.239  1.000 32.087 0 154 ASP A OD1 1 ? 
ATOM   1247 O OD2 . ASP A 1 150 ? 13.879  -8.201  15.114  1.000 39.571 0 154 ASP A OD2 1 ? 
ATOM   1248 N N   . ARG A 1 151 ? 13.574  -5.285  11.339  1.000 24.890 0 155 ARG A N   1 ? 
ATOM   1249 C CA  . ARG A 1 151 ? 13.339  -5.457  9.889   1.000 26.332 0 155 ARG A CA  1 ? 
ATOM   1250 C C   . ARG A 1 151 ? 13.502  -6.883  9.390   1.000 24.016 0 155 ARG A C   1 ? 
ATOM   1251 O O   . ARG A 1 151 ? 13.548  -7.122  8.169   1.000 23.661 0 155 ARG A O   1 ? 
ATOM   1252 C CB  . ARG A 1 151 ? 14.195  -4.486  9.062   1.000 25.550 0 155 ARG A CB  1 ? 
ATOM   1253 C CG  . ARG A 1 151 ? 13.629  -3.085  9.099   1.000 26.891 0 155 ARG A CG  1 ? 
ATOM   1254 C CD  . ARG A 1 151 ? 14.534  -2.051  8.494   1.000 28.991 0 155 ARG A CD  1 ? 
ATOM   1255 N NE  . ARG A 1 151 ? 13.837  -0.814  8.385   1.000 27.866 0 155 ARG A NE  1 ? 
ATOM   1256 C CZ  . ARG A 1 151 ? 14.365  0.325   7.960   1.000 28.956 0 155 ARG A CZ  1 ? 
ATOM   1257 N NH1 . ARG A 1 151 ? 15.648  0.358   7.607   1.000 30.440 0 155 ARG A NH1 1 ? 
ATOM   1258 N NH2 . ARG A 1 151 ? 13.627  1.403   7.895   1.000 30.692 0 155 ARG A NH2 1 ? 
ATOM   1259 N N   . VAL A 1 152 ? 13.533  -7.867  10.272  1.000 24.727 0 156 VAL A N   1 ? 
ATOM   1260 C CA  . VAL A 1 152 ? 13.696  -9.248  9.892   1.000 24.788 0 156 VAL A CA  1 ? 
ATOM   1261 C C   . VAL A 1 152 ? 12.491  -9.789  9.122   1.000 25.184 0 156 VAL A C   1 ? 
ATOM   1262 O O   . VAL A 1 152 ? 12.643  -10.313 8.018   1.000 25.036 0 156 VAL A O   1 ? 
ATOM   1263 C CB  . VAL A 1 152 ? 14.054  -10.133 11.100  1.000 29.423 0 156 VAL A CB  1 ? 
ATOM   1264 C CG1 . VAL A 1 152 ? 14.016  -11.606 10.736  1.000 33.147 0 156 VAL A CG1 1 ? 
ATOM   1265 C CG2 . VAL A 1 152 ? 15.421  -9.719  11.635  1.000 31.700 0 156 VAL A CG2 1 ? 
ATOM   1266 N N   . ALA A 1 153 ? 11.296  -9.597  9.668   1.000 23.868 0 157 ALA A N   1 ? 
ATOM   1267 C CA  . ALA A 1 153 ? 10.088  -10.044 9.005   1.000 24.001 0 157 ALA A CA  1 ? 
ATOM   1268 C C   . ALA A 1 153 ? 9.914   -9.258  7.701   1.000 22.258 0 157 ALA A C   1 ? 
ATOM   1269 O O   . ALA A 1 153 ? 9.452   -9.813  6.714   1.000 21.714 0 157 ALA A O   1 ? 
ATOM   1270 C CB  . ALA A 1 153 ? 8.882   -9.847  9.895   1.000 24.047 0 157 ALA A CB  1 ? 
ATOM   1271 N N   . LEU A 1 154 ? 10.213  -7.970  7.738   1.000 22.396 0 158 LEU A N   1 ? 
ATOM   1272 C CA  . LEU A 1 154 ? 10.074  -7.142  6.539   1.000 21.367 0 158 LEU A CA  1 ? 
ATOM   1273 C C   . LEU A 1 154 ? 11.000  -7.593  5.417   1.000 21.138 0 158 LEU A C   1 ? 
ATOM   1274 O O   . LEU A 1 154 ? 10.578  -7.689  4.261   1.000 22.169 0 158 LEU A O   1 ? 
ATOM   1275 C CB  . LEU A 1 154 ? 10.320  -5.696  6.888   1.000 22.999 0 158 LEU A CB  1 ? 
ATOM   1276 C CG  . LEU A 1 154 ? 10.107  -4.687  5.765   1.000 25.815 0 158 LEU A CG  1 ? 
ATOM   1277 C CD1 . LEU A 1 154 ? 8.655   -4.617  5.323   1.000 26.719 0 158 LEU A CD1 1 ? 
ATOM   1278 C CD2 . LEU A 1 154 ? 10.566  -3.321  6.172   1.000 30.820 0 158 LEU A CD2 1 ? 
ATOM   1279 N N   . ARG A 1 155 ? 12.250  -7.955  5.754   1.000 22.062 0 159 ARG A N   1 ? 
ATOM   1280 C CA  . ARG A 1 155 ? 13.158  -8.434  4.728   1.000 20.777 0 159 ARG A CA  1 ? 
ATOM   1281 C C   . ARG A 1 155 ? 12.635  -9.749  4.140   1.000 22.532 0 159 ARG A C   1 ? 
ATOM   1282 O O   . ARG A 1 155 ? 12.744  -10.001 2.947   1.000 22.356 0 159 ARG A O   1 ? 
ATOM   1283 C CB  . ARG A 1 155 ? 14.599  -8.565  5.262   1.000 21.870 0 159 ARG A CB  1 ? 
ATOM   1284 C CG  . ARG A 1 155 ? 15.300  -7.233  5.457   1.000 22.353 0 159 ARG A CG  1 ? 
ATOM   1285 C CD  . ARG A 1 155 ? 16.723  -7.479  6.014   1.000 24.979 0 159 ARG A CD  1 ? 
ATOM   1286 N NE  . ARG A 1 155 ? 17.440  -6.253  6.179   1.000 26.811 0 159 ARG A NE  1 ? 
ATOM   1287 C CZ  . ARG A 1 155 ? 18.256  -5.728  5.274   1.000 25.127 0 159 ARG A CZ  1 ? 
ATOM   1288 N NH1 . ARG A 1 155 ? 18.472  -6.400  4.153   1.000 27.415 0 159 ARG A NH1 1 ? 
ATOM   1289 N NH2 . ARG A 1 155 ? 18.803  -4.534  5.508   1.000 26.260 0 159 ARG A NH2 1 ? 
ATOM   1290 N N   . LYS A 1 156 ? 12.086  -10.629 4.982   1.000 21.214 0 160 LYS A N   1 ? 
ATOM   1291 C CA  . LYS A 1 156 ? 11.538  -11.873 4.504   1.000 22.117 0 160 LYS A CA  1 ? 
ATOM   1292 C C   . LYS A 1 156 ? 10.310  -11.675 3.625   1.000 21.600 0 160 LYS A C   1 ? 
ATOM   1293 O O   . LYS A 1 156 ? 10.073  -12.467 2.705   1.000 23.706 0 160 LYS A O   1 ? 
ATOM   1294 C CB  . LYS A 1 156 ? 11.194  -12.807 5.667   1.000 25.621 0 160 LYS A CB  1 ? 
ATOM   1295 C CG  . LYS A 1 156 ? 12.404  -13.267 6.470   1.000 28.256 0 160 LYS A CG  1 ? 
ATOM   1296 C CD  . LYS A 1 156 ? 11.982  -14.227 7.593   1.000 32.446 0 160 LYS A CD  1 ? 
ATOM   1297 C CE  . LYS A 1 156 ? 13.159  -14.874 8.280   1.000 41.753 0 160 LYS A CE  1 ? 
ATOM   1298 N NZ  . LYS A 1 156 ? 12.685  -15.544 9.512   1.000 51.479 0 160 LYS A NZ  1 ? 
ATOM   1299 N N   . LEU A 1 157 ? 9.508   -10.658 3.905   1.000 21.047 0 161 LEU A N   1 ? 
ATOM   1300 C CA  . LEU A 1 157 ? 8.431   -10.304 2.995   1.000 22.582 0 161 LEU A CA  1 ? 
ATOM   1301 C C   . LEU A 1 157 ? 8.999   -9.903  1.638   1.000 22.182 0 161 LEU A C   1 ? 
ATOM   1302 O O   . LEU A 1 157 ? 8.520   -10.340 0.617   1.000 21.974 0 161 LEU A O   1 ? 
ATOM   1303 C CB  . LEU A 1 157 ? 7.587   -9.180  3.588   1.000 23.111 0 161 LEU A CB  1 ? 
ATOM   1304 C CG  . LEU A 1 157 ? 6.446   -8.659  2.720   1.000 23.295 0 161 LEU A CG  1 ? 
ATOM   1305 C CD1 . LEU A 1 157 ? 5.266   -9.619  2.710   1.000 26.253 0 161 LEU A CD1 1 ? 
ATOM   1306 C CD2 . LEU A 1 157 ? 6.000   -7.305  3.212   1.000 26.489 0 161 LEU A CD2 1 ? 
ATOM   1307 N N   . ILE A 1 158 ? 10.004  -9.026  1.656   1.000 21.244 0 162 ILE A N   1 ? 
ATOM   1308 C CA  . ILE A 1 158 ? 10.596  -8.557  0.411   1.000 22.119 0 162 ILE A CA  1 ? 
ATOM   1309 C C   . ILE A 1 158 ? 11.114  -9.708  -0.430  1.000 24.425 0 162 ILE A C   1 ? 
ATOM   1310 O O   . ILE A 1 158 ? 10.910  -9.679  -1.658  1.000 25.116 0 162 ILE A O   1 ? 
ATOM   1311 C CB  . ILE A 1 158 ? 11.669  -7.492  0.721   1.000 21.058 0 162 ILE A CB  1 ? 
ATOM   1312 C CG1 . ILE A 1 158 ? 11.022  -6.202  1.199   1.000 22.998 0 162 ILE A CG1 1 ? 
ATOM   1313 C CG2 . ILE A 1 158 ? 12.546  -7.298  -0.521  1.000 24.379 0 162 ILE A CG2 1 ? 
ATOM   1314 C CD1 . ILE A 1 158 ? 11.991  -5.171  1.795   1.000 24.053 0 162 ILE A CD1 1 ? 
ATOM   1315 N N   . THR A 1 159 ? 11.822  -10.694 0.150   1.000 22.876 0 163 THR A N   1 ? 
ATOM   1316 C CA  . THR A 1 159 ? 12.421  -11.755 -0.631  1.000 24.539 0 163 THR A CA  1 ? 
ATOM   1317 C C   . THR A 1 159 ? 11.475  -12.898 -0.971  1.000 25.357 0 163 THR A C   1 ? 
ATOM   1318 O O   . THR A 1 159 ? 11.867  -13.780 -1.715  1.000 25.840 0 163 THR A O   1 ? 
ATOM   1319 C CB  . THR A 1 159 ? 13.586  -12.392 0.147   1.000 28.349 0 163 THR A CB  1 ? 
ATOM   1320 O OG1 . THR A 1 159 ? 13.114  -13.052 1.327   1.000 28.048 0 163 THR A OG1 1 ? 
ATOM   1321 C CG2 . THR A 1 159 ? 14.633  -11.354 0.460   1.000 28.367 0 163 THR A CG2 1 ? 
ATOM   1322 N N   . LYS A 1 160 ? 10.283  -12.895 -0.386  1.000 24.411 0 164 LYS A N   1 ? 
ATOM   1323 C CA  . LYS A 1 160 ? 9.273   -13.940 -0.527  1.000 24.526 0 164 LYS A CA  1 ? 
ATOM   1324 C C   . LYS A 1 160 ? 9.645   -15.175 0.284   1.000 28.350 0 164 LYS A C   1 ? 
ATOM   1325 O O   . LYS A 1 160 ? 9.020   -16.214 0.079   1.000 32.292 0 164 LYS A O   1 ? 
ATOM   1326 C CB  . LYS A 1 160 ? 9.010   -14.285 -1.995  1.000 25.163 0 164 LYS A CB  1 ? 
ATOM   1327 C CG  . LYS A 1 160 ? 8.525   -13.106 -2.841  1.000 24.113 0 164 LYS A CG  1 ? 
ATOM   1328 C CD  . LYS A 1 160 ? 7.902   -13.495 -4.158  1.000 25.984 0 164 LYS A CD  1 ? 
ATOM   1329 C CE  . LYS A 1 160 ? 7.552   -12.322 -5.050  1.000 27.533 0 164 LYS A CE  1 ? 
ATOM   1330 N NZ  . LYS A 1 160 ? 6.923   -12.754 -6.307  1.000 28.149 0 164 LYS A NZ  1 ? 
ATOM   1331 N N   . GLU A 1 161 ? 10.557  -15.063 1.255   1.000 26.577 0 165 GLU A N   1 ? 
ATOM   1332 C CA  . GLU A 1 161 ? 10.781  -16.153 2.211   1.000 30.570 0 165 GLU A CA  1 ? 
ATOM   1333 C C   . GLU A 1 161 ? 9.597   -16.294 3.172   1.000 32.230 0 165 GLU A C   1 ? 
ATOM   1334 O O   . GLU A 1 161 ? 9.207   -17.408 3.490   1.000 34.160 0 165 GLU A O   1 ? 
ATOM   1335 C CB  . GLU A 1 161 ? 12.067  -15.924 2.985   1.000 35.375 0 165 GLU A CB  1 ? 
ATOM   1336 C CG  . GLU A 1 161 ? 12.379  -17.085 3.909   1.000 41.064 0 165 GLU A CG  1 ? 
ATOM   1337 C CD  . GLU A 1 161 ? 13.546  -16.901 4.858   1.000 49.894 0 165 GLU A CD  1 ? 
ATOM   1338 O OE1 . GLU A 1 161 ? 14.292  -15.911 4.696   1.000 45.808 0 165 GLU A OE1 1 ? 
ATOM   1339 O OE2 . GLU A 1 161 ? 13.684  -17.744 5.788   1.000 51.298 0 165 GLU A OE2 1 ? 
ATOM   1340 N N   . ALA A 1 162 ? 8.940   -15.186 3.545   1.000 30.530 0 166 ALA A N   1 ? 
ATOM   1341 C CA  . ALA A 1 162 ? 7.794   -15.167 4.457   0.580 25.114 0 166 ALA A CA  1 ? 
ATOM   1342 C C   . ALA A 1 162 ? 6.895   -13.964 4.118   1.000 32.190 0 166 ALA A C   1 ? 
ATOM   1343 O O   . ALA A 1 162 ? 6.464   -13.965 2.930   1.000 34.222 0 166 ALA A O   1 ? 
ATOM   1344 C CB  . ALA A 1 162 ? 8.247   -15.130 5.881   0.580 24.831 0 166 ALA A CB  1 ? 
ATOM   1345 O OXT . ALA A 1 162 ? 6.697   -13.080 4.973   0.500 21.032 0 166 ALA A OXT 1 ? 
HETATM 1346 C C1  . EDO B 2 .   ? 16.513  -7.967  1.434   1.000 32.017 0 301 EDO A C1  1 ? 
HETATM 1347 O O1  . EDO B 2 .   ? 17.759  -7.521  0.879   1.000 29.022 0 301 EDO A O1  1 ? 
HETATM 1348 C C2  . EDO B 2 .   ? 16.820  -9.203  2.194   1.000 32.345 0 301 EDO A C2  1 ? 
HETATM 1349 O O2  . EDO B 2 .   ? 17.741  -8.987  3.257   1.000 36.011 0 301 EDO A O2  1 ? 
HETATM 1350 C C1  . EDO C 2 .   ? -0.462  -6.267  -10.776 1.000 37.959 0 302 EDO A C1  1 ? 
HETATM 1351 O O1  . EDO C 2 .   ? -1.313  -5.416  -9.985  1.000 30.127 0 302 EDO A O1  1 ? 
HETATM 1352 C C2  . EDO C 2 .   ? 0.640   -5.552  -11.468 1.000 39.530 0 302 EDO A C2  1 ? 
HETATM 1353 O O2  . EDO C 2 .   ? 0.269   -4.440  -12.348 1.000 35.368 0 302 EDO A O2  1 ? 
HETATM 1354 C C1  . EDO D 2 .   ? -3.070  0.267   12.015  1.000 36.201 0 303 EDO A C1  1 ? 
HETATM 1355 O O1  . EDO D 2 .   ? -2.278  1.197   12.680  1.000 43.632 0 303 EDO A O1  1 ? 
HETATM 1356 C C2  . EDO D 2 .   ? -2.186  -0.945  11.895  1.000 34.892 0 303 EDO A C2  1 ? 
HETATM 1357 O O2  . EDO D 2 .   ? -2.303  -1.774  13.022  1.000 39.322 0 303 EDO A O2  1 ? 
HETATM 1358 C C1  . EDO E 2 .   ? -14.051 -1.064  9.551   1.000 55.076 0 304 EDO A C1  1 ? 
HETATM 1359 O O1  . EDO E 2 .   ? -13.713 -2.098  10.487  1.000 47.106 0 304 EDO A O1  1 ? 
HETATM 1360 C C2  . EDO E 2 .   ? -15.061 -1.417  8.486   1.000 51.811 0 304 EDO A C2  1 ? 
HETATM 1361 O O2  . EDO E 2 .   ? -14.635 -2.249  7.381   1.000 33.886 0 304 EDO A O2  1 ? 
HETATM 1362 C C1  . EDO F 2 .   ? 17.196  -11.830 -6.781  1.000 51.112 0 305 EDO A C1  1 ? 
HETATM 1363 O O1  . EDO F 2 .   ? 17.122  -10.630 -7.584  1.000 36.516 0 305 EDO A O1  1 ? 
HETATM 1364 C C2  . EDO F 2 .   ? 15.894  -12.449 -6.653  1.000 49.515 0 305 EDO A C2  1 ? 
HETATM 1365 O O2  . EDO F 2 .   ? 15.132  -11.978 -7.747  1.000 56.912 0 305 EDO A O2  1 ? 
HETATM 1366 C C1  . PEG G 3 .   ? 12.863  0.035   -12.496 1.000 67.084 0 306 PEG A C1  1 ? 
HETATM 1367 O O1  . PEG G 3 .   ? 13.380  0.659   -11.334 1.000 46.282 0 306 PEG A O1  1 ? 
HETATM 1368 C C2  . PEG G 3 .   ? 13.910  -0.136  -13.565 1.000 80.768 0 306 PEG A C2  1 ? 
HETATM 1369 O O2  . PEG G 3 .   ? 14.137  -1.513  -13.879 1.000 80.496 0 306 PEG A O2  1 ? 
HETATM 1370 C C3  . PEG G 3 .   ? 15.508  -1.916  -13.793 1.000 68.841 0 306 PEG A C3  1 ? 
HETATM 1371 C C4  . PEG G 3 .   ? 15.981  -2.487  -15.099 1.000 76.936 0 306 PEG A C4  1 ? 
HETATM 1372 O O4  . PEG G 3 .   ? 16.678  -3.697  -14.936 1.000 70.538 0 306 PEG A O4  1 ? 
HETATM 1373 O O   . HOH H 4 .   ? 8.841   -9.647  -3.135  1.000 38.194 0 401 HOH A O   1 ? 
HETATM 1374 O O   . HOH H 4 .   ? 11.763  8.216   -13.843 1.000 59.837 0 402 HOH A O   1 ? 
HETATM 1375 O O   . HOH H 4 .   ? -24.747 -4.570  -4.263  1.000 40.875 0 403 HOH A O   1 ? 
HETATM 1376 O O   . HOH H 4 .   ? 20.569  5.152   -4.191  1.000 42.520 0 404 HOH A O   1 ? 
HETATM 1377 O O   . HOH H 4 .   ? 13.440  0.639   -8.642  1.000 49.497 0 405 HOH A O   1 ? 
HETATM 1378 O O   . HOH H 4 .   ? -0.669  11.013  8.123   1.000 50.942 0 406 HOH A O   1 ? 
HETATM 1379 O O   . HOH H 4 .   ? 21.709  4.443   -10.198 1.000 43.789 0 407 HOH A O   1 ? 
HETATM 1380 O O   . HOH H 4 .   ? 11.472  12.050  -1.159  1.000 43.242 0 408 HOH A O   1 ? 
HETATM 1381 O O   . HOH H 4 .   ? 6.305   -15.856 1.238   1.000 32.952 0 409 HOH A O   1 ? 
HETATM 1382 O O   . HOH H 4 .   ? -18.405 -0.805  -6.541  1.000 30.203 0 410 HOH A O   1 ? 
HETATM 1383 O O   . HOH H 4 .   ? 8.753   -12.470 13.063  1.000 45.871 0 411 HOH A O   1 ? 
HETATM 1384 O O   . HOH H 4 .   ? -0.594  -16.893 2.948   1.000 46.479 0 412 HOH A O   1 ? 
HETATM 1385 O O   . HOH H 4 .   ? -3.822  11.339  -10.544 1.000 39.697 0 413 HOH A O   1 ? 
HETATM 1386 O O   . HOH H 4 .   ? 14.958  9.079   0.729   1.000 34.981 0 414 HOH A O   1 ? 
HETATM 1387 O O   . HOH H 4 .   ? 10.872  -8.418  12.343  1.000 27.155 0 415 HOH A O   1 ? 
HETATM 1388 O O   . HOH H 4 .   ? 7.694   -11.892 7.109   1.000 25.278 0 416 HOH A O   1 ? 
HETATM 1389 O O   . HOH H 4 .   ? 14.913  -13.768 3.135   1.000 37.950 0 417 HOH A O   1 ? 
HETATM 1390 O O   . HOH H 4 .   ? -5.165  -1.322  -11.540 1.000 34.659 0 418 HOH A O   1 ? 
HETATM 1391 O O   . HOH H 4 .   ? 18.742  -9.073  -1.035  1.000 23.760 0 419 HOH A O   1 ? 
HETATM 1392 O O   . HOH H 4 .   ? -4.021  -11.878 13.236  1.000 43.757 0 420 HOH A O   1 ? 
HETATM 1393 O O   . HOH H 4 .   ? 17.227  -6.698  9.232   1.000 26.718 0 421 HOH A O   1 ? 
HETATM 1394 O O   . HOH H 4 .   ? -0.615  -2.939  -8.834  1.000 25.699 0 422 HOH A O   1 ? 
HETATM 1395 O O   . HOH H 4 .   ? 3.839   -13.560 3.157   1.000 36.504 0 423 HOH A O   1 ? 
HETATM 1396 O O   . HOH H 4 .   ? -9.561  -3.099  12.521  1.000 50.685 0 424 HOH A O   1 ? 
HETATM 1397 O O   . HOH H 4 .   ? 6.091   -3.298  15.696  1.000 39.595 0 425 HOH A O   1 ? 
HETATM 1398 O O   . HOH H 4 .   ? -0.467  -3.166  14.366  1.000 30.775 0 426 HOH A O   1 ? 
HETATM 1399 O O   . HOH H 4 .   ? 12.297  11.436  -8.466  1.000 48.565 0 427 HOH A O   1 ? 
HETATM 1400 O O   . HOH H 4 .   ? -10.382 12.902  4.293   1.000 25.396 0 428 HOH A O   1 ? 
HETATM 1401 O O   . HOH H 4 .   ? 10.334  -3.122  9.931   1.000 26.154 0 429 HOH A O   1 ? 
HETATM 1402 O O   . HOH H 4 .   ? 3.168   6.158   14.424  1.000 45.545 0 430 HOH A O   1 ? 
HETATM 1403 O O   . HOH H 4 .   ? 5.353   -5.694  -7.326  1.000 20.159 0 431 HOH A O   1 ? 
HETATM 1404 O O   . HOH H 4 .   ? -17.051 1.334   9.596   1.000 28.543 0 432 HOH A O   1 ? 
HETATM 1405 O O   . HOH H 4 .   ? -4.087  -12.813 7.064   1.000 41.951 0 433 HOH A O   1 ? 
HETATM 1406 O O   . HOH H 4 .   ? -7.988  13.830  3.337   1.000 30.273 0 434 HOH A O   1 ? 
HETATM 1407 O O   . HOH H 4 .   ? -7.977  -1.437  -11.525 1.000 36.716 0 435 HOH A O   1 ? 
HETATM 1408 O O   . HOH H 4 .   ? 14.000  4.228   -2.332  1.000 26.745 0 436 HOH A O   1 ? 
HETATM 1409 O O   . HOH H 4 .   ? 2.785   -8.993  16.182  1.000 36.384 0 437 HOH A O   1 ? 
HETATM 1410 O O   . HOH H 4 .   ? -2.388  -0.540  -13.803 1.000 38.165 0 438 HOH A O   1 ? 
HETATM 1411 O O   . HOH H 4 .   ? 4.931   9.582   -15.221 1.000 45.048 0 439 HOH A O   1 ? 
HETATM 1412 O O   . HOH H 4 .   ? 11.703  11.674  2.138   1.000 40.172 0 440 HOH A O   1 ? 
HETATM 1413 O O   . HOH H 4 .   ? 2.959   -4.417  -7.837  1.000 28.884 0 441 HOH A O   1 ? 
HETATM 1414 O O   . HOH H 4 .   ? -13.332 9.259   -1.418  1.000 34.847 0 442 HOH A O   1 ? 
HETATM 1415 O O   . HOH H 4 .   ? -1.496  -2.329  -11.871 1.000 27.661 0 443 HOH A O   1 ? 
HETATM 1416 O O   . HOH H 4 .   ? -1.977  18.495  -5.748  1.000 53.594 0 444 HOH A O   1 ? 
HETATM 1417 O O   . HOH H 4 .   ? -10.136 -10.004 -3.468  1.000 21.938 0 445 HOH A O   1 ? 
HETATM 1418 O O   . HOH H 4 .   ? 1.040   -7.204  -3.642  1.000 26.145 0 446 HOH A O   1 ? 
HETATM 1419 O O   . HOH H 4 .   ? -11.170 1.030   -6.207  1.000 25.707 0 447 HOH A O   1 ? 
HETATM 1420 O O   . HOH H 4 .   ? -6.537  1.488   -13.095 1.000 39.681 0 448 HOH A O   1 ? 
HETATM 1421 O O   . HOH H 4 .   ? 14.678  2.649   -4.502  1.000 41.344 0 449 HOH A O   1 ? 
HETATM 1422 O O   . HOH H 4 .   ? -12.835 -1.658  15.939  1.000 54.021 0 450 HOH A O   1 ? 
HETATM 1423 O O   . HOH H 4 .   ? 2.346   11.405  -7.680  1.000 37.642 0 451 HOH A O   1 ? 
HETATM 1424 O O   . HOH H 4 .   ? 11.076  -0.519  9.150   1.000 24.971 0 452 HOH A O   1 ? 
HETATM 1425 O O   . HOH H 4 .   ? -11.464 -13.491 2.962   1.000 39.257 0 453 HOH A O   1 ? 
HETATM 1426 O O   . HOH H 4 .   ? 6.851   14.449  -9.094  1.000 55.494 0 454 HOH A O   1 ? 
HETATM 1427 O O   . HOH H 4 .   ? 20.273  -5.570  -12.635 1.000 29.192 0 455 HOH A O   1 ? 
HETATM 1428 O O   . HOH H 4 .   ? 9.106   -10.650 -10.166 1.000 32.835 0 456 HOH A O   1 ? 
HETATM 1429 O O   . HOH H 4 .   ? 10.093  11.731  4.729   1.000 33.760 0 457 HOH A O   1 ? 
HETATM 1430 O O   . HOH H 4 .   ? 17.187  2.830   7.409   1.000 41.385 0 458 HOH A O   1 ? 
HETATM 1431 O O   . HOH H 4 .   ? -8.331  -4.526  -13.829 1.000 28.651 0 459 HOH A O   1 ? 
HETATM 1432 O O   . HOH H 4 .   ? -4.101  6.657   -11.751 1.000 33.096 0 460 HOH A O   1 ? 
HETATM 1433 O O   . HOH H 4 .   ? 3.983   -12.581 -3.814  1.000 21.970 0 461 HOH A O   1 ? 
HETATM 1434 O O   . HOH H 4 .   ? 10.286  -6.538  10.308  1.000 22.713 0 462 HOH A O   1 ? 
HETATM 1435 O O   . HOH H 4 .   ? -17.220 1.999   2.291   1.000 48.966 0 463 HOH A O   1 ? 
HETATM 1436 O O   . HOH H 4 .   ? 6.380   -0.542  -18.255 1.000 39.711 0 464 HOH A O   1 ? 
HETATM 1437 O O   . HOH H 4 .   ? 1.317   12.473  -5.487  1.000 37.842 0 465 HOH A O   1 ? 
HETATM 1438 O O   . HOH H 4 .   ? 5.196   14.417  -1.064  1.000 31.476 0 466 HOH A O   1 ? 
HETATM 1439 O O   . HOH H 4 .   ? -12.476 16.601  -1.158  1.000 38.779 0 467 HOH A O   1 ? 
HETATM 1440 O O   . HOH H 4 .   ? 0.670   1.204   13.067  1.000 37.477 0 468 HOH A O   1 ? 
HETATM 1441 O O   . HOH H 4 .   ? -6.271  -7.667  13.663  1.000 35.237 0 469 HOH A O   1 ? 
HETATM 1442 O O   . HOH H 4 .   ? -11.597 -5.249  -14.554 1.000 33.327 0 470 HOH A O   1 ? 
HETATM 1443 O O   . HOH H 4 .   ? 7.055   12.617  5.347   1.000 34.662 0 471 HOH A O   1 ? 
HETATM 1444 O O   . HOH H 4 .   ? -22.780 -6.692  2.441   1.000 42.544 0 472 HOH A O   1 ? 
HETATM 1445 O O   . HOH H 4 .   ? -4.488  21.352  -2.087  1.000 44.756 0 473 HOH A O   1 ? 
HETATM 1446 O O   . HOH H 4 .   ? -1.621  -13.695 10.842  1.000 45.900 0 474 HOH A O   1 ? 
HETATM 1447 O O   . HOH H 4 .   ? -9.705  1.186   -9.488  1.000 38.149 0 475 HOH A O   1 ? 
HETATM 1448 O O   . HOH H 4 .   ? 2.500   -6.147  -5.426  1.000 32.100 0 476 HOH A O   1 ? 
HETATM 1449 O O   . HOH H 4 .   ? -0.661  14.372  -6.367  1.000 43.149 0 477 HOH A O   1 ? 
HETATM 1450 O O   . HOH H 4 .   ? 4.195   -10.496 -5.946  1.000 14.825 0 478 HOH A O   1 ? 
HETATM 1451 O O   . HOH H 4 .   ? 2.105   -7.255  -8.571  1.000 16.263 0 479 HOH A O   1 ? 
HETATM 1452 O O   . HOH H 4 .   ? 13.403  -4.767  16.878  1.000 39.739 0 480 HOH A O   1 ? 
HETATM 1453 O O   . HOH H 4 .   ? 4.421   13.472  3.819   1.000 49.441 0 481 HOH A O   1 ? 
HETATM 1454 O O   . HOH H 4 .   ? 8.331   -13.622 9.248   1.000 38.373 0 482 HOH A O   1 ? 
HETATM 1455 O O   . HOH H 4 .   ? -25.195 -2.531  -6.378  1.000 47.810 0 483 HOH A O   1 ? 
HETATM 1456 O O   . HOH H 4 .   ? 1.838   -12.070 12.808  1.000 51.278 0 484 HOH A O   1 ? 
HETATM 1457 O O   . HOH H 4 .   ? 10.577  -13.093 10.777  1.000 41.659 0 485 HOH A O   1 ? 
HETATM 1458 O O   . HOH H 4 .   ? -6.629  -2.284  16.627  1.000 60.973 0 486 HOH A O   1 ? 
HETATM 1459 O O   . HOH H 4 .   ? 9.629   -9.909  14.044  1.000 42.651 0 487 HOH A O   1 ? 
HETATM 1460 O O   . HOH H 4 .   ? -4.042  5.668   -14.335 1.000 43.597 0 488 HOH A O   1 ? 
HETATM 1461 O O   . HOH H 4 .   ? -24.316 6.491   12.021  1.000 39.375 0 489 HOH A O   1 ? 
# 
